data_6HO0
# 
_entry.id   6HO0 
# 
_audit_conform.dict_name       mmcif_pdbx.dic 
_audit_conform.dict_version    5.383 
_audit_conform.dict_location   http://mmcif.pdb.org/dictionaries/ascii/mmcif_pdbx.dic 
# 
loop_
_database_2.database_id 
_database_2.database_code 
_database_2.pdbx_database_accession 
_database_2.pdbx_DOI 
PDB   6HO0         pdb_00006ho0 10.2210/pdb6ho0/pdb 
WWPDB D_1200011920 ?            ?                   
# 
loop_
_pdbx_audit_revision_history.ordinal 
_pdbx_audit_revision_history.data_content_type 
_pdbx_audit_revision_history.major_revision 
_pdbx_audit_revision_history.minor_revision 
_pdbx_audit_revision_history.revision_date 
1 'Structure model' 1 0 2018-12-26 
2 'Structure model' 1 1 2019-01-23 
3 'Structure model' 1 2 2024-01-24 
# 
_pdbx_audit_revision_details.ordinal             1 
_pdbx_audit_revision_details.revision_ordinal    1 
_pdbx_audit_revision_details.data_content_type   'Structure model' 
_pdbx_audit_revision_details.provider            repository 
_pdbx_audit_revision_details.type                'Initial release' 
_pdbx_audit_revision_details.description         ? 
_pdbx_audit_revision_details.details             ? 
# 
loop_
_pdbx_audit_revision_group.ordinal 
_pdbx_audit_revision_group.revision_ordinal 
_pdbx_audit_revision_group.data_content_type 
_pdbx_audit_revision_group.group 
1 2 'Structure model' 'Data collection'        
2 2 'Structure model' 'Database references'    
3 3 'Structure model' 'Data collection'        
4 3 'Structure model' 'Database references'    
5 3 'Structure model' 'Refinement description' 
# 
loop_
_pdbx_audit_revision_category.ordinal 
_pdbx_audit_revision_category.revision_ordinal 
_pdbx_audit_revision_category.data_content_type 
_pdbx_audit_revision_category.category 
1 2 'Structure model' citation                      
2 3 'Structure model' chem_comp_atom                
3 3 'Structure model' chem_comp_bond                
4 3 'Structure model' database_2                    
5 3 'Structure model' pdbx_initial_refinement_model 
# 
loop_
_pdbx_audit_revision_item.ordinal 
_pdbx_audit_revision_item.revision_ordinal 
_pdbx_audit_revision_item.data_content_type 
_pdbx_audit_revision_item.item 
1 2 'Structure model' '_citation.journal_volume'            
2 2 'Structure model' '_citation.page_first'                
3 2 'Structure model' '_citation.page_last'                 
4 3 'Structure model' '_database_2.pdbx_DOI'                
5 3 'Structure model' '_database_2.pdbx_database_accession' 
# 
_pdbx_database_status.status_code                     REL 
_pdbx_database_status.status_code_sf                  REL 
_pdbx_database_status.status_code_mr                  ? 
_pdbx_database_status.entry_id                        6HO0 
_pdbx_database_status.recvd_initial_deposition_date   2018-09-17 
_pdbx_database_status.SG_entry                        N 
_pdbx_database_status.deposit_site                    PDBE 
_pdbx_database_status.process_site                    PDBE 
_pdbx_database_status.status_code_cs                  ? 
_pdbx_database_status.methods_development_category    ? 
_pdbx_database_status.pdb_format_compatible           Y 
_pdbx_database_status.status_code_nmr_data            ? 
# 
loop_
_audit_author.name 
_audit_author.pdbx_ordinal 
_audit_author.identifier_ORCID 
'Wintjens, R.'  1 0000-0002-0234-7847 
'Wohlkonig, A.' 2 0000-0003-3103-5022 
# 
_citation.abstract                  ? 
_citation.abstract_id_CAS           ? 
_citation.book_id_ISBN              ? 
_citation.book_publisher            ? 
_citation.book_publisher_city       ? 
_citation.book_title                ? 
_citation.coordinate_linkage        ? 
_citation.country                   ? 
_citation.database_id_Medline       ? 
_citation.details                   ? 
_citation.id                        primary 
_citation.journal_abbrev            'Biochim Biophys Acta Proteins Proteom' 
_citation.journal_id_ASTM           ? 
_citation.journal_id_CSD            ? 
_citation.journal_id_ISSN           1878-1454 
_citation.journal_full              ? 
_citation.journal_issue             ? 
_citation.journal_volume            1867 
_citation.language                  ? 
_citation.page_first                248 
_citation.page_last                 258 
_citation.title                     
'A comprehensive analysis of the protein-ligand interactions in crystal structures of Mycobacterium tuberculosis EthR.' 
_citation.year                      2018 
_citation.database_id_CSD           ? 
_citation.pdbx_database_id_DOI      10.1016/j.bbapap.2018.12.003 
_citation.pdbx_database_id_PubMed   30553830 
_citation.unpublished_flag          ? 
# 
loop_
_citation_author.citation_id 
_citation_author.name 
_citation_author.ordinal 
_citation_author.identifier_ORCID 
primary 'Tanina, A.'     1  ? 
primary 'Wohlkonig, A.'  2  ? 
primary 'Soror, S.H.'    3  ? 
primary 'Flipo, M.'      4  ? 
primary 'Villemagne, B.' 5  ? 
primary 'Prevet, H.'     6  ? 
primary 'Deprez, B.'     7  ? 
primary 'Moune, M.'      8  ? 
primary 'Peree, H.'      9  ? 
primary 'Meyer, F.'      10 ? 
primary 'Baulard, A.R.'  11 ? 
primary 'Willand, N.'    12 ? 
primary 'Wintjens, R.'   13 ? 
# 
loop_
_entity.id 
_entity.type 
_entity.src_method 
_entity.pdbx_description 
_entity.formula_weight 
_entity.pdbx_number_of_molecules 
_entity.pdbx_ec 
_entity.pdbx_mutation 
_entity.pdbx_fragment 
_entity.details 
1 polymer     man 'HTH-type transcriptional regulator EthR' 24927.980 1  ? ? ? ? 
2 non-polymer syn 
'4,4,4-tris(fluoranyl)-1-[4-[3-(6-methoxy-1,3-benzothiazol-2-yl)-1,2,4-oxadiazol-5-yl]piperidin-1-yl]butan-1-one' 440.439   1  ? ? 
? ? 
3 water       nat water 18.015    42 ? ? ? ? 
# 
_entity_poly.entity_id                      1 
_entity_poly.type                           'polypeptide(L)' 
_entity_poly.nstd_linkage                   no 
_entity_poly.nstd_monomer                   no 
_entity_poly.pdbx_seq_one_letter_code       
;MTTSAASQASLPMTTSAASQASLPRGRRTARPSGDDRELAILATAENLLEDRPLADISVDDLAKGAGISRPTFYFYFPSK
EAVLLTLLDRVVNQADMALQTLAENPADTDRENMWRTGINVFFETFGSHKAVTRAGQAARATSVEVAELWSTFMQKWIAY
TAAVIDAERDRGAAPRTLPAHELATALNLMNERTLFASFAGEQPSVPEARVLDTLVHIWVTSIYGENR
;
_entity_poly.pdbx_seq_one_letter_code_can   
;MTTSAASQASLPMTTSAASQASLPRGRRTARPSGDDRELAILATAENLLEDRPLADISVDDLAKGAGISRPTFYFYFPSK
EAVLLTLLDRVVNQADMALQTLAENPADTDRENMWRTGINVFFETFGSHKAVTRAGQAARATSVEVAELWSTFMQKWIAY
TAAVIDAERDRGAAPRTLPAHELATALNLMNERTLFASFAGEQPSVPEARVLDTLVHIWVTSIYGENR
;
_entity_poly.pdbx_strand_id                 A 
_entity_poly.pdbx_target_identifier         ? 
# 
loop_
_pdbx_entity_nonpoly.entity_id 
_pdbx_entity_nonpoly.name 
_pdbx_entity_nonpoly.comp_id 
2 '4,4,4-tris(fluoranyl)-1-[4-[3-(6-methoxy-1,3-benzothiazol-2-yl)-1,2,4-oxadiazol-5-yl]piperidin-1-yl]butan-1-one' GFK 
3 water                                                                                                             HOH 
# 
loop_
_entity_poly_seq.entity_id 
_entity_poly_seq.num 
_entity_poly_seq.mon_id 
_entity_poly_seq.hetero 
1 1   MET n 
1 2   THR n 
1 3   THR n 
1 4   SER n 
1 5   ALA n 
1 6   ALA n 
1 7   SER n 
1 8   GLN n 
1 9   ALA n 
1 10  SER n 
1 11  LEU n 
1 12  PRO n 
1 13  MET n 
1 14  THR n 
1 15  THR n 
1 16  SER n 
1 17  ALA n 
1 18  ALA n 
1 19  SER n 
1 20  GLN n 
1 21  ALA n 
1 22  SER n 
1 23  LEU n 
1 24  PRO n 
1 25  ARG n 
1 26  GLY n 
1 27  ARG n 
1 28  ARG n 
1 29  THR n 
1 30  ALA n 
1 31  ARG n 
1 32  PRO n 
1 33  SER n 
1 34  GLY n 
1 35  ASP n 
1 36  ASP n 
1 37  ARG n 
1 38  GLU n 
1 39  LEU n 
1 40  ALA n 
1 41  ILE n 
1 42  LEU n 
1 43  ALA n 
1 44  THR n 
1 45  ALA n 
1 46  GLU n 
1 47  ASN n 
1 48  LEU n 
1 49  LEU n 
1 50  GLU n 
1 51  ASP n 
1 52  ARG n 
1 53  PRO n 
1 54  LEU n 
1 55  ALA n 
1 56  ASP n 
1 57  ILE n 
1 58  SER n 
1 59  VAL n 
1 60  ASP n 
1 61  ASP n 
1 62  LEU n 
1 63  ALA n 
1 64  LYS n 
1 65  GLY n 
1 66  ALA n 
1 67  GLY n 
1 68  ILE n 
1 69  SER n 
1 70  ARG n 
1 71  PRO n 
1 72  THR n 
1 73  PHE n 
1 74  TYR n 
1 75  PHE n 
1 76  TYR n 
1 77  PHE n 
1 78  PRO n 
1 79  SER n 
1 80  LYS n 
1 81  GLU n 
1 82  ALA n 
1 83  VAL n 
1 84  LEU n 
1 85  LEU n 
1 86  THR n 
1 87  LEU n 
1 88  LEU n 
1 89  ASP n 
1 90  ARG n 
1 91  VAL n 
1 92  VAL n 
1 93  ASN n 
1 94  GLN n 
1 95  ALA n 
1 96  ASP n 
1 97  MET n 
1 98  ALA n 
1 99  LEU n 
1 100 GLN n 
1 101 THR n 
1 102 LEU n 
1 103 ALA n 
1 104 GLU n 
1 105 ASN n 
1 106 PRO n 
1 107 ALA n 
1 108 ASP n 
1 109 THR n 
1 110 ASP n 
1 111 ARG n 
1 112 GLU n 
1 113 ASN n 
1 114 MET n 
1 115 TRP n 
1 116 ARG n 
1 117 THR n 
1 118 GLY n 
1 119 ILE n 
1 120 ASN n 
1 121 VAL n 
1 122 PHE n 
1 123 PHE n 
1 124 GLU n 
1 125 THR n 
1 126 PHE n 
1 127 GLY n 
1 128 SER n 
1 129 HIS n 
1 130 LYS n 
1 131 ALA n 
1 132 VAL n 
1 133 THR n 
1 134 ARG n 
1 135 ALA n 
1 136 GLY n 
1 137 GLN n 
1 138 ALA n 
1 139 ALA n 
1 140 ARG n 
1 141 ALA n 
1 142 THR n 
1 143 SER n 
1 144 VAL n 
1 145 GLU n 
1 146 VAL n 
1 147 ALA n 
1 148 GLU n 
1 149 LEU n 
1 150 TRP n 
1 151 SER n 
1 152 THR n 
1 153 PHE n 
1 154 MET n 
1 155 GLN n 
1 156 LYS n 
1 157 TRP n 
1 158 ILE n 
1 159 ALA n 
1 160 TYR n 
1 161 THR n 
1 162 ALA n 
1 163 ALA n 
1 164 VAL n 
1 165 ILE n 
1 166 ASP n 
1 167 ALA n 
1 168 GLU n 
1 169 ARG n 
1 170 ASP n 
1 171 ARG n 
1 172 GLY n 
1 173 ALA n 
1 174 ALA n 
1 175 PRO n 
1 176 ARG n 
1 177 THR n 
1 178 LEU n 
1 179 PRO n 
1 180 ALA n 
1 181 HIS n 
1 182 GLU n 
1 183 LEU n 
1 184 ALA n 
1 185 THR n 
1 186 ALA n 
1 187 LEU n 
1 188 ASN n 
1 189 LEU n 
1 190 MET n 
1 191 ASN n 
1 192 GLU n 
1 193 ARG n 
1 194 THR n 
1 195 LEU n 
1 196 PHE n 
1 197 ALA n 
1 198 SER n 
1 199 PHE n 
1 200 ALA n 
1 201 GLY n 
1 202 GLU n 
1 203 GLN n 
1 204 PRO n 
1 205 SER n 
1 206 VAL n 
1 207 PRO n 
1 208 GLU n 
1 209 ALA n 
1 210 ARG n 
1 211 VAL n 
1 212 LEU n 
1 213 ASP n 
1 214 THR n 
1 215 LEU n 
1 216 VAL n 
1 217 HIS n 
1 218 ILE n 
1 219 TRP n 
1 220 VAL n 
1 221 THR n 
1 222 SER n 
1 223 ILE n 
1 224 TYR n 
1 225 GLY n 
1 226 GLU n 
1 227 ASN n 
1 228 ARG n 
# 
_entity_src_gen.entity_id                          1 
_entity_src_gen.pdbx_src_id                        1 
_entity_src_gen.pdbx_alt_source_flag               sample 
_entity_src_gen.pdbx_seq_type                      'Biological sequence' 
_entity_src_gen.pdbx_beg_seq_num                   1 
_entity_src_gen.pdbx_end_seq_num                   228 
_entity_src_gen.gene_src_common_name               ? 
_entity_src_gen.gene_src_genus                     ? 
_entity_src_gen.pdbx_gene_src_gene                 'ethR, etaR, Rv3855' 
_entity_src_gen.gene_src_species                   ? 
_entity_src_gen.gene_src_strain                    'ATCC 25618 / H37Rv' 
_entity_src_gen.gene_src_tissue                    ? 
_entity_src_gen.gene_src_tissue_fraction           ? 
_entity_src_gen.gene_src_details                   ? 
_entity_src_gen.pdbx_gene_src_fragment             ? 
_entity_src_gen.pdbx_gene_src_scientific_name      'Mycobacterium tuberculosis (strain ATCC 25618 / H37Rv)' 
_entity_src_gen.pdbx_gene_src_ncbi_taxonomy_id     83332 
_entity_src_gen.pdbx_gene_src_variant              ? 
_entity_src_gen.pdbx_gene_src_cell_line            ? 
_entity_src_gen.pdbx_gene_src_atcc                 ? 
_entity_src_gen.pdbx_gene_src_organ                ? 
_entity_src_gen.pdbx_gene_src_organelle            ? 
_entity_src_gen.pdbx_gene_src_cell                 ? 
_entity_src_gen.pdbx_gene_src_cellular_location    ? 
_entity_src_gen.host_org_common_name               ? 
_entity_src_gen.pdbx_host_org_scientific_name      'Escherichia coli BL21' 
_entity_src_gen.pdbx_host_org_ncbi_taxonomy_id     511693 
_entity_src_gen.host_org_genus                     ? 
_entity_src_gen.pdbx_host_org_gene                 ? 
_entity_src_gen.pdbx_host_org_organ                ? 
_entity_src_gen.host_org_species                   ? 
_entity_src_gen.pdbx_host_org_tissue               ? 
_entity_src_gen.pdbx_host_org_tissue_fraction      ? 
_entity_src_gen.pdbx_host_org_strain               ? 
_entity_src_gen.pdbx_host_org_variant              ? 
_entity_src_gen.pdbx_host_org_cell_line            ? 
_entity_src_gen.pdbx_host_org_atcc                 ? 
_entity_src_gen.pdbx_host_org_culture_collection   ? 
_entity_src_gen.pdbx_host_org_cell                 ? 
_entity_src_gen.pdbx_host_org_organelle            ? 
_entity_src_gen.pdbx_host_org_cellular_location    ? 
_entity_src_gen.pdbx_host_org_vector_type          ? 
_entity_src_gen.pdbx_host_org_vector               ? 
_entity_src_gen.host_org_details                   ? 
_entity_src_gen.expression_system_id               ? 
_entity_src_gen.plasmid_name                       ? 
_entity_src_gen.plasmid_details                    ? 
_entity_src_gen.pdbx_description                   ? 
# 
loop_
_chem_comp.id 
_chem_comp.type 
_chem_comp.mon_nstd_flag 
_chem_comp.name 
_chem_comp.pdbx_synonyms 
_chem_comp.formula 
_chem_comp.formula_weight 
ALA 'L-peptide linking' y ALANINE ? 'C3 H7 N O2'         89.093  
ARG 'L-peptide linking' y ARGININE ? 'C6 H15 N4 O2 1'     175.209 
ASN 'L-peptide linking' y ASPARAGINE ? 'C4 H8 N2 O3'        132.118 
ASP 'L-peptide linking' y 'ASPARTIC ACID' ? 'C4 H7 N O4'         133.103 
GFK non-polymer         . 
'4,4,4-tris(fluoranyl)-1-[4-[3-(6-methoxy-1,3-benzothiazol-2-yl)-1,2,4-oxadiazol-5-yl]piperidin-1-yl]butan-1-one' ? 
'C19 H19 F3 N4 O3 S' 440.439 
GLN 'L-peptide linking' y GLUTAMINE ? 'C5 H10 N2 O3'       146.144 
GLU 'L-peptide linking' y 'GLUTAMIC ACID' ? 'C5 H9 N O4'         147.129 
GLY 'peptide linking'   y GLYCINE ? 'C2 H5 N O2'         75.067  
HIS 'L-peptide linking' y HISTIDINE ? 'C6 H10 N3 O2 1'     156.162 
HOH non-polymer         . WATER ? 'H2 O'               18.015  
ILE 'L-peptide linking' y ISOLEUCINE ? 'C6 H13 N O2'        131.173 
LEU 'L-peptide linking' y LEUCINE ? 'C6 H13 N O2'        131.173 
LYS 'L-peptide linking' y LYSINE ? 'C6 H15 N2 O2 1'     147.195 
MET 'L-peptide linking' y METHIONINE ? 'C5 H11 N O2 S'      149.211 
PHE 'L-peptide linking' y PHENYLALANINE ? 'C9 H11 N O2'        165.189 
PRO 'L-peptide linking' y PROLINE ? 'C5 H9 N O2'         115.130 
SER 'L-peptide linking' y SERINE ? 'C3 H7 N O3'         105.093 
THR 'L-peptide linking' y THREONINE ? 'C4 H9 N O3'         119.119 
TRP 'L-peptide linking' y TRYPTOPHAN ? 'C11 H12 N2 O2'      204.225 
TYR 'L-peptide linking' y TYROSINE ? 'C9 H11 N O3'        181.189 
VAL 'L-peptide linking' y VALINE ? 'C5 H11 N O2'        117.146 
# 
loop_
_pdbx_poly_seq_scheme.asym_id 
_pdbx_poly_seq_scheme.entity_id 
_pdbx_poly_seq_scheme.seq_id 
_pdbx_poly_seq_scheme.mon_id 
_pdbx_poly_seq_scheme.ndb_seq_num 
_pdbx_poly_seq_scheme.pdb_seq_num 
_pdbx_poly_seq_scheme.auth_seq_num 
_pdbx_poly_seq_scheme.pdb_mon_id 
_pdbx_poly_seq_scheme.auth_mon_id 
_pdbx_poly_seq_scheme.pdb_strand_id 
_pdbx_poly_seq_scheme.pdb_ins_code 
_pdbx_poly_seq_scheme.hetero 
A 1 1   MET 1   -11 ?   ?   ?   A . n 
A 1 2   THR 2   -10 ?   ?   ?   A . n 
A 1 3   THR 3   -9  ?   ?   ?   A . n 
A 1 4   SER 4   -8  ?   ?   ?   A . n 
A 1 5   ALA 5   -7  ?   ?   ?   A . n 
A 1 6   ALA 6   -6  ?   ?   ?   A . n 
A 1 7   SER 7   -5  ?   ?   ?   A . n 
A 1 8   GLN 8   -4  ?   ?   ?   A . n 
A 1 9   ALA 9   -3  ?   ?   ?   A . n 
A 1 10  SER 10  -2  ?   ?   ?   A . n 
A 1 11  LEU 11  -1  ?   ?   ?   A . n 
A 1 12  PRO 12  0   ?   ?   ?   A . n 
A 1 13  MET 13  1   ?   ?   ?   A . n 
A 1 14  THR 14  2   ?   ?   ?   A . n 
A 1 15  THR 15  3   ?   ?   ?   A . n 
A 1 16  SER 16  4   ?   ?   ?   A . n 
A 1 17  ALA 17  5   ?   ?   ?   A . n 
A 1 18  ALA 18  6   ?   ?   ?   A . n 
A 1 19  SER 19  7   ?   ?   ?   A . n 
A 1 20  GLN 20  8   ?   ?   ?   A . n 
A 1 21  ALA 21  9   ?   ?   ?   A . n 
A 1 22  SER 22  10  ?   ?   ?   A . n 
A 1 23  LEU 23  11  ?   ?   ?   A . n 
A 1 24  PRO 24  12  ?   ?   ?   A . n 
A 1 25  ARG 25  13  ?   ?   ?   A . n 
A 1 26  GLY 26  14  ?   ?   ?   A . n 
A 1 27  ARG 27  15  ?   ?   ?   A . n 
A 1 28  ARG 28  16  ?   ?   ?   A . n 
A 1 29  THR 29  17  ?   ?   ?   A . n 
A 1 30  ALA 30  18  ?   ?   ?   A . n 
A 1 31  ARG 31  19  ?   ?   ?   A . n 
A 1 32  PRO 32  20  ?   ?   ?   A . n 
A 1 33  SER 33  21  ?   ?   ?   A . n 
A 1 34  GLY 34  22  ?   ?   ?   A . n 
A 1 35  ASP 35  23  ?   ?   ?   A . n 
A 1 36  ASP 36  24  24  ASP ASP A . n 
A 1 37  ARG 37  25  25  ARG ARG A . n 
A 1 38  GLU 38  26  26  GLU GLU A . n 
A 1 39  LEU 39  27  27  LEU LEU A . n 
A 1 40  ALA 40  28  28  ALA ALA A . n 
A 1 41  ILE 41  29  29  ILE ILE A . n 
A 1 42  LEU 42  30  30  LEU LEU A . n 
A 1 43  ALA 43  31  31  ALA ALA A . n 
A 1 44  THR 44  32  32  THR THR A . n 
A 1 45  ALA 45  33  33  ALA ALA A . n 
A 1 46  GLU 46  34  34  GLU GLU A . n 
A 1 47  ASN 47  35  35  ASN ASN A . n 
A 1 48  LEU 48  36  36  LEU LEU A . n 
A 1 49  LEU 49  37  37  LEU LEU A . n 
A 1 50  GLU 50  38  38  GLU GLU A . n 
A 1 51  ASP 51  39  39  ASP ASP A . n 
A 1 52  ARG 52  40  40  ARG ARG A . n 
A 1 53  PRO 53  41  41  PRO PRO A . n 
A 1 54  LEU 54  42  42  LEU LEU A . n 
A 1 55  ALA 55  43  43  ALA ALA A . n 
A 1 56  ASP 56  44  44  ASP ASP A . n 
A 1 57  ILE 57  45  45  ILE ILE A . n 
A 1 58  SER 58  46  46  SER SER A . n 
A 1 59  VAL 59  47  47  VAL VAL A . n 
A 1 60  ASP 60  48  48  ASP ASP A . n 
A 1 61  ASP 61  49  49  ASP ASP A . n 
A 1 62  LEU 62  50  50  LEU LEU A . n 
A 1 63  ALA 63  51  51  ALA ALA A . n 
A 1 64  LYS 64  52  52  LYS LYS A . n 
A 1 65  GLY 65  53  53  GLY GLY A . n 
A 1 66  ALA 66  54  54  ALA ALA A . n 
A 1 67  GLY 67  55  55  GLY GLY A . n 
A 1 68  ILE 68  56  56  ILE ILE A . n 
A 1 69  SER 69  57  57  SER SER A . n 
A 1 70  ARG 70  58  58  ARG ARG A . n 
A 1 71  PRO 71  59  59  PRO PRO A . n 
A 1 72  THR 72  60  60  THR THR A . n 
A 1 73  PHE 73  61  61  PHE PHE A . n 
A 1 74  TYR 74  62  62  TYR TYR A . n 
A 1 75  PHE 75  63  63  PHE PHE A . n 
A 1 76  TYR 76  64  64  TYR TYR A . n 
A 1 77  PHE 77  65  65  PHE PHE A . n 
A 1 78  PRO 78  66  66  PRO PRO A . n 
A 1 79  SER 79  67  67  SER SER A . n 
A 1 80  LYS 80  68  68  LYS LYS A . n 
A 1 81  GLU 81  69  69  GLU GLU A . n 
A 1 82  ALA 82  70  70  ALA ALA A . n 
A 1 83  VAL 83  71  71  VAL VAL A . n 
A 1 84  LEU 84  72  72  LEU LEU A . n 
A 1 85  LEU 85  73  73  LEU LEU A . n 
A 1 86  THR 86  74  74  THR THR A . n 
A 1 87  LEU 87  75  75  LEU LEU A . n 
A 1 88  LEU 88  76  76  LEU LEU A . n 
A 1 89  ASP 89  77  77  ASP ASP A . n 
A 1 90  ARG 90  78  78  ARG ARG A . n 
A 1 91  VAL 91  79  79  VAL VAL A . n 
A 1 92  VAL 92  80  80  VAL VAL A . n 
A 1 93  ASN 93  81  81  ASN ASN A . n 
A 1 94  GLN 94  82  82  GLN GLN A . n 
A 1 95  ALA 95  83  83  ALA ALA A . n 
A 1 96  ASP 96  84  84  ASP ASP A . n 
A 1 97  MET 97  85  85  MET MET A . n 
A 1 98  ALA 98  86  86  ALA ALA A . n 
A 1 99  LEU 99  87  87  LEU LEU A . n 
A 1 100 GLN 100 88  88  GLN GLN A . n 
A 1 101 THR 101 89  89  THR THR A . n 
A 1 102 LEU 102 90  90  LEU LEU A . n 
A 1 103 ALA 103 91  91  ALA ALA A . n 
A 1 104 GLU 104 92  92  GLU GLU A . n 
A 1 105 ASN 105 93  93  ASN ASN A . n 
A 1 106 PRO 106 94  ?   ?   ?   A . n 
A 1 107 ALA 107 95  ?   ?   ?   A . n 
A 1 108 ASP 108 96  ?   ?   ?   A . n 
A 1 109 THR 109 97  ?   ?   ?   A . n 
A 1 110 ASP 110 98  98  ASP ASP A . n 
A 1 111 ARG 111 99  99  ARG ARG A . n 
A 1 112 GLU 112 100 100 GLU GLU A . n 
A 1 113 ASN 113 101 101 ASN ASN A . n 
A 1 114 MET 114 102 102 MET MET A . n 
A 1 115 TRP 115 103 103 TRP TRP A . n 
A 1 116 ARG 116 104 104 ARG ARG A . n 
A 1 117 THR 117 105 105 THR THR A . n 
A 1 118 GLY 118 106 106 GLY GLY A . n 
A 1 119 ILE 119 107 107 ILE ILE A . n 
A 1 120 ASN 120 108 108 ASN ASN A . n 
A 1 121 VAL 121 109 109 VAL VAL A . n 
A 1 122 PHE 122 110 110 PHE PHE A . n 
A 1 123 PHE 123 111 111 PHE PHE A . n 
A 1 124 GLU 124 112 112 GLU GLU A . n 
A 1 125 THR 125 113 113 THR THR A . n 
A 1 126 PHE 126 114 114 PHE PHE A . n 
A 1 127 GLY 127 115 115 GLY GLY A . n 
A 1 128 SER 128 116 116 SER SER A . n 
A 1 129 HIS 129 117 117 HIS HIS A . n 
A 1 130 LYS 130 118 118 LYS LYS A . n 
A 1 131 ALA 131 119 119 ALA ALA A . n 
A 1 132 VAL 132 120 120 VAL VAL A . n 
A 1 133 THR 133 121 121 THR THR A . n 
A 1 134 ARG 134 122 122 ARG ARG A . n 
A 1 135 ALA 135 123 123 ALA ALA A . n 
A 1 136 GLY 136 124 124 GLY GLY A . n 
A 1 137 GLN 137 125 125 GLN GLN A . n 
A 1 138 ALA 138 126 126 ALA ALA A . n 
A 1 139 ALA 139 127 127 ALA ALA A . n 
A 1 140 ARG 140 128 128 ARG ARG A . n 
A 1 141 ALA 141 129 129 ALA ALA A . n 
A 1 142 THR 142 130 130 THR THR A . n 
A 1 143 SER 143 131 131 SER SER A . n 
A 1 144 VAL 144 132 132 VAL VAL A . n 
A 1 145 GLU 145 133 133 GLU GLU A . n 
A 1 146 VAL 146 134 134 VAL VAL A . n 
A 1 147 ALA 147 135 135 ALA ALA A . n 
A 1 148 GLU 148 136 136 GLU GLU A . n 
A 1 149 LEU 149 137 137 LEU LEU A . n 
A 1 150 TRP 150 138 138 TRP TRP A . n 
A 1 151 SER 151 139 139 SER SER A . n 
A 1 152 THR 152 140 140 THR THR A . n 
A 1 153 PHE 153 141 141 PHE PHE A . n 
A 1 154 MET 154 142 142 MET MET A . n 
A 1 155 GLN 155 143 143 GLN GLN A . n 
A 1 156 LYS 156 144 144 LYS LYS A . n 
A 1 157 TRP 157 145 145 TRP TRP A . n 
A 1 158 ILE 158 146 146 ILE ILE A . n 
A 1 159 ALA 159 147 147 ALA ALA A . n 
A 1 160 TYR 160 148 148 TYR TYR A . n 
A 1 161 THR 161 149 149 THR THR A . n 
A 1 162 ALA 162 150 150 ALA ALA A . n 
A 1 163 ALA 163 151 151 ALA ALA A . n 
A 1 164 VAL 164 152 152 VAL VAL A . n 
A 1 165 ILE 165 153 153 ILE ILE A . n 
A 1 166 ASP 166 154 154 ASP ASP A . n 
A 1 167 ALA 167 155 155 ALA ALA A . n 
A 1 168 GLU 168 156 156 GLU GLU A . n 
A 1 169 ARG 169 157 157 ARG ARG A . n 
A 1 170 ASP 170 158 158 ASP ASP A . n 
A 1 171 ARG 171 159 159 ARG ARG A . n 
A 1 172 GLY 172 160 160 GLY GLY A . n 
A 1 173 ALA 173 161 161 ALA ALA A . n 
A 1 174 ALA 174 162 162 ALA ALA A . n 
A 1 175 PRO 175 163 163 PRO PRO A . n 
A 1 176 ARG 176 164 164 ARG ARG A . n 
A 1 177 THR 177 165 165 THR THR A . n 
A 1 178 LEU 178 166 166 LEU LEU A . n 
A 1 179 PRO 179 167 167 PRO PRO A . n 
A 1 180 ALA 180 168 168 ALA ALA A . n 
A 1 181 HIS 181 169 169 HIS HIS A . n 
A 1 182 GLU 182 170 170 GLU GLU A . n 
A 1 183 LEU 183 171 171 LEU LEU A . n 
A 1 184 ALA 184 172 172 ALA ALA A . n 
A 1 185 THR 185 173 173 THR THR A . n 
A 1 186 ALA 186 174 174 ALA ALA A . n 
A 1 187 LEU 187 175 175 LEU LEU A . n 
A 1 188 ASN 188 176 176 ASN ASN A . n 
A 1 189 LEU 189 177 177 LEU LEU A . n 
A 1 190 MET 190 178 178 MET MET A . n 
A 1 191 ASN 191 179 179 ASN ASN A . n 
A 1 192 GLU 192 180 180 GLU GLU A . n 
A 1 193 ARG 193 181 181 ARG ARG A . n 
A 1 194 THR 194 182 182 THR THR A . n 
A 1 195 LEU 195 183 183 LEU LEU A . n 
A 1 196 PHE 196 184 184 PHE PHE A . n 
A 1 197 ALA 197 185 185 ALA ALA A . n 
A 1 198 SER 198 186 186 SER SER A . n 
A 1 199 PHE 199 187 187 PHE PHE A . n 
A 1 200 ALA 200 188 188 ALA ALA A . n 
A 1 201 GLY 201 189 189 GLY GLY A . n 
A 1 202 GLU 202 190 190 GLU GLU A . n 
A 1 203 GLN 203 191 191 GLN GLN A . n 
A 1 204 PRO 204 192 192 PRO PRO A . n 
A 1 205 SER 205 193 193 SER SER A . n 
A 1 206 VAL 206 194 194 VAL VAL A . n 
A 1 207 PRO 207 195 195 PRO PRO A . n 
A 1 208 GLU 208 196 196 GLU GLU A . n 
A 1 209 ALA 209 197 197 ALA ALA A . n 
A 1 210 ARG 210 198 198 ARG ARG A . n 
A 1 211 VAL 211 199 199 VAL VAL A . n 
A 1 212 LEU 212 200 200 LEU LEU A . n 
A 1 213 ASP 213 201 201 ASP ASP A . n 
A 1 214 THR 214 202 202 THR THR A . n 
A 1 215 LEU 215 203 203 LEU LEU A . n 
A 1 216 VAL 216 204 204 VAL VAL A . n 
A 1 217 HIS 217 205 205 HIS HIS A . n 
A 1 218 ILE 218 206 206 ILE ILE A . n 
A 1 219 TRP 219 207 207 TRP TRP A . n 
A 1 220 VAL 220 208 208 VAL VAL A . n 
A 1 221 THR 221 209 209 THR THR A . n 
A 1 222 SER 222 210 210 SER SER A . n 
A 1 223 ILE 223 211 211 ILE ILE A . n 
A 1 224 TYR 224 212 212 TYR TYR A . n 
A 1 225 GLY 225 213 213 GLY GLY A . n 
A 1 226 GLU 226 214 214 GLU GLU A . n 
A 1 227 ASN 227 215 ?   ?   ?   A . n 
A 1 228 ARG 228 216 ?   ?   ?   A . n 
# 
loop_
_pdbx_nonpoly_scheme.asym_id 
_pdbx_nonpoly_scheme.entity_id 
_pdbx_nonpoly_scheme.mon_id 
_pdbx_nonpoly_scheme.ndb_seq_num 
_pdbx_nonpoly_scheme.pdb_seq_num 
_pdbx_nonpoly_scheme.auth_seq_num 
_pdbx_nonpoly_scheme.pdb_mon_id 
_pdbx_nonpoly_scheme.auth_mon_id 
_pdbx_nonpoly_scheme.pdb_strand_id 
_pdbx_nonpoly_scheme.pdb_ins_code 
B 2 GFK 1  301 1  GFK DRG A . 
C 3 HOH 1  401 4  HOH HOH A . 
C 3 HOH 2  402 34 HOH HOH A . 
C 3 HOH 3  403 38 HOH HOH A . 
C 3 HOH 4  404 30 HOH HOH A . 
C 3 HOH 5  405 13 HOH HOH A . 
C 3 HOH 6  406 33 HOH HOH A . 
C 3 HOH 7  407 22 HOH HOH A . 
C 3 HOH 8  408 20 HOH HOH A . 
C 3 HOH 9  409 32 HOH HOH A . 
C 3 HOH 10 410 1  HOH HOH A . 
C 3 HOH 11 411 27 HOH HOH A . 
C 3 HOH 12 412 36 HOH HOH A . 
C 3 HOH 13 413 11 HOH HOH A . 
C 3 HOH 14 414 5  HOH HOH A . 
C 3 HOH 15 415 10 HOH HOH A . 
C 3 HOH 16 416 7  HOH HOH A . 
C 3 HOH 17 417 15 HOH HOH A . 
C 3 HOH 18 418 39 HOH HOH A . 
C 3 HOH 19 419 24 HOH HOH A . 
C 3 HOH 20 420 37 HOH HOH A . 
C 3 HOH 21 421 3  HOH HOH A . 
C 3 HOH 22 422 42 HOH HOH A . 
C 3 HOH 23 423 21 HOH HOH A . 
C 3 HOH 24 424 19 HOH HOH A . 
C 3 HOH 25 425 12 HOH HOH A . 
C 3 HOH 26 426 23 HOH HOH A . 
C 3 HOH 27 427 18 HOH HOH A . 
C 3 HOH 28 428 2  HOH HOH A . 
C 3 HOH 29 429 26 HOH HOH A . 
C 3 HOH 30 430 8  HOH HOH A . 
C 3 HOH 31 431 40 HOH HOH A . 
C 3 HOH 32 432 16 HOH HOH A . 
C 3 HOH 33 433 28 HOH HOH A . 
C 3 HOH 34 434 6  HOH HOH A . 
C 3 HOH 35 435 9  HOH HOH A . 
C 3 HOH 36 436 14 HOH HOH A . 
C 3 HOH 37 437 29 HOH HOH A . 
C 3 HOH 38 438 31 HOH HOH A . 
C 3 HOH 39 439 41 HOH HOH A . 
C 3 HOH 40 440 25 HOH HOH A . 
C 3 HOH 41 441 17 HOH HOH A . 
C 3 HOH 42 442 35 HOH HOH A . 
# 
loop_
_software.citation_id 
_software.classification 
_software.compiler_name 
_software.compiler_version 
_software.contact_author 
_software.contact_author_email 
_software.date 
_software.description 
_software.dependencies 
_software.hardware 
_software.language 
_software.location 
_software.mods 
_software.name 
_software.os 
_software.os_version 
_software.type 
_software.version 
_software.pdbx_ordinal 
? refinement       ? ? ? ? ? ? ? ? ? ? ? REFMAC  ? ? ? 5.8.0232 1 
? 'data reduction' ? ? ? ? ? ? ? ? ? ? ? iMOSFLM ? ? ? .        2 
? phasing          ? ? ? ? ? ? ? ? ? ? ? MOLREP  ? ? ? .        3 
# 
_cell.angle_alpha                  90.00 
_cell.angle_alpha_esd              ? 
_cell.angle_beta                   90.00 
_cell.angle_beta_esd               ? 
_cell.angle_gamma                  90.00 
_cell.angle_gamma_esd              ? 
_cell.entry_id                     6HO0 
_cell.details                      ? 
_cell.formula_units_Z              ? 
_cell.length_a                     121.385 
_cell.length_a_esd                 ? 
_cell.length_b                     121.385 
_cell.length_b_esd                 ? 
_cell.length_c                     33.715 
_cell.length_c_esd                 ? 
_cell.volume                       ? 
_cell.volume_esd                   ? 
_cell.Z_PDB                        8 
_cell.reciprocal_angle_alpha       ? 
_cell.reciprocal_angle_beta        ? 
_cell.reciprocal_angle_gamma       ? 
_cell.reciprocal_angle_alpha_esd   ? 
_cell.reciprocal_angle_beta_esd    ? 
_cell.reciprocal_angle_gamma_esd   ? 
_cell.reciprocal_length_a          ? 
_cell.reciprocal_length_b          ? 
_cell.reciprocal_length_c          ? 
_cell.reciprocal_length_a_esd      ? 
_cell.reciprocal_length_b_esd      ? 
_cell.reciprocal_length_c_esd      ? 
_cell.pdbx_unique_axis             ? 
# 
_symmetry.entry_id                         6HO0 
_symmetry.cell_setting                     ? 
_symmetry.Int_Tables_number                92 
_symmetry.space_group_name_Hall            ? 
_symmetry.space_group_name_H-M             'P 41 21 2' 
_symmetry.pdbx_full_space_group_name_H-M   ? 
# 
_exptl.absorpt_coefficient_mu     ? 
_exptl.absorpt_correction_T_max   ? 
_exptl.absorpt_correction_T_min   ? 
_exptl.absorpt_correction_type    ? 
_exptl.absorpt_process_details    ? 
_exptl.entry_id                   6HO0 
_exptl.crystals_number            1 
_exptl.details                    ? 
_exptl.method                     'X-RAY DIFFRACTION' 
_exptl.method_details             ? 
# 
_exptl_crystal.colour                      ? 
_exptl_crystal.density_diffrn              ? 
_exptl_crystal.density_Matthews            2.40 
_exptl_crystal.density_method              ? 
_exptl_crystal.density_percent_sol         48.69 
_exptl_crystal.description                 ? 
_exptl_crystal.F_000                       ? 
_exptl_crystal.id                          1 
_exptl_crystal.preparation                 ? 
_exptl_crystal.size_max                    ? 
_exptl_crystal.size_mid                    ? 
_exptl_crystal.size_min                    ? 
_exptl_crystal.size_rad                    ? 
_exptl_crystal.colour_lustre               ? 
_exptl_crystal.colour_modifier             ? 
_exptl_crystal.colour_primary              ? 
_exptl_crystal.density_meas                ? 
_exptl_crystal.density_meas_esd            ? 
_exptl_crystal.density_meas_gt             ? 
_exptl_crystal.density_meas_lt             ? 
_exptl_crystal.density_meas_temp           ? 
_exptl_crystal.density_meas_temp_esd       ? 
_exptl_crystal.density_meas_temp_gt        ? 
_exptl_crystal.density_meas_temp_lt        ? 
_exptl_crystal.pdbx_crystal_image_url      ? 
_exptl_crystal.pdbx_crystal_image_format   ? 
_exptl_crystal.pdbx_mosaicity              ? 
_exptl_crystal.pdbx_mosaicity_esd          ? 
# 
_exptl_crystal_grow.apparatus       ? 
_exptl_crystal_grow.atmosphere      ? 
_exptl_crystal_grow.crystal_id      1 
_exptl_crystal_grow.details         ? 
_exptl_crystal_grow.method          'VAPOR DIFFUSION' 
_exptl_crystal_grow.method_ref      ? 
_exptl_crystal_grow.pH              6.7 
_exptl_crystal_grow.pressure        ? 
_exptl_crystal_grow.pressure_esd    ? 
_exptl_crystal_grow.seeding         ? 
_exptl_crystal_grow.seeding_ref     ? 
_exptl_crystal_grow.temp            293 
_exptl_crystal_grow.temp_details    ? 
_exptl_crystal_grow.temp_esd        ? 
_exptl_crystal_grow.time            ? 
_exptl_crystal_grow.pdbx_details    '1.4-1.6 ammonium sulfate, 15% glycerol, 100 mM MES' 
_exptl_crystal_grow.pdbx_pH_range   ? 
# 
_diffrn.ambient_environment              ? 
_diffrn.ambient_temp                     100 
_diffrn.ambient_temp_details             ? 
_diffrn.ambient_temp_esd                 ? 
_diffrn.crystal_id                       1 
_diffrn.crystal_support                  ? 
_diffrn.crystal_treatment                ? 
_diffrn.details                          ? 
_diffrn.id                               1 
_diffrn.ambient_pressure                 ? 
_diffrn.ambient_pressure_esd             ? 
_diffrn.ambient_pressure_gt              ? 
_diffrn.ambient_pressure_lt              ? 
_diffrn.ambient_temp_gt                  ? 
_diffrn.ambient_temp_lt                  ? 
_diffrn.pdbx_serial_crystal_experiment   ? 
# 
_diffrn_detector.details                      ? 
_diffrn_detector.detector                     PIXEL 
_diffrn_detector.diffrn_id                    1 
_diffrn_detector.type                         'DECTRIS PILATUS 6M' 
_diffrn_detector.area_resol_mean              ? 
_diffrn_detector.dtime                        ? 
_diffrn_detector.pdbx_frames_total            ? 
_diffrn_detector.pdbx_collection_time_total   ? 
_diffrn_detector.pdbx_collection_date         2010-12-06 
_diffrn_detector.pdbx_frequency               ? 
# 
_diffrn_radiation.collimation                      ? 
_diffrn_radiation.diffrn_id                        1 
_diffrn_radiation.filter_edge                      ? 
_diffrn_radiation.inhomogeneity                    ? 
_diffrn_radiation.monochromator                    ? 
_diffrn_radiation.polarisn_norm                    ? 
_diffrn_radiation.polarisn_ratio                   ? 
_diffrn_radiation.probe                            ? 
_diffrn_radiation.type                             ? 
_diffrn_radiation.xray_symbol                      ? 
_diffrn_radiation.wavelength_id                    1 
_diffrn_radiation.pdbx_monochromatic_or_laue_m_l   M 
_diffrn_radiation.pdbx_wavelength_list             ? 
_diffrn_radiation.pdbx_wavelength                  ? 
_diffrn_radiation.pdbx_diffrn_protocol             'SINGLE WAVELENGTH' 
_diffrn_radiation.pdbx_analyzer                    ? 
_diffrn_radiation.pdbx_scattering_type             x-ray 
# 
_diffrn_radiation_wavelength.id           1 
_diffrn_radiation_wavelength.wavelength   1 
_diffrn_radiation_wavelength.wt           1.0 
# 
_diffrn_source.current                     ? 
_diffrn_source.details                     ? 
_diffrn_source.diffrn_id                   1 
_diffrn_source.power                       ? 
_diffrn_source.size                        ? 
_diffrn_source.source                      SYNCHROTRON 
_diffrn_source.target                      ? 
_diffrn_source.type                        'SLS BEAMLINE X06SA' 
_diffrn_source.voltage                     ? 
_diffrn_source.take-off_angle              ? 
_diffrn_source.pdbx_wavelength_list        1 
_diffrn_source.pdbx_wavelength             ? 
_diffrn_source.pdbx_synchrotron_beamline   X06SA 
_diffrn_source.pdbx_synchrotron_site       SLS 
# 
_reflns.B_iso_Wilson_estimate            ? 
_reflns.entry_id                         6HO0 
_reflns.data_reduction_details           ? 
_reflns.data_reduction_method            ? 
_reflns.d_resolution_high                1.90 
_reflns.d_resolution_low                 85.83 
_reflns.details                          ? 
_reflns.limit_h_max                      ? 
_reflns.limit_h_min                      ? 
_reflns.limit_k_max                      ? 
_reflns.limit_k_min                      ? 
_reflns.limit_l_max                      ? 
_reflns.limit_l_min                      ? 
_reflns.number_all                       ? 
_reflns.number_obs                       20525 
_reflns.observed_criterion               ? 
_reflns.observed_criterion_F_max         ? 
_reflns.observed_criterion_F_min         ? 
_reflns.observed_criterion_I_max         ? 
_reflns.observed_criterion_I_min         ? 
_reflns.observed_criterion_sigma_F       ? 
_reflns.observed_criterion_sigma_I       ? 
_reflns.percent_possible_obs             99.8 
_reflns.R_free_details                   ? 
_reflns.Rmerge_F_all                     ? 
_reflns.Rmerge_F_obs                     ? 
_reflns.Friedel_coverage                 ? 
_reflns.number_gt                        ? 
_reflns.threshold_expression             ? 
_reflns.pdbx_redundancy                  12.6 
_reflns.pdbx_Rmerge_I_obs                0.096 
_reflns.pdbx_Rmerge_I_all                ? 
_reflns.pdbx_Rsym_value                  ? 
_reflns.pdbx_netI_over_av_sigmaI         ? 
_reflns.pdbx_netI_over_sigmaI            19.7 
_reflns.pdbx_res_netI_over_av_sigmaI_2   ? 
_reflns.pdbx_res_netI_over_sigmaI_2      ? 
_reflns.pdbx_chi_squared                 ? 
_reflns.pdbx_scaling_rejects             ? 
_reflns.pdbx_d_res_high_opt              ? 
_reflns.pdbx_d_res_low_opt               ? 
_reflns.pdbx_d_res_opt_method            ? 
_reflns.phase_calculation_details        ? 
_reflns.pdbx_Rrim_I_all                  ? 
_reflns.pdbx_Rpim_I_all                  ? 
_reflns.pdbx_d_opt                       ? 
_reflns.pdbx_number_measured_all         ? 
_reflns.pdbx_diffrn_id                   1 
_reflns.pdbx_ordinal                     1 
_reflns.pdbx_CC_half                     ? 
_reflns.pdbx_R_split                     ? 
# 
_reflns_shell.d_res_high                  1.90 
_reflns_shell.d_res_low                   2.00 
_reflns_shell.meanI_over_sigI_all         ? 
_reflns_shell.meanI_over_sigI_obs         2.8 
_reflns_shell.number_measured_all         ? 
_reflns_shell.number_measured_obs         ? 
_reflns_shell.number_possible             ? 
_reflns_shell.number_unique_all           ? 
_reflns_shell.number_unique_obs           2888 
_reflns_shell.percent_possible_all        98.4 
_reflns_shell.percent_possible_obs        ? 
_reflns_shell.Rmerge_F_all                ? 
_reflns_shell.Rmerge_F_obs                ? 
_reflns_shell.Rmerge_I_all                ? 
_reflns_shell.Rmerge_I_obs                0.985 
_reflns_shell.meanI_over_sigI_gt          ? 
_reflns_shell.meanI_over_uI_all           ? 
_reflns_shell.meanI_over_uI_gt            ? 
_reflns_shell.number_measured_gt          ? 
_reflns_shell.number_unique_gt            ? 
_reflns_shell.percent_possible_gt         ? 
_reflns_shell.Rmerge_F_gt                 ? 
_reflns_shell.Rmerge_I_gt                 ? 
_reflns_shell.pdbx_redundancy             11.5 
_reflns_shell.pdbx_Rsym_value             ? 
_reflns_shell.pdbx_chi_squared            ? 
_reflns_shell.pdbx_netI_over_sigmaI_all   ? 
_reflns_shell.pdbx_netI_over_sigmaI_obs   ? 
_reflns_shell.pdbx_Rrim_I_all             ? 
_reflns_shell.pdbx_Rpim_I_all             ? 
_reflns_shell.pdbx_rejects                ? 
_reflns_shell.pdbx_ordinal                1 
_reflns_shell.pdbx_diffrn_id              1 
_reflns_shell.pdbx_CC_half                ? 
_reflns_shell.pdbx_R_split                ? 
# 
_refine.aniso_B[1][1]                            -0.01 
_refine.aniso_B[1][2]                            0.00 
_refine.aniso_B[1][3]                            0.00 
_refine.aniso_B[2][2]                            -0.01 
_refine.aniso_B[2][3]                            0.00 
_refine.aniso_B[3][3]                            0.02 
_refine.B_iso_max                                ? 
_refine.B_iso_mean                               29.932 
_refine.B_iso_min                                ? 
_refine.correlation_coeff_Fo_to_Fc               0.959 
_refine.correlation_coeff_Fo_to_Fc_free          0.934 
_refine.details                                  'HYDROGENS HAVE BEEN ADDED IN THE RIDING POSITIONS' 
_refine.diff_density_max                         ? 
_refine.diff_density_max_esd                     ? 
_refine.diff_density_min                         ? 
_refine.diff_density_min_esd                     ? 
_refine.diff_density_rms                         ? 
_refine.diff_density_rms_esd                     ? 
_refine.entry_id                                 6HO0 
_refine.pdbx_refine_id                           'X-RAY DIFFRACTION' 
_refine.ls_abs_structure_details                 ? 
_refine.ls_abs_structure_Flack                   ? 
_refine.ls_abs_structure_Flack_esd               ? 
_refine.ls_abs_structure_Rogers                  ? 
_refine.ls_abs_structure_Rogers_esd              ? 
_refine.ls_d_res_high                            1.90 
_refine.ls_d_res_low                             85.83 
_refine.ls_extinction_coef                       ? 
_refine.ls_extinction_coef_esd                   ? 
_refine.ls_extinction_expression                 ? 
_refine.ls_extinction_method                     ? 
_refine.ls_goodness_of_fit_all                   ? 
_refine.ls_goodness_of_fit_all_esd               ? 
_refine.ls_goodness_of_fit_obs                   ? 
_refine.ls_goodness_of_fit_obs_esd               ? 
_refine.ls_hydrogen_treatment                    ? 
_refine.ls_matrix_type                           ? 
_refine.ls_number_constraints                    ? 
_refine.ls_number_parameters                     ? 
_refine.ls_number_reflns_all                     ? 
_refine.ls_number_reflns_obs                     19456 
_refine.ls_number_reflns_R_free                  1024 
_refine.ls_number_reflns_R_work                  ? 
_refine.ls_number_restraints                     ? 
_refine.ls_percent_reflns_obs                    99.76 
_refine.ls_percent_reflns_R_free                 5.0 
_refine.ls_R_factor_all                          ? 
_refine.ls_R_factor_obs                          0.18396 
_refine.ls_R_factor_R_free                       0.22172 
_refine.ls_R_factor_R_free_error                 ? 
_refine.ls_R_factor_R_free_error_details         ? 
_refine.ls_R_factor_R_work                       0.18201 
_refine.ls_R_Fsqd_factor_obs                     ? 
_refine.ls_R_I_factor_obs                        ? 
_refine.ls_redundancy_reflns_all                 ? 
_refine.ls_redundancy_reflns_obs                 ? 
_refine.ls_restrained_S_all                      ? 
_refine.ls_restrained_S_obs                      ? 
_refine.ls_shift_over_esd_max                    ? 
_refine.ls_shift_over_esd_mean                   ? 
_refine.ls_structure_factor_coef                 ? 
_refine.ls_weighting_details                     ? 
_refine.ls_weighting_scheme                      ? 
_refine.ls_wR_factor_all                         ? 
_refine.ls_wR_factor_obs                         ? 
_refine.ls_wR_factor_R_free                      ? 
_refine.ls_wR_factor_R_work                      ? 
_refine.occupancy_max                            ? 
_refine.occupancy_min                            ? 
_refine.solvent_model_details                    ? 
_refine.solvent_model_param_bsol                 ? 
_refine.solvent_model_param_ksol                 ? 
_refine.ls_R_factor_gt                           ? 
_refine.ls_goodness_of_fit_gt                    ? 
_refine.ls_goodness_of_fit_ref                   ? 
_refine.ls_shift_over_su_max                     ? 
_refine.ls_shift_over_su_max_lt                  ? 
_refine.ls_shift_over_su_mean                    ? 
_refine.ls_shift_over_su_mean_lt                 ? 
_refine.pdbx_ls_sigma_I                          ? 
_refine.pdbx_ls_sigma_F                          ? 
_refine.pdbx_ls_sigma_Fsqd                       ? 
_refine.pdbx_data_cutoff_high_absF               ? 
_refine.pdbx_data_cutoff_high_rms_absF           ? 
_refine.pdbx_data_cutoff_low_absF                ? 
_refine.pdbx_isotropic_thermal_model             ? 
_refine.pdbx_ls_cross_valid_method               THROUGHOUT 
_refine.pdbx_method_to_determine_struct          'MOLECULAR REPLACEMENT' 
_refine.pdbx_starting_model                      1U9N 
_refine.pdbx_stereochemistry_target_values       ? 
_refine.pdbx_R_Free_selection_details            RANDOM 
_refine.pdbx_stereochem_target_val_spec_case     ? 
_refine.pdbx_overall_ESU_R                       0.119 
_refine.pdbx_overall_ESU_R_Free                  0.120 
_refine.pdbx_solvent_vdw_probe_radii             1.20 
_refine.pdbx_solvent_ion_probe_radii             0.80 
_refine.pdbx_solvent_shrinkage_radii             0.80 
_refine.pdbx_real_space_R                        ? 
_refine.pdbx_density_correlation                 ? 
_refine.pdbx_pd_number_of_powder_patterns        ? 
_refine.pdbx_pd_number_of_points                 ? 
_refine.pdbx_pd_meas_number_of_points            ? 
_refine.pdbx_pd_proc_ls_prof_R_factor            ? 
_refine.pdbx_pd_proc_ls_prof_wR_factor           ? 
_refine.pdbx_pd_Marquardt_correlation_coeff      ? 
_refine.pdbx_pd_Fsqrd_R_factor                   ? 
_refine.pdbx_pd_ls_matrix_band_width             ? 
_refine.pdbx_overall_phase_error                 ? 
_refine.pdbx_overall_SU_R_free_Cruickshank_DPI   ? 
_refine.pdbx_overall_SU_R_free_Blow_DPI          ? 
_refine.pdbx_overall_SU_R_Blow_DPI               ? 
_refine.pdbx_TLS_residual_ADP_flag               ? 
_refine.pdbx_diffrn_id                           1 
_refine.overall_SU_B                             2.788 
_refine.overall_SU_ML                            0.081 
_refine.overall_SU_R_Cruickshank_DPI             ? 
_refine.overall_SU_R_free                        ? 
_refine.overall_FOM_free_R_set                   ? 
_refine.overall_FOM_work_R_set                   ? 
_refine.pdbx_average_fsc_overall                 ? 
_refine.pdbx_average_fsc_work                    ? 
_refine.pdbx_average_fsc_free                    ? 
# 
_refine_hist.pdbx_refine_id                   'X-RAY DIFFRACTION' 
_refine_hist.cycle_id                         1 
_refine_hist.pdbx_number_atoms_protein        1463 
_refine_hist.pdbx_number_atoms_nucleic_acid   0 
_refine_hist.pdbx_number_atoms_ligand         30 
_refine_hist.number_atoms_solvent             42 
_refine_hist.number_atoms_total               1535 
_refine_hist.d_res_high                       1.90 
_refine_hist.d_res_low                        85.83 
# 
loop_
_refine_ls_restr.pdbx_refine_id 
_refine_ls_restr.criterion 
_refine_ls_restr.dev_ideal 
_refine_ls_restr.dev_ideal_target 
_refine_ls_restr.number 
_refine_ls_restr.rejects 
_refine_ls_restr.type 
_refine_ls_restr.weight 
_refine_ls_restr.pdbx_restraint_function 
'X-RAY DIFFRACTION' ? 0.012  0.013  1525 ? r_bond_refined_d             ? ? 
'X-RAY DIFFRACTION' ? 0.001  0.017  1407 ? r_bond_other_d               ? ? 
'X-RAY DIFFRACTION' ? 1.862  1.671  2079 ? r_angle_refined_deg          ? ? 
'X-RAY DIFFRACTION' ? 1.549  1.589  3237 ? r_angle_other_deg            ? ? 
'X-RAY DIFFRACTION' ? 5.072  5.000  185  ? r_dihedral_angle_1_deg       ? ? 
'X-RAY DIFFRACTION' ? 35.111 21.294 85   ? r_dihedral_angle_2_deg       ? ? 
'X-RAY DIFFRACTION' ? 13.580 15.000 238  ? r_dihedral_angle_3_deg       ? ? 
'X-RAY DIFFRACTION' ? 16.556 15.000 13   ? r_dihedral_angle_4_deg       ? ? 
'X-RAY DIFFRACTION' ? 0.088  0.200  202  ? r_chiral_restr               ? ? 
'X-RAY DIFFRACTION' ? 0.010  0.020  1713 ? r_gen_planes_refined         ? ? 
'X-RAY DIFFRACTION' ? 0.001  0.020  337  ? r_gen_planes_other           ? ? 
'X-RAY DIFFRACTION' ? ?      ?      ?    ? r_nbd_refined                ? ? 
'X-RAY DIFFRACTION' ? ?      ?      ?    ? r_nbd_other                  ? ? 
'X-RAY DIFFRACTION' ? ?      ?      ?    ? r_nbtor_refined              ? ? 
'X-RAY DIFFRACTION' ? ?      ?      ?    ? r_nbtor_other                ? ? 
'X-RAY DIFFRACTION' ? ?      ?      ?    ? r_xyhbond_nbd_refined        ? ? 
'X-RAY DIFFRACTION' ? ?      ?      ?    ? r_xyhbond_nbd_other          ? ? 
'X-RAY DIFFRACTION' ? ?      ?      ?    ? r_metal_ion_refined          ? ? 
'X-RAY DIFFRACTION' ? ?      ?      ?    ? r_metal_ion_other            ? ? 
'X-RAY DIFFRACTION' ? ?      ?      ?    ? r_symmetry_vdw_refined       ? ? 
'X-RAY DIFFRACTION' ? ?      ?      ?    ? r_symmetry_vdw_other         ? ? 
'X-RAY DIFFRACTION' ? ?      ?      ?    ? r_symmetry_hbond_refined     ? ? 
'X-RAY DIFFRACTION' ? ?      ?      ?    ? r_symmetry_hbond_other       ? ? 
'X-RAY DIFFRACTION' ? ?      ?      ?    ? r_symmetry_metal_ion_refined ? ? 
'X-RAY DIFFRACTION' ? ?      ?      ?    ? r_symmetry_metal_ion_other   ? ? 
'X-RAY DIFFRACTION' ? 2.755  2.941  746  ? r_mcbond_it                  ? ? 
'X-RAY DIFFRACTION' ? 2.715  2.937  745  ? r_mcbond_other               ? ? 
'X-RAY DIFFRACTION' ? 3.615  4.389  929  ? r_mcangle_it                 ? ? 
'X-RAY DIFFRACTION' ? 3.621  4.393  930  ? r_mcangle_other              ? ? 
'X-RAY DIFFRACTION' ? 4.023  3.405  779  ? r_scbond_it                  ? ? 
'X-RAY DIFFRACTION' ? 4.022  3.406  777  ? r_scbond_other               ? ? 
'X-RAY DIFFRACTION' ? ?      ?      ?    ? r_scangle_it                 ? ? 
'X-RAY DIFFRACTION' ? 5.910  4.927  1151 ? r_scangle_other              ? ? 
'X-RAY DIFFRACTION' ? 6.894  35.006 1766 ? r_long_range_B_refined       ? ? 
'X-RAY DIFFRACTION' ? 6.889  34.947 1759 ? r_long_range_B_other         ? ? 
'X-RAY DIFFRACTION' ? ?      ?      ?    ? r_rigid_bond_restr           ? ? 
'X-RAY DIFFRACTION' ? ?      ?      ?    ? r_sphericity_free            ? ? 
'X-RAY DIFFRACTION' ? ?      ?      ?    ? r_sphericity_bonded          ? ? 
# 
_refine_ls_shell.pdbx_refine_id                   'X-RAY DIFFRACTION' 
_refine_ls_shell.d_res_high                       1.899 
_refine_ls_shell.d_res_low                        1.949 
_refine_ls_shell.number_reflns_all                ? 
_refine_ls_shell.number_reflns_obs                ? 
_refine_ls_shell.number_reflns_R_free             72 
_refine_ls_shell.number_reflns_R_work             1357 
_refine_ls_shell.percent_reflns_obs               96.75 
_refine_ls_shell.percent_reflns_R_free            ? 
_refine_ls_shell.R_factor_all                     ? 
_refine_ls_shell.R_factor_obs                     ? 
_refine_ls_shell.R_factor_R_free                  0.348 
_refine_ls_shell.R_factor_R_free_error            ? 
_refine_ls_shell.R_factor_R_work                  0.298 
_refine_ls_shell.redundancy_reflns_all            ? 
_refine_ls_shell.redundancy_reflns_obs            ? 
_refine_ls_shell.wR_factor_all                    ? 
_refine_ls_shell.wR_factor_obs                    ? 
_refine_ls_shell.wR_factor_R_free                 ? 
_refine_ls_shell.wR_factor_R_work                 ? 
_refine_ls_shell.pdbx_total_number_of_bins_used   20 
_refine_ls_shell.pdbx_phase_error                 ? 
_refine_ls_shell.pdbx_fsc_work                    ? 
_refine_ls_shell.pdbx_fsc_free                    ? 
# 
_struct.entry_id                     6HO0 
_struct.title                        'TRANSCRIPTIONAL REPRESSOR ETHR FROM MYCOBACTERIUM TUBERCULOSIS IN COMPLEX WITH BDM41325' 
_struct.pdbx_model_details           ? 
_struct.pdbx_formula_weight          ? 
_struct.pdbx_formula_weight_method   ? 
_struct.pdbx_model_type_details      ? 
_struct.pdbx_CASP_flag               N 
# 
_struct_keywords.entry_id        6HO0 
_struct_keywords.text            
'HELIX-TURN-HELIX, DNA BINDING PROTEIN, TETR-FAMILY, COMPLEX, INHIBITOR, DRUG DESIGN, TUBERCULOSIS, ETHIONAMIDE' 
_struct_keywords.pdbx_keywords   'DNA BINDING PROTEIN' 
# 
loop_
_struct_asym.id 
_struct_asym.pdbx_blank_PDB_chainid_flag 
_struct_asym.pdbx_modified 
_struct_asym.entity_id 
_struct_asym.details 
A N N 1 ? 
B N N 2 ? 
C N N 3 ? 
# 
_struct_ref.id                         1 
_struct_ref.db_name                    UNP 
_struct_ref.db_code                    ETHR_MYCTU 
_struct_ref.pdbx_db_accession          P9WMC1 
_struct_ref.pdbx_db_isoform            ? 
_struct_ref.entity_id                  1 
_struct_ref.pdbx_seq_one_letter_code   
;MTTSAASQASLPRGRRTARPSGDDRELAILATAENLLEDRPLADISVDDLAKGAGISRPTFYFYFPSKEAVLLTLLDRVV
NQADMALQTLAENPADTDRENMWRTGINVFFETFGSHKAVTRAGQAARATSVEVAELWSTFMQKWIAYTAAVIDAERDRG
AAPRTLPAHELATALNLMNERTLFASFAGEQPSVPEARVLDTLVHIWVTSIYGENR
;
_struct_ref.pdbx_align_begin           1 
# 
_struct_ref_seq.align_id                      1 
_struct_ref_seq.ref_id                        1 
_struct_ref_seq.pdbx_PDB_id_code              6HO0 
_struct_ref_seq.pdbx_strand_id                A 
_struct_ref_seq.seq_align_beg                 13 
_struct_ref_seq.pdbx_seq_align_beg_ins_code   ? 
_struct_ref_seq.seq_align_end                 228 
_struct_ref_seq.pdbx_seq_align_end_ins_code   ? 
_struct_ref_seq.pdbx_db_accession             P9WMC1 
_struct_ref_seq.db_align_beg                  1 
_struct_ref_seq.pdbx_db_align_beg_ins_code    ? 
_struct_ref_seq.db_align_end                  216 
_struct_ref_seq.pdbx_db_align_end_ins_code    ? 
_struct_ref_seq.pdbx_auth_seq_align_beg       1 
_struct_ref_seq.pdbx_auth_seq_align_end       216 
# 
loop_
_struct_ref_seq_dif.align_id 
_struct_ref_seq_dif.pdbx_pdb_id_code 
_struct_ref_seq_dif.mon_id 
_struct_ref_seq_dif.pdbx_pdb_strand_id 
_struct_ref_seq_dif.seq_num 
_struct_ref_seq_dif.pdbx_pdb_ins_code 
_struct_ref_seq_dif.pdbx_seq_db_name 
_struct_ref_seq_dif.pdbx_seq_db_accession_code 
_struct_ref_seq_dif.db_mon_id 
_struct_ref_seq_dif.pdbx_seq_db_seq_num 
_struct_ref_seq_dif.details 
_struct_ref_seq_dif.pdbx_auth_seq_num 
_struct_ref_seq_dif.pdbx_ordinal 
1 6HO0 MET A 1  ? UNP P9WMC1 ? ? 'initiating methionine' -11 1  
1 6HO0 THR A 2  ? UNP P9WMC1 ? ? 'expression tag'        -10 2  
1 6HO0 THR A 3  ? UNP P9WMC1 ? ? 'expression tag'        -9  3  
1 6HO0 SER A 4  ? UNP P9WMC1 ? ? 'expression tag'        -8  4  
1 6HO0 ALA A 5  ? UNP P9WMC1 ? ? 'expression tag'        -7  5  
1 6HO0 ALA A 6  ? UNP P9WMC1 ? ? 'expression tag'        -6  6  
1 6HO0 SER A 7  ? UNP P9WMC1 ? ? 'expression tag'        -5  7  
1 6HO0 GLN A 8  ? UNP P9WMC1 ? ? 'expression tag'        -4  8  
1 6HO0 ALA A 9  ? UNP P9WMC1 ? ? 'expression tag'        -3  9  
1 6HO0 SER A 10 ? UNP P9WMC1 ? ? 'expression tag'        -2  10 
1 6HO0 LEU A 11 ? UNP P9WMC1 ? ? 'expression tag'        -1  11 
1 6HO0 PRO A 12 ? UNP P9WMC1 ? ? 'expression tag'        0   12 
# 
_pdbx_struct_assembly.id                   1 
_pdbx_struct_assembly.details              author_and_software_defined_assembly 
_pdbx_struct_assembly.method_details       PISA 
_pdbx_struct_assembly.oligomeric_details   dimeric 
_pdbx_struct_assembly.oligomeric_count     2 
# 
loop_
_pdbx_struct_assembly_prop.biol_id 
_pdbx_struct_assembly_prop.type 
_pdbx_struct_assembly_prop.value 
_pdbx_struct_assembly_prop.details 
1 'ABSA (A^2)' 2870  ? 
1 MORE         -20   ? 
1 'SSA (A^2)'  16530 ? 
# 
_pdbx_struct_assembly_gen.assembly_id       1 
_pdbx_struct_assembly_gen.oper_expression   1,2 
_pdbx_struct_assembly_gen.asym_id_list      A,B,C 
# 
_pdbx_struct_assembly_auth_evidence.id                     1 
_pdbx_struct_assembly_auth_evidence.assembly_id            1 
_pdbx_struct_assembly_auth_evidence.experimental_support   none 
_pdbx_struct_assembly_auth_evidence.details                ? 
# 
loop_
_pdbx_struct_oper_list.id 
_pdbx_struct_oper_list.type 
_pdbx_struct_oper_list.name 
_pdbx_struct_oper_list.symmetry_operation 
_pdbx_struct_oper_list.matrix[1][1] 
_pdbx_struct_oper_list.matrix[1][2] 
_pdbx_struct_oper_list.matrix[1][3] 
_pdbx_struct_oper_list.vector[1] 
_pdbx_struct_oper_list.matrix[2][1] 
_pdbx_struct_oper_list.matrix[2][2] 
_pdbx_struct_oper_list.matrix[2][3] 
_pdbx_struct_oper_list.vector[2] 
_pdbx_struct_oper_list.matrix[3][1] 
_pdbx_struct_oper_list.matrix[3][2] 
_pdbx_struct_oper_list.matrix[3][3] 
_pdbx_struct_oper_list.vector[3] 
1 'identity operation'         1_555 x,y,z  1.0000000000  0.0000000000  0.0000000000 0.0000000000  0.0000000000  1.0000000000 0.0000000000  0.0000000000  0.0000000000 0.0000000000  1.0000000000  0.0000000000  
2 'crystal symmetry operation' 7_555 y,x,-z -0.9992162277 -0.0333957714 0.0212521226 24.2117038357 -0.0333957714 0.4229612020 -0.9055321883 -2.0355496922 0.0212521226 -0.9055321883 -0.4237449743 -4.0916013923 
# 
loop_
_struct_conf.conf_type_id 
_struct_conf.id 
_struct_conf.pdbx_PDB_helix_id 
_struct_conf.beg_label_comp_id 
_struct_conf.beg_label_asym_id 
_struct_conf.beg_label_seq_id 
_struct_conf.pdbx_beg_PDB_ins_code 
_struct_conf.end_label_comp_id 
_struct_conf.end_label_asym_id 
_struct_conf.end_label_seq_id 
_struct_conf.pdbx_end_PDB_ins_code 
_struct_conf.beg_auth_comp_id 
_struct_conf.beg_auth_asym_id 
_struct_conf.beg_auth_seq_id 
_struct_conf.end_auth_comp_id 
_struct_conf.end_auth_asym_id 
_struct_conf.end_auth_seq_id 
_struct_conf.pdbx_PDB_helix_class 
_struct_conf.details 
_struct_conf.pdbx_PDB_helix_length 
HELX_P HELX_P1  AA1 ASP A 36  ? ARG A 52  ? ASP A 24  ARG A 40  1 ? 17 
HELX_P HELX_P2  AA2 PRO A 53  ? ILE A 57  ? PRO A 41  ILE A 45  5 ? 5  
HELX_P HELX_P3  AA3 SER A 58  ? GLY A 67  ? SER A 46  GLY A 55  1 ? 10 
HELX_P HELX_P4  AA4 SER A 69  ? PHE A 77  ? SER A 57  PHE A 65  1 ? 9  
HELX_P HELX_P5  AA5 SER A 79  ? ALA A 103 ? SER A 67  ALA A 91  1 ? 25 
HELX_P HELX_P6  AA6 ARG A 111 ? SER A 128 ? ARG A 99  SER A 116 1 ? 18 
HELX_P HELX_P7  AA7 HIS A 129 ? ARG A 140 ? HIS A 117 ARG A 128 1 ? 12 
HELX_P HELX_P8  AA8 SER A 143 ? ARG A 171 ? SER A 131 ARG A 159 1 ? 29 
HELX_P HELX_P9  AA9 PRO A 179 ? ALA A 200 ? PRO A 167 ALA A 188 1 ? 22 
HELX_P HELX_P10 AB1 PRO A 207 ? GLY A 225 ? PRO A 195 GLY A 213 1 ? 19 
# 
_struct_conf_type.id          HELX_P 
_struct_conf_type.criteria    ? 
_struct_conf_type.reference   ? 
# 
_struct_mon_prot_cis.pdbx_id                1 
_struct_mon_prot_cis.label_comp_id          GLN 
_struct_mon_prot_cis.label_seq_id           203 
_struct_mon_prot_cis.label_asym_id          A 
_struct_mon_prot_cis.label_alt_id           . 
_struct_mon_prot_cis.pdbx_PDB_ins_code      ? 
_struct_mon_prot_cis.auth_comp_id           GLN 
_struct_mon_prot_cis.auth_seq_id            191 
_struct_mon_prot_cis.auth_asym_id           A 
_struct_mon_prot_cis.pdbx_label_comp_id_2   PRO 
_struct_mon_prot_cis.pdbx_label_seq_id_2    204 
_struct_mon_prot_cis.pdbx_label_asym_id_2   A 
_struct_mon_prot_cis.pdbx_PDB_ins_code_2    ? 
_struct_mon_prot_cis.pdbx_auth_comp_id_2    PRO 
_struct_mon_prot_cis.pdbx_auth_seq_id_2     192 
_struct_mon_prot_cis.pdbx_auth_asym_id_2    A 
_struct_mon_prot_cis.pdbx_PDB_model_num     1 
_struct_mon_prot_cis.pdbx_omega_angle       3.23 
# 
_struct_site.id                   AC1 
_struct_site.pdbx_evidence_code   Software 
_struct_site.pdbx_auth_asym_id    A 
_struct_site.pdbx_auth_comp_id    GFK 
_struct_site.pdbx_auth_seq_id     301 
_struct_site.pdbx_auth_ins_code   ? 
_struct_site.pdbx_num_residues    15 
_struct_site.details              'binding site for residue GFK A 301' 
# 
loop_
_struct_site_gen.id 
_struct_site_gen.site_id 
_struct_site_gen.pdbx_num_res 
_struct_site_gen.label_comp_id 
_struct_site_gen.label_asym_id 
_struct_site_gen.label_seq_id 
_struct_site_gen.pdbx_auth_ins_code 
_struct_site_gen.auth_comp_id 
_struct_site_gen.auth_asym_id 
_struct_site_gen.auth_seq_id 
_struct_site_gen.label_atom_id 
_struct_site_gen.label_alt_id 
_struct_site_gen.symmetry 
_struct_site_gen.details 
1  AC1 15 LEU A 102 ? LEU A 90  . ? 1_555 ? 
2  AC1 15 ASN A 105 ? ASN A 93  . ? 1_555 ? 
3  AC1 15 MET A 114 ? MET A 102 . ? 1_555 ? 
4  AC1 15 TRP A 115 ? TRP A 103 . ? 1_555 ? 
5  AC1 15 GLY A 118 ? GLY A 106 . ? 1_555 ? 
6  AC1 15 PHE A 122 ? PHE A 110 . ? 1_555 ? 
7  AC1 15 PHE A 126 ? PHE A 114 . ? 1_555 ? 
8  AC1 15 MET A 154 ? MET A 142 . ? 1_555 ? 
9  AC1 15 TRP A 157 ? TRP A 145 . ? 1_555 ? 
10 AC1 15 TYR A 160 ? TYR A 148 . ? 1_555 ? 
11 AC1 15 THR A 161 ? THR A 149 . ? 1_555 ? 
12 AC1 15 ASN A 188 ? ASN A 176 . ? 1_555 ? 
13 AC1 15 ASN A 191 ? ASN A 179 . ? 1_555 ? 
14 AC1 15 GLU A 192 ? GLU A 180 . ? 1_555 ? 
15 AC1 15 TRP A 219 ? TRP A 207 . ? 1_555 ? 
# 
_pdbx_validate_symm_contact.id                1 
_pdbx_validate_symm_contact.PDB_model_num     1 
_pdbx_validate_symm_contact.auth_atom_id_1    O 
_pdbx_validate_symm_contact.auth_asym_id_1    A 
_pdbx_validate_symm_contact.auth_comp_id_1    HOH 
_pdbx_validate_symm_contact.auth_seq_id_1     401 
_pdbx_validate_symm_contact.PDB_ins_code_1    ? 
_pdbx_validate_symm_contact.label_alt_id_1    ? 
_pdbx_validate_symm_contact.site_symmetry_1   1_555 
_pdbx_validate_symm_contact.auth_atom_id_2    O 
_pdbx_validate_symm_contact.auth_asym_id_2    A 
_pdbx_validate_symm_contact.auth_comp_id_2    HOH 
_pdbx_validate_symm_contact.auth_seq_id_2     401 
_pdbx_validate_symm_contact.PDB_ins_code_2    ? 
_pdbx_validate_symm_contact.label_alt_id_2    ? 
_pdbx_validate_symm_contact.site_symmetry_2   7_556 
_pdbx_validate_symm_contact.dist              0.99 
# 
_pdbx_validate_torsion.id              1 
_pdbx_validate_torsion.PDB_model_num   1 
_pdbx_validate_torsion.auth_comp_id    THR 
_pdbx_validate_torsion.auth_asym_id    A 
_pdbx_validate_torsion.auth_seq_id     165 
_pdbx_validate_torsion.PDB_ins_code    ? 
_pdbx_validate_torsion.label_alt_id    ? 
_pdbx_validate_torsion.phi             -107.48 
_pdbx_validate_torsion.psi             -110.02 
# 
loop_
_pdbx_unobs_or_zero_occ_residues.id 
_pdbx_unobs_or_zero_occ_residues.PDB_model_num 
_pdbx_unobs_or_zero_occ_residues.polymer_flag 
_pdbx_unobs_or_zero_occ_residues.occupancy_flag 
_pdbx_unobs_or_zero_occ_residues.auth_asym_id 
_pdbx_unobs_or_zero_occ_residues.auth_comp_id 
_pdbx_unobs_or_zero_occ_residues.auth_seq_id 
_pdbx_unobs_or_zero_occ_residues.PDB_ins_code 
_pdbx_unobs_or_zero_occ_residues.label_asym_id 
_pdbx_unobs_or_zero_occ_residues.label_comp_id 
_pdbx_unobs_or_zero_occ_residues.label_seq_id 
1  1 Y 1 A MET -11 ? A MET 1   
2  1 Y 1 A THR -10 ? A THR 2   
3  1 Y 1 A THR -9  ? A THR 3   
4  1 Y 1 A SER -8  ? A SER 4   
5  1 Y 1 A ALA -7  ? A ALA 5   
6  1 Y 1 A ALA -6  ? A ALA 6   
7  1 Y 1 A SER -5  ? A SER 7   
8  1 Y 1 A GLN -4  ? A GLN 8   
9  1 Y 1 A ALA -3  ? A ALA 9   
10 1 Y 1 A SER -2  ? A SER 10  
11 1 Y 1 A LEU -1  ? A LEU 11  
12 1 Y 1 A PRO 0   ? A PRO 12  
13 1 Y 1 A MET 1   ? A MET 13  
14 1 Y 1 A THR 2   ? A THR 14  
15 1 Y 1 A THR 3   ? A THR 15  
16 1 Y 1 A SER 4   ? A SER 16  
17 1 Y 1 A ALA 5   ? A ALA 17  
18 1 Y 1 A ALA 6   ? A ALA 18  
19 1 Y 1 A SER 7   ? A SER 19  
20 1 Y 1 A GLN 8   ? A GLN 20  
21 1 Y 1 A ALA 9   ? A ALA 21  
22 1 Y 1 A SER 10  ? A SER 22  
23 1 Y 1 A LEU 11  ? A LEU 23  
24 1 Y 1 A PRO 12  ? A PRO 24  
25 1 Y 1 A ARG 13  ? A ARG 25  
26 1 Y 1 A GLY 14  ? A GLY 26  
27 1 Y 1 A ARG 15  ? A ARG 27  
28 1 Y 1 A ARG 16  ? A ARG 28  
29 1 Y 1 A THR 17  ? A THR 29  
30 1 Y 1 A ALA 18  ? A ALA 30  
31 1 Y 1 A ARG 19  ? A ARG 31  
32 1 Y 1 A PRO 20  ? A PRO 32  
33 1 Y 1 A SER 21  ? A SER 33  
34 1 Y 1 A GLY 22  ? A GLY 34  
35 1 Y 1 A ASP 23  ? A ASP 35  
36 1 Y 1 A PRO 94  ? A PRO 106 
37 1 Y 1 A ALA 95  ? A ALA 107 
38 1 Y 1 A ASP 96  ? A ASP 108 
39 1 Y 1 A THR 97  ? A THR 109 
40 1 Y 1 A ASN 215 ? A ASN 227 
41 1 Y 1 A ARG 216 ? A ARG 228 
# 
loop_
_chem_comp_atom.comp_id 
_chem_comp_atom.atom_id 
_chem_comp_atom.type_symbol 
_chem_comp_atom.pdbx_aromatic_flag 
_chem_comp_atom.pdbx_stereo_config 
_chem_comp_atom.pdbx_ordinal 
ALA N    N N N 1   
ALA CA   C N S 2   
ALA C    C N N 3   
ALA O    O N N 4   
ALA CB   C N N 5   
ALA OXT  O N N 6   
ALA H    H N N 7   
ALA H2   H N N 8   
ALA HA   H N N 9   
ALA HB1  H N N 10  
ALA HB2  H N N 11  
ALA HB3  H N N 12  
ALA HXT  H N N 13  
ARG N    N N N 14  
ARG CA   C N S 15  
ARG C    C N N 16  
ARG O    O N N 17  
ARG CB   C N N 18  
ARG CG   C N N 19  
ARG CD   C N N 20  
ARG NE   N N N 21  
ARG CZ   C N N 22  
ARG NH1  N N N 23  
ARG NH2  N N N 24  
ARG OXT  O N N 25  
ARG H    H N N 26  
ARG H2   H N N 27  
ARG HA   H N N 28  
ARG HB2  H N N 29  
ARG HB3  H N N 30  
ARG HG2  H N N 31  
ARG HG3  H N N 32  
ARG HD2  H N N 33  
ARG HD3  H N N 34  
ARG HE   H N N 35  
ARG HH11 H N N 36  
ARG HH12 H N N 37  
ARG HH21 H N N 38  
ARG HH22 H N N 39  
ARG HXT  H N N 40  
ASN N    N N N 41  
ASN CA   C N S 42  
ASN C    C N N 43  
ASN O    O N N 44  
ASN CB   C N N 45  
ASN CG   C N N 46  
ASN OD1  O N N 47  
ASN ND2  N N N 48  
ASN OXT  O N N 49  
ASN H    H N N 50  
ASN H2   H N N 51  
ASN HA   H N N 52  
ASN HB2  H N N 53  
ASN HB3  H N N 54  
ASN HD21 H N N 55  
ASN HD22 H N N 56  
ASN HXT  H N N 57  
ASP N    N N N 58  
ASP CA   C N S 59  
ASP C    C N N 60  
ASP O    O N N 61  
ASP CB   C N N 62  
ASP CG   C N N 63  
ASP OD1  O N N 64  
ASP OD2  O N N 65  
ASP OXT  O N N 66  
ASP H    H N N 67  
ASP H2   H N N 68  
ASP HA   H N N 69  
ASP HB2  H N N 70  
ASP HB3  H N N 71  
ASP HD2  H N N 72  
ASP HXT  H N N 73  
GFK C4   C Y N 74  
GFK C14  C N N 75  
GFK C5   C Y N 76  
GFK C6   C Y N 77  
GFK C11  C N N 78  
GFK C7   C Y N 79  
GFK C8   C Y N 80  
GFK C9   C Y N 81  
GFK C10  C Y N 82  
GFK C12  C N N 83  
GFK C13  C N N 84  
GFK N1   N Y N 85  
GFK N2   N Y N 86  
GFK C3   C Y N 87  
GFK N3   N Y N 88  
GFK C1   C N N 89  
GFK O1   O N N 90  
GFK C2   C Y N 91  
GFK S1   S Y N 92  
GFK O2   O Y N 93  
GFK N4   N N N 94  
GFK C15  C N N 95  
GFK C16  C N N 96  
GFK O3   O N N 97  
GFK C17  C N N 98  
GFK C18  C N N 99  
GFK C19  C N N 100 
GFK F1   F N N 101 
GFK F2   F N N 102 
GFK F3   F N N 103 
GFK H1   H N N 104 
GFK H2   H N N 105 
GFK H3   H N N 106 
GFK H4   H N N 107 
GFK H5   H N N 108 
GFK H6   H N N 109 
GFK H7   H N N 110 
GFK H8   H N N 111 
GFK H9   H N N 112 
GFK H10  H N N 113 
GFK H11  H N N 114 
GFK H12  H N N 115 
GFK H13  H N N 116 
GFK H14  H N N 117 
GFK H15  H N N 118 
GFK H16  H N N 119 
GFK H17  H N N 120 
GFK H18  H N N 121 
GFK H19  H N N 122 
GLN N    N N N 123 
GLN CA   C N S 124 
GLN C    C N N 125 
GLN O    O N N 126 
GLN CB   C N N 127 
GLN CG   C N N 128 
GLN CD   C N N 129 
GLN OE1  O N N 130 
GLN NE2  N N N 131 
GLN OXT  O N N 132 
GLN H    H N N 133 
GLN H2   H N N 134 
GLN HA   H N N 135 
GLN HB2  H N N 136 
GLN HB3  H N N 137 
GLN HG2  H N N 138 
GLN HG3  H N N 139 
GLN HE21 H N N 140 
GLN HE22 H N N 141 
GLN HXT  H N N 142 
GLU N    N N N 143 
GLU CA   C N S 144 
GLU C    C N N 145 
GLU O    O N N 146 
GLU CB   C N N 147 
GLU CG   C N N 148 
GLU CD   C N N 149 
GLU OE1  O N N 150 
GLU OE2  O N N 151 
GLU OXT  O N N 152 
GLU H    H N N 153 
GLU H2   H N N 154 
GLU HA   H N N 155 
GLU HB2  H N N 156 
GLU HB3  H N N 157 
GLU HG2  H N N 158 
GLU HG3  H N N 159 
GLU HE2  H N N 160 
GLU HXT  H N N 161 
GLY N    N N N 162 
GLY CA   C N N 163 
GLY C    C N N 164 
GLY O    O N N 165 
GLY OXT  O N N 166 
GLY H    H N N 167 
GLY H2   H N N 168 
GLY HA2  H N N 169 
GLY HA3  H N N 170 
GLY HXT  H N N 171 
HIS N    N N N 172 
HIS CA   C N S 173 
HIS C    C N N 174 
HIS O    O N N 175 
HIS CB   C N N 176 
HIS CG   C Y N 177 
HIS ND1  N Y N 178 
HIS CD2  C Y N 179 
HIS CE1  C Y N 180 
HIS NE2  N Y N 181 
HIS OXT  O N N 182 
HIS H    H N N 183 
HIS H2   H N N 184 
HIS HA   H N N 185 
HIS HB2  H N N 186 
HIS HB3  H N N 187 
HIS HD1  H N N 188 
HIS HD2  H N N 189 
HIS HE1  H N N 190 
HIS HE2  H N N 191 
HIS HXT  H N N 192 
HOH O    O N N 193 
HOH H1   H N N 194 
HOH H2   H N N 195 
ILE N    N N N 196 
ILE CA   C N S 197 
ILE C    C N N 198 
ILE O    O N N 199 
ILE CB   C N S 200 
ILE CG1  C N N 201 
ILE CG2  C N N 202 
ILE CD1  C N N 203 
ILE OXT  O N N 204 
ILE H    H N N 205 
ILE H2   H N N 206 
ILE HA   H N N 207 
ILE HB   H N N 208 
ILE HG12 H N N 209 
ILE HG13 H N N 210 
ILE HG21 H N N 211 
ILE HG22 H N N 212 
ILE HG23 H N N 213 
ILE HD11 H N N 214 
ILE HD12 H N N 215 
ILE HD13 H N N 216 
ILE HXT  H N N 217 
LEU N    N N N 218 
LEU CA   C N S 219 
LEU C    C N N 220 
LEU O    O N N 221 
LEU CB   C N N 222 
LEU CG   C N N 223 
LEU CD1  C N N 224 
LEU CD2  C N N 225 
LEU OXT  O N N 226 
LEU H    H N N 227 
LEU H2   H N N 228 
LEU HA   H N N 229 
LEU HB2  H N N 230 
LEU HB3  H N N 231 
LEU HG   H N N 232 
LEU HD11 H N N 233 
LEU HD12 H N N 234 
LEU HD13 H N N 235 
LEU HD21 H N N 236 
LEU HD22 H N N 237 
LEU HD23 H N N 238 
LEU HXT  H N N 239 
LYS N    N N N 240 
LYS CA   C N S 241 
LYS C    C N N 242 
LYS O    O N N 243 
LYS CB   C N N 244 
LYS CG   C N N 245 
LYS CD   C N N 246 
LYS CE   C N N 247 
LYS NZ   N N N 248 
LYS OXT  O N N 249 
LYS H    H N N 250 
LYS H2   H N N 251 
LYS HA   H N N 252 
LYS HB2  H N N 253 
LYS HB3  H N N 254 
LYS HG2  H N N 255 
LYS HG3  H N N 256 
LYS HD2  H N N 257 
LYS HD3  H N N 258 
LYS HE2  H N N 259 
LYS HE3  H N N 260 
LYS HZ1  H N N 261 
LYS HZ2  H N N 262 
LYS HZ3  H N N 263 
LYS HXT  H N N 264 
MET N    N N N 265 
MET CA   C N S 266 
MET C    C N N 267 
MET O    O N N 268 
MET CB   C N N 269 
MET CG   C N N 270 
MET SD   S N N 271 
MET CE   C N N 272 
MET OXT  O N N 273 
MET H    H N N 274 
MET H2   H N N 275 
MET HA   H N N 276 
MET HB2  H N N 277 
MET HB3  H N N 278 
MET HG2  H N N 279 
MET HG3  H N N 280 
MET HE1  H N N 281 
MET HE2  H N N 282 
MET HE3  H N N 283 
MET HXT  H N N 284 
PHE N    N N N 285 
PHE CA   C N S 286 
PHE C    C N N 287 
PHE O    O N N 288 
PHE CB   C N N 289 
PHE CG   C Y N 290 
PHE CD1  C Y N 291 
PHE CD2  C Y N 292 
PHE CE1  C Y N 293 
PHE CE2  C Y N 294 
PHE CZ   C Y N 295 
PHE OXT  O N N 296 
PHE H    H N N 297 
PHE H2   H N N 298 
PHE HA   H N N 299 
PHE HB2  H N N 300 
PHE HB3  H N N 301 
PHE HD1  H N N 302 
PHE HD2  H N N 303 
PHE HE1  H N N 304 
PHE HE2  H N N 305 
PHE HZ   H N N 306 
PHE HXT  H N N 307 
PRO N    N N N 308 
PRO CA   C N S 309 
PRO C    C N N 310 
PRO O    O N N 311 
PRO CB   C N N 312 
PRO CG   C N N 313 
PRO CD   C N N 314 
PRO OXT  O N N 315 
PRO H    H N N 316 
PRO HA   H N N 317 
PRO HB2  H N N 318 
PRO HB3  H N N 319 
PRO HG2  H N N 320 
PRO HG3  H N N 321 
PRO HD2  H N N 322 
PRO HD3  H N N 323 
PRO HXT  H N N 324 
SER N    N N N 325 
SER CA   C N S 326 
SER C    C N N 327 
SER O    O N N 328 
SER CB   C N N 329 
SER OG   O N N 330 
SER OXT  O N N 331 
SER H    H N N 332 
SER H2   H N N 333 
SER HA   H N N 334 
SER HB2  H N N 335 
SER HB3  H N N 336 
SER HG   H N N 337 
SER HXT  H N N 338 
THR N    N N N 339 
THR CA   C N S 340 
THR C    C N N 341 
THR O    O N N 342 
THR CB   C N R 343 
THR OG1  O N N 344 
THR CG2  C N N 345 
THR OXT  O N N 346 
THR H    H N N 347 
THR H2   H N N 348 
THR HA   H N N 349 
THR HB   H N N 350 
THR HG1  H N N 351 
THR HG21 H N N 352 
THR HG22 H N N 353 
THR HG23 H N N 354 
THR HXT  H N N 355 
TRP N    N N N 356 
TRP CA   C N S 357 
TRP C    C N N 358 
TRP O    O N N 359 
TRP CB   C N N 360 
TRP CG   C Y N 361 
TRP CD1  C Y N 362 
TRP CD2  C Y N 363 
TRP NE1  N Y N 364 
TRP CE2  C Y N 365 
TRP CE3  C Y N 366 
TRP CZ2  C Y N 367 
TRP CZ3  C Y N 368 
TRP CH2  C Y N 369 
TRP OXT  O N N 370 
TRP H    H N N 371 
TRP H2   H N N 372 
TRP HA   H N N 373 
TRP HB2  H N N 374 
TRP HB3  H N N 375 
TRP HD1  H N N 376 
TRP HE1  H N N 377 
TRP HE3  H N N 378 
TRP HZ2  H N N 379 
TRP HZ3  H N N 380 
TRP HH2  H N N 381 
TRP HXT  H N N 382 
TYR N    N N N 383 
TYR CA   C N S 384 
TYR C    C N N 385 
TYR O    O N N 386 
TYR CB   C N N 387 
TYR CG   C Y N 388 
TYR CD1  C Y N 389 
TYR CD2  C Y N 390 
TYR CE1  C Y N 391 
TYR CE2  C Y N 392 
TYR CZ   C Y N 393 
TYR OH   O N N 394 
TYR OXT  O N N 395 
TYR H    H N N 396 
TYR H2   H N N 397 
TYR HA   H N N 398 
TYR HB2  H N N 399 
TYR HB3  H N N 400 
TYR HD1  H N N 401 
TYR HD2  H N N 402 
TYR HE1  H N N 403 
TYR HE2  H N N 404 
TYR HH   H N N 405 
TYR HXT  H N N 406 
VAL N    N N N 407 
VAL CA   C N S 408 
VAL C    C N N 409 
VAL O    O N N 410 
VAL CB   C N N 411 
VAL CG1  C N N 412 
VAL CG2  C N N 413 
VAL OXT  O N N 414 
VAL H    H N N 415 
VAL H2   H N N 416 
VAL HA   H N N 417 
VAL HB   H N N 418 
VAL HG11 H N N 419 
VAL HG12 H N N 420 
VAL HG13 H N N 421 
VAL HG21 H N N 422 
VAL HG22 H N N 423 
VAL HG23 H N N 424 
VAL HXT  H N N 425 
# 
loop_
_chem_comp_bond.comp_id 
_chem_comp_bond.atom_id_1 
_chem_comp_bond.atom_id_2 
_chem_comp_bond.value_order 
_chem_comp_bond.pdbx_aromatic_flag 
_chem_comp_bond.pdbx_stereo_config 
_chem_comp_bond.pdbx_ordinal 
ALA N   CA   sing N N 1   
ALA N   H    sing N N 2   
ALA N   H2   sing N N 3   
ALA CA  C    sing N N 4   
ALA CA  CB   sing N N 5   
ALA CA  HA   sing N N 6   
ALA C   O    doub N N 7   
ALA C   OXT  sing N N 8   
ALA CB  HB1  sing N N 9   
ALA CB  HB2  sing N N 10  
ALA CB  HB3  sing N N 11  
ALA OXT HXT  sing N N 12  
ARG N   CA   sing N N 13  
ARG N   H    sing N N 14  
ARG N   H2   sing N N 15  
ARG CA  C    sing N N 16  
ARG CA  CB   sing N N 17  
ARG CA  HA   sing N N 18  
ARG C   O    doub N N 19  
ARG C   OXT  sing N N 20  
ARG CB  CG   sing N N 21  
ARG CB  HB2  sing N N 22  
ARG CB  HB3  sing N N 23  
ARG CG  CD   sing N N 24  
ARG CG  HG2  sing N N 25  
ARG CG  HG3  sing N N 26  
ARG CD  NE   sing N N 27  
ARG CD  HD2  sing N N 28  
ARG CD  HD3  sing N N 29  
ARG NE  CZ   sing N N 30  
ARG NE  HE   sing N N 31  
ARG CZ  NH1  sing N N 32  
ARG CZ  NH2  doub N N 33  
ARG NH1 HH11 sing N N 34  
ARG NH1 HH12 sing N N 35  
ARG NH2 HH21 sing N N 36  
ARG NH2 HH22 sing N N 37  
ARG OXT HXT  sing N N 38  
ASN N   CA   sing N N 39  
ASN N   H    sing N N 40  
ASN N   H2   sing N N 41  
ASN CA  C    sing N N 42  
ASN CA  CB   sing N N 43  
ASN CA  HA   sing N N 44  
ASN C   O    doub N N 45  
ASN C   OXT  sing N N 46  
ASN CB  CG   sing N N 47  
ASN CB  HB2  sing N N 48  
ASN CB  HB3  sing N N 49  
ASN CG  OD1  doub N N 50  
ASN CG  ND2  sing N N 51  
ASN ND2 HD21 sing N N 52  
ASN ND2 HD22 sing N N 53  
ASN OXT HXT  sing N N 54  
ASP N   CA   sing N N 55  
ASP N   H    sing N N 56  
ASP N   H2   sing N N 57  
ASP CA  C    sing N N 58  
ASP CA  CB   sing N N 59  
ASP CA  HA   sing N N 60  
ASP C   O    doub N N 61  
ASP C   OXT  sing N N 62  
ASP CB  CG   sing N N 63  
ASP CB  HB2  sing N N 64  
ASP CB  HB3  sing N N 65  
ASP CG  OD1  doub N N 66  
ASP CG  OD2  sing N N 67  
ASP OD2 HD2  sing N N 68  
ASP OXT HXT  sing N N 69  
GFK O3  C16  doub N N 70  
GFK F3  C19  sing N N 71  
GFK C18 C19  sing N N 72  
GFK C18 C17  sing N N 73  
GFK C19 F2   sing N N 74  
GFK C19 F1   sing N N 75  
GFK C4  C3   doub Y N 76  
GFK C4  C5   sing Y N 77  
GFK C16 C17  sing N N 78  
GFK C16 N4   sing N N 79  
GFK C14 C15  sing N N 80  
GFK C14 N4   sing N N 81  
GFK C3  C2   sing Y N 82  
GFK C1  O1   sing N N 83  
GFK C15 C11  sing N N 84  
GFK N4  C13  sing N N 85  
GFK C5  N1   sing Y N 86  
GFK C5  C7   doub Y N 87  
GFK N1  C6   doub Y N 88  
GFK O1  C2   sing N N 89  
GFK C2  C8   doub Y N 90  
GFK N3  C10  doub Y N 91  
GFK N3  C9   sing Y N 92  
GFK C11 C12  sing N N 93  
GFK C11 C10  sing N N 94  
GFK C13 C12  sing N N 95  
GFK C7  C8   sing Y N 96  
GFK C7  S1   sing Y N 97  
GFK C6  C9   sing N N 98  
GFK C6  S1   sing Y N 99  
GFK C10 O2   sing Y N 100 
GFK C9  N2   doub Y N 101 
GFK O2  N2   sing Y N 102 
GFK C4  H1   sing N N 103 
GFK C14 H2   sing N N 104 
GFK C14 H3   sing N N 105 
GFK C11 H4   sing N N 106 
GFK C8  H5   sing N N 107 
GFK C12 H6   sing N N 108 
GFK C12 H7   sing N N 109 
GFK C13 H8   sing N N 110 
GFK C13 H9   sing N N 111 
GFK C3  H10  sing N N 112 
GFK C1  H11  sing N N 113 
GFK C1  H12  sing N N 114 
GFK C1  H13  sing N N 115 
GFK C15 H14  sing N N 116 
GFK C15 H15  sing N N 117 
GFK C17 H16  sing N N 118 
GFK C17 H17  sing N N 119 
GFK C18 H18  sing N N 120 
GFK C18 H19  sing N N 121 
GLN N   CA   sing N N 122 
GLN N   H    sing N N 123 
GLN N   H2   sing N N 124 
GLN CA  C    sing N N 125 
GLN CA  CB   sing N N 126 
GLN CA  HA   sing N N 127 
GLN C   O    doub N N 128 
GLN C   OXT  sing N N 129 
GLN CB  CG   sing N N 130 
GLN CB  HB2  sing N N 131 
GLN CB  HB3  sing N N 132 
GLN CG  CD   sing N N 133 
GLN CG  HG2  sing N N 134 
GLN CG  HG3  sing N N 135 
GLN CD  OE1  doub N N 136 
GLN CD  NE2  sing N N 137 
GLN NE2 HE21 sing N N 138 
GLN NE2 HE22 sing N N 139 
GLN OXT HXT  sing N N 140 
GLU N   CA   sing N N 141 
GLU N   H    sing N N 142 
GLU N   H2   sing N N 143 
GLU CA  C    sing N N 144 
GLU CA  CB   sing N N 145 
GLU CA  HA   sing N N 146 
GLU C   O    doub N N 147 
GLU C   OXT  sing N N 148 
GLU CB  CG   sing N N 149 
GLU CB  HB2  sing N N 150 
GLU CB  HB3  sing N N 151 
GLU CG  CD   sing N N 152 
GLU CG  HG2  sing N N 153 
GLU CG  HG3  sing N N 154 
GLU CD  OE1  doub N N 155 
GLU CD  OE2  sing N N 156 
GLU OE2 HE2  sing N N 157 
GLU OXT HXT  sing N N 158 
GLY N   CA   sing N N 159 
GLY N   H    sing N N 160 
GLY N   H2   sing N N 161 
GLY CA  C    sing N N 162 
GLY CA  HA2  sing N N 163 
GLY CA  HA3  sing N N 164 
GLY C   O    doub N N 165 
GLY C   OXT  sing N N 166 
GLY OXT HXT  sing N N 167 
HIS N   CA   sing N N 168 
HIS N   H    sing N N 169 
HIS N   H2   sing N N 170 
HIS CA  C    sing N N 171 
HIS CA  CB   sing N N 172 
HIS CA  HA   sing N N 173 
HIS C   O    doub N N 174 
HIS C   OXT  sing N N 175 
HIS CB  CG   sing N N 176 
HIS CB  HB2  sing N N 177 
HIS CB  HB3  sing N N 178 
HIS CG  ND1  sing Y N 179 
HIS CG  CD2  doub Y N 180 
HIS ND1 CE1  doub Y N 181 
HIS ND1 HD1  sing N N 182 
HIS CD2 NE2  sing Y N 183 
HIS CD2 HD2  sing N N 184 
HIS CE1 NE2  sing Y N 185 
HIS CE1 HE1  sing N N 186 
HIS NE2 HE2  sing N N 187 
HIS OXT HXT  sing N N 188 
HOH O   H1   sing N N 189 
HOH O   H2   sing N N 190 
ILE N   CA   sing N N 191 
ILE N   H    sing N N 192 
ILE N   H2   sing N N 193 
ILE CA  C    sing N N 194 
ILE CA  CB   sing N N 195 
ILE CA  HA   sing N N 196 
ILE C   O    doub N N 197 
ILE C   OXT  sing N N 198 
ILE CB  CG1  sing N N 199 
ILE CB  CG2  sing N N 200 
ILE CB  HB   sing N N 201 
ILE CG1 CD1  sing N N 202 
ILE CG1 HG12 sing N N 203 
ILE CG1 HG13 sing N N 204 
ILE CG2 HG21 sing N N 205 
ILE CG2 HG22 sing N N 206 
ILE CG2 HG23 sing N N 207 
ILE CD1 HD11 sing N N 208 
ILE CD1 HD12 sing N N 209 
ILE CD1 HD13 sing N N 210 
ILE OXT HXT  sing N N 211 
LEU N   CA   sing N N 212 
LEU N   H    sing N N 213 
LEU N   H2   sing N N 214 
LEU CA  C    sing N N 215 
LEU CA  CB   sing N N 216 
LEU CA  HA   sing N N 217 
LEU C   O    doub N N 218 
LEU C   OXT  sing N N 219 
LEU CB  CG   sing N N 220 
LEU CB  HB2  sing N N 221 
LEU CB  HB3  sing N N 222 
LEU CG  CD1  sing N N 223 
LEU CG  CD2  sing N N 224 
LEU CG  HG   sing N N 225 
LEU CD1 HD11 sing N N 226 
LEU CD1 HD12 sing N N 227 
LEU CD1 HD13 sing N N 228 
LEU CD2 HD21 sing N N 229 
LEU CD2 HD22 sing N N 230 
LEU CD2 HD23 sing N N 231 
LEU OXT HXT  sing N N 232 
LYS N   CA   sing N N 233 
LYS N   H    sing N N 234 
LYS N   H2   sing N N 235 
LYS CA  C    sing N N 236 
LYS CA  CB   sing N N 237 
LYS CA  HA   sing N N 238 
LYS C   O    doub N N 239 
LYS C   OXT  sing N N 240 
LYS CB  CG   sing N N 241 
LYS CB  HB2  sing N N 242 
LYS CB  HB3  sing N N 243 
LYS CG  CD   sing N N 244 
LYS CG  HG2  sing N N 245 
LYS CG  HG3  sing N N 246 
LYS CD  CE   sing N N 247 
LYS CD  HD2  sing N N 248 
LYS CD  HD3  sing N N 249 
LYS CE  NZ   sing N N 250 
LYS CE  HE2  sing N N 251 
LYS CE  HE3  sing N N 252 
LYS NZ  HZ1  sing N N 253 
LYS NZ  HZ2  sing N N 254 
LYS NZ  HZ3  sing N N 255 
LYS OXT HXT  sing N N 256 
MET N   CA   sing N N 257 
MET N   H    sing N N 258 
MET N   H2   sing N N 259 
MET CA  C    sing N N 260 
MET CA  CB   sing N N 261 
MET CA  HA   sing N N 262 
MET C   O    doub N N 263 
MET C   OXT  sing N N 264 
MET CB  CG   sing N N 265 
MET CB  HB2  sing N N 266 
MET CB  HB3  sing N N 267 
MET CG  SD   sing N N 268 
MET CG  HG2  sing N N 269 
MET CG  HG3  sing N N 270 
MET SD  CE   sing N N 271 
MET CE  HE1  sing N N 272 
MET CE  HE2  sing N N 273 
MET CE  HE3  sing N N 274 
MET OXT HXT  sing N N 275 
PHE N   CA   sing N N 276 
PHE N   H    sing N N 277 
PHE N   H2   sing N N 278 
PHE CA  C    sing N N 279 
PHE CA  CB   sing N N 280 
PHE CA  HA   sing N N 281 
PHE C   O    doub N N 282 
PHE C   OXT  sing N N 283 
PHE CB  CG   sing N N 284 
PHE CB  HB2  sing N N 285 
PHE CB  HB3  sing N N 286 
PHE CG  CD1  doub Y N 287 
PHE CG  CD2  sing Y N 288 
PHE CD1 CE1  sing Y N 289 
PHE CD1 HD1  sing N N 290 
PHE CD2 CE2  doub Y N 291 
PHE CD2 HD2  sing N N 292 
PHE CE1 CZ   doub Y N 293 
PHE CE1 HE1  sing N N 294 
PHE CE2 CZ   sing Y N 295 
PHE CE2 HE2  sing N N 296 
PHE CZ  HZ   sing N N 297 
PHE OXT HXT  sing N N 298 
PRO N   CA   sing N N 299 
PRO N   CD   sing N N 300 
PRO N   H    sing N N 301 
PRO CA  C    sing N N 302 
PRO CA  CB   sing N N 303 
PRO CA  HA   sing N N 304 
PRO C   O    doub N N 305 
PRO C   OXT  sing N N 306 
PRO CB  CG   sing N N 307 
PRO CB  HB2  sing N N 308 
PRO CB  HB3  sing N N 309 
PRO CG  CD   sing N N 310 
PRO CG  HG2  sing N N 311 
PRO CG  HG3  sing N N 312 
PRO CD  HD2  sing N N 313 
PRO CD  HD3  sing N N 314 
PRO OXT HXT  sing N N 315 
SER N   CA   sing N N 316 
SER N   H    sing N N 317 
SER N   H2   sing N N 318 
SER CA  C    sing N N 319 
SER CA  CB   sing N N 320 
SER CA  HA   sing N N 321 
SER C   O    doub N N 322 
SER C   OXT  sing N N 323 
SER CB  OG   sing N N 324 
SER CB  HB2  sing N N 325 
SER CB  HB3  sing N N 326 
SER OG  HG   sing N N 327 
SER OXT HXT  sing N N 328 
THR N   CA   sing N N 329 
THR N   H    sing N N 330 
THR N   H2   sing N N 331 
THR CA  C    sing N N 332 
THR CA  CB   sing N N 333 
THR CA  HA   sing N N 334 
THR C   O    doub N N 335 
THR C   OXT  sing N N 336 
THR CB  OG1  sing N N 337 
THR CB  CG2  sing N N 338 
THR CB  HB   sing N N 339 
THR OG1 HG1  sing N N 340 
THR CG2 HG21 sing N N 341 
THR CG2 HG22 sing N N 342 
THR CG2 HG23 sing N N 343 
THR OXT HXT  sing N N 344 
TRP N   CA   sing N N 345 
TRP N   H    sing N N 346 
TRP N   H2   sing N N 347 
TRP CA  C    sing N N 348 
TRP CA  CB   sing N N 349 
TRP CA  HA   sing N N 350 
TRP C   O    doub N N 351 
TRP C   OXT  sing N N 352 
TRP CB  CG   sing N N 353 
TRP CB  HB2  sing N N 354 
TRP CB  HB3  sing N N 355 
TRP CG  CD1  doub Y N 356 
TRP CG  CD2  sing Y N 357 
TRP CD1 NE1  sing Y N 358 
TRP CD1 HD1  sing N N 359 
TRP CD2 CE2  doub Y N 360 
TRP CD2 CE3  sing Y N 361 
TRP NE1 CE2  sing Y N 362 
TRP NE1 HE1  sing N N 363 
TRP CE2 CZ2  sing Y N 364 
TRP CE3 CZ3  doub Y N 365 
TRP CE3 HE3  sing N N 366 
TRP CZ2 CH2  doub Y N 367 
TRP CZ2 HZ2  sing N N 368 
TRP CZ3 CH2  sing Y N 369 
TRP CZ3 HZ3  sing N N 370 
TRP CH2 HH2  sing N N 371 
TRP OXT HXT  sing N N 372 
TYR N   CA   sing N N 373 
TYR N   H    sing N N 374 
TYR N   H2   sing N N 375 
TYR CA  C    sing N N 376 
TYR CA  CB   sing N N 377 
TYR CA  HA   sing N N 378 
TYR C   O    doub N N 379 
TYR C   OXT  sing N N 380 
TYR CB  CG   sing N N 381 
TYR CB  HB2  sing N N 382 
TYR CB  HB3  sing N N 383 
TYR CG  CD1  doub Y N 384 
TYR CG  CD2  sing Y N 385 
TYR CD1 CE1  sing Y N 386 
TYR CD1 HD1  sing N N 387 
TYR CD2 CE2  doub Y N 388 
TYR CD2 HD2  sing N N 389 
TYR CE1 CZ   doub Y N 390 
TYR CE1 HE1  sing N N 391 
TYR CE2 CZ   sing Y N 392 
TYR CE2 HE2  sing N N 393 
TYR CZ  OH   sing N N 394 
TYR OH  HH   sing N N 395 
TYR OXT HXT  sing N N 396 
VAL N   CA   sing N N 397 
VAL N   H    sing N N 398 
VAL N   H2   sing N N 399 
VAL CA  C    sing N N 400 
VAL CA  CB   sing N N 401 
VAL CA  HA   sing N N 402 
VAL C   O    doub N N 403 
VAL C   OXT  sing N N 404 
VAL CB  CG1  sing N N 405 
VAL CB  CG2  sing N N 406 
VAL CB  HB   sing N N 407 
VAL CG1 HG11 sing N N 408 
VAL CG1 HG12 sing N N 409 
VAL CG1 HG13 sing N N 410 
VAL CG2 HG21 sing N N 411 
VAL CG2 HG22 sing N N 412 
VAL CG2 HG23 sing N N 413 
VAL OXT HXT  sing N N 414 
# 
_pdbx_initial_refinement_model.id               1 
_pdbx_initial_refinement_model.entity_id_list   ? 
_pdbx_initial_refinement_model.type             'experimental model' 
_pdbx_initial_refinement_model.source_name      PDB 
_pdbx_initial_refinement_model.accession_code   1U9N 
_pdbx_initial_refinement_model.details          ? 
# 
_atom_sites.entry_id                    6HO0 
_atom_sites.fract_transf_matrix[1][1]   -0.00581180 
_atom_sites.fract_transf_matrix[1][2]   0.00546918 
_atom_sites.fract_transf_matrix[1][3]   -0.00204346 
_atom_sites.fract_transf_matrix[2][1]   0.00558116 
_atom_sites.fract_transf_matrix[2][2]   0.00435776 
_atom_sites.fract_transf_matrix[2][3]   -0.00421013 
_atom_sites.fract_transf_matrix[3][1]   -0.00617157 
_atom_sites.fract_transf_matrix[3][2]   -0.01567829 
_atom_sites.fract_transf_matrix[3][3]   -0.02440940 
_atom_sites.fract_transf_vector[1]      -0.144986 
_atom_sites.fract_transf_vector[2]      -0.288471 
_atom_sites.fract_transf_vector[3]      0.008818 
# 
loop_
_atom_type.symbol 
C 
F 
N 
O 
S 
# 
loop_
_atom_site.group_PDB 
_atom_site.id 
_atom_site.type_symbol 
_atom_site.label_atom_id 
_atom_site.label_alt_id 
_atom_site.label_comp_id 
_atom_site.label_asym_id 
_atom_site.label_entity_id 
_atom_site.label_seq_id 
_atom_site.pdbx_PDB_ins_code 
_atom_site.Cartn_x 
_atom_site.Cartn_y 
_atom_site.Cartn_z 
_atom_site.occupancy 
_atom_site.B_iso_or_equiv 
_atom_site.pdbx_formal_charge 
_atom_site.auth_seq_id 
_atom_site.auth_comp_id 
_atom_site.auth_asym_id 
_atom_site.auth_atom_id 
_atom_site.pdbx_PDB_model_num 
ATOM   1    N N   . ASP A 1 36  ? -18.868 -10.259 13.689  1.00 55.37 ? 24  ASP A N   1 
ATOM   2    C CA  . ASP A 1 36  ? -18.298 -11.570 13.341  1.00 53.08 ? 24  ASP A CA  1 
ATOM   3    C C   . ASP A 1 36  ? -17.117 -11.892 14.262  1.00 48.93 ? 24  ASP A C   1 
ATOM   4    O O   . ASP A 1 36  ? -16.363 -10.992 14.694  1.00 47.75 ? 24  ASP A O   1 
ATOM   5    C CB  . ASP A 1 36  ? -17.838 -11.624 11.884  1.00 54.81 ? 24  ASP A CB  1 
ATOM   6    C CG  . ASP A 1 36  ? -18.235 -12.922 11.213  1.00 63.62 ? 24  ASP A CG  1 
ATOM   7    O OD1 . ASP A 1 36  ? -18.065 -14.012 11.835  1.00 64.98 ? 24  ASP A OD1 1 
ATOM   8    O OD2 . ASP A 1 36  ? -18.722 -12.831 10.087  1.00 64.21 ? 24  ASP A OD2 1 
ATOM   9    N N   . ARG A 1 37  ? -16.920 -13.171 14.520  1.00 45.11 ? 25  ARG A N   1 
ATOM   10   C CA  . ARG A 1 37  ? -15.645 -13.654 15.078  1.00 47.50 ? 25  ARG A CA  1 
ATOM   11   C C   . ARG A 1 37  ? -14.533 -13.335 14.070  1.00 44.27 ? 25  ARG A C   1 
ATOM   12   O O   . ARG A 1 37  ? -13.418 -13.045 14.525  1.00 38.46 ? 25  ARG A O   1 
ATOM   13   C CB  . ARG A 1 37  ? -15.795 -15.129 15.426  1.00 47.11 ? 25  ARG A CB  1 
ATOM   14   C CG  . ARG A 1 37  ? -16.702 -15.339 16.629  1.00 53.21 ? 25  ARG A CG  1 
ATOM   15   C CD  . ARG A 1 37  ? -16.794 -16.799 17.022  1.00 59.15 ? 25  ARG A CD  1 
ATOM   16   N NE  . ARG A 1 37  ? -18.166 -17.277 17.079  1.00 66.94 ? 25  ARG A NE  1 
ATOM   17   C CZ  . ARG A 1 37  ? -18.519 -18.553 17.138  1.00 69.73 ? 25  ARG A CZ  1 
ATOM   18   N NH1 . ARG A 1 37  ? -17.593 -19.494 17.152  1.00 62.21 ? 25  ARG A NH1 1 
ATOM   19   N NH2 . ARG A 1 37  ? -19.802 -18.882 17.170  1.00 73.58 ? 25  ARG A NH2 1 
ATOM   20   N N   . GLU A 1 38  ? -14.834 -13.359 12.762  1.00 42.25 ? 26  GLU A N   1 
ATOM   21   C CA  . GLU A 1 38  ? -13.813 -13.095 11.714  1.00 40.54 ? 26  GLU A CA  1 
ATOM   22   C C   . GLU A 1 38  ? -13.249 -11.686 11.904  1.00 36.88 ? 26  GLU A C   1 
ATOM   23   O O   . GLU A 1 38  ? -12.029 -11.547 11.958  1.00 34.19 ? 26  GLU A O   1 
ATOM   24   C CB  . GLU A 1 38  ? -14.346 -13.224 10.296  1.00 46.23 ? 26  GLU A CB  1 
ATOM   25   C CG  . GLU A 1 38  ? -13.205 -13.126 9.313   1.00 51.61 ? 26  GLU A CG  1 
ATOM   26   C CD  . GLU A 1 38  ? -13.482 -13.520 7.879   1.00 61.50 ? 26  GLU A CD  1 
ATOM   27   O OE1 . GLU A 1 38  ? -14.377 -14.348 7.676   1.00 56.79 ? 26  GLU A OE1 1 
ATOM   28   O OE2 . GLU A 1 38  ? -12.742 -13.030 6.983   1.00 67.18 ? 26  GLU A OE2 1 
ATOM   29   N N   . LEU A 1 39  ? -14.124 -10.690 12.027  1.00 38.80 ? 27  LEU A N   1 
ATOM   30   C CA  . LEU A 1 39  ? -13.740 -9.269  12.180  1.00 42.68 ? 27  LEU A CA  1 
ATOM   31   C C   . LEU A 1 39  ? -12.968 -9.099  13.495  1.00 42.50 ? 27  LEU A C   1 
ATOM   32   O O   . LEU A 1 39  ? -11.996 -8.303  13.520  1.00 37.00 ? 27  LEU A O   1 
ATOM   33   C CB  . LEU A 1 39  ? -14.990 -8.380  12.136  1.00 47.79 ? 27  LEU A CB  1 
ATOM   34   C CG  . LEU A 1 39  ? -15.774 -8.374  10.821  1.00 52.70 ? 27  LEU A CG  1 
ATOM   35   C CD1 . LEU A 1 39  ? -16.968 -7.439  10.923  1.00 59.93 ? 27  LEU A CD1 1 
ATOM   36   C CD2 . LEU A 1 39  ? -14.909 -7.964  9.632   1.00 56.14 ? 27  LEU A CD2 1 
ATOM   37   N N   . ALA A 1 40  ? -13.326 -9.848  14.540  1.00 39.38 ? 28  ALA A N   1 
ATOM   38   C CA  . ALA A 1 40  ? -12.638 -9.771  15.850  1.00 37.35 ? 28  ALA A CA  1 
ATOM   39   C C   . ALA A 1 40  ? -11.217 -10.304 15.688  1.00 34.12 ? 28  ALA A C   1 
ATOM   40   O O   . ALA A 1 40  ? -10.323 -9.775  16.321  1.00 35.91 ? 28  ALA A O   1 
ATOM   41   C CB  . ALA A 1 40  ? -13.395 -10.555 16.903  1.00 41.21 ? 28  ALA A CB  1 
ATOM   42   N N   . ILE A 1 41  ? -11.015 -11.369 14.902  1.00 29.67 ? 29  ILE A N   1 
ATOM   43   C CA  . ILE A 1 41  ? -9.653  -11.940 14.738  1.00 30.98 ? 29  ILE A CA  1 
ATOM   44   C C   . ILE A 1 41  ? -8.798  -10.879 14.009  1.00 28.20 ? 29  ILE A C   1 
ATOM   45   O O   . ILE A 1 41  ? -7.671  -10.659 14.420  1.00 29.75 ? 29  ILE A O   1 
ATOM   46   C CB  . ILE A 1 41  ? -9.712  -13.265 13.966  1.00 30.24 ? 29  ILE A CB  1 
ATOM   47   C CG1 . ILE A 1 41  ? -10.407 -14.351 14.805  1.00 35.12 ? 29  ILE A CG1 1 
ATOM   48   C CG2 . ILE A 1 41  ? -8.325  -13.667 13.494  1.00 29.34 ? 29  ILE A CG2 1 
ATOM   49   C CD1 . ILE A 1 41  ? -10.643 -15.665 14.042  1.00 34.47 ? 29  ILE A CD1 1 
ATOM   50   N N   . LEU A 1 42  ? -9.337  -10.300 12.938  1.00 30.50 ? 30  LEU A N   1 
ATOM   51   C CA  . LEU A 1 42  ? -8.626  -9.314  12.071  1.00 33.19 ? 30  LEU A CA  1 
ATOM   52   C C   . LEU A 1 42  ? -8.203  -8.101  12.924  1.00 33.79 ? 30  LEU A C   1 
ATOM   53   O O   . LEU A 1 42  ? -7.006  -7.753  12.891  1.00 33.37 ? 30  LEU A O   1 
ATOM   54   C CB  . LEU A 1 42  ? -9.537  -8.915  10.910  1.00 30.01 ? 30  LEU A CB  1 
ATOM   55   C CG  . LEU A 1 42  ? -9.783  -10.004 9.867   1.00 30.65 ? 30  LEU A CG  1 
ATOM   56   C CD1 . LEU A 1 42  ? -10.829 -9.556  8.861   1.00 33.47 ? 30  LEU A CD1 1 
ATOM   57   C CD2 . LEU A 1 42  ? -8.490  -10.400 9.173   1.00 32.56 ? 30  LEU A CD2 1 
ATOM   58   N N   . ALA A 1 43  ? -9.119  -7.561  13.732  1.00 34.73 ? 31  ALA A N   1 
ATOM   59   C CA  . ALA A 1 43  ? -8.874  -6.393  14.614  1.00 33.42 ? 31  ALA A CA  1 
ATOM   60   C C   . ALA A 1 43  ? -7.816  -6.723  15.650  1.00 33.92 ? 31  ALA A C   1 
ATOM   61   O O   . ALA A 1 43  ? -6.922  -5.898  15.870  1.00 30.89 ? 31  ALA A O   1 
ATOM   62   C CB  . ALA A 1 43  ? -10.149 -5.963  15.279  1.00 39.08 ? 31  ALA A CB  1 
ATOM   63   N N   . THR A 1 44  ? -7.883  -7.908  16.252  1.00 33.02 ? 32  THR A N   1 
ATOM   64   C CA  . THR A 1 44  ? -6.881  -8.360  17.238  1.00 33.59 ? 32  THR A CA  1 
ATOM   65   C C   . THR A 1 44  ? -5.523  -8.410  16.550  1.00 35.86 ? 32  THR A C   1 
ATOM   66   O O   . THR A 1 44  ? -4.560  -7.892  17.156  1.00 35.15 ? 32  THR A O   1 
ATOM   67   C CB  . THR A 1 44  ? -7.230  -9.725  17.846  1.00 34.97 ? 32  THR A CB  1 
ATOM   68   O OG1 . THR A 1 44  ? -8.478  -9.574  18.504  1.00 31.90 ? 32  THR A OG1 1 
ATOM   69   C CG2 . THR A 1 44  ? -6.203  -10.238 18.823  1.00 36.42 ? 32  THR A CG2 1 
ATOM   70   N N   . ALA A 1 45  ? -5.428  -9.058  15.377  1.00 29.97 ? 33  ALA A N   1 
ATOM   71   C CA  . ALA A 1 45  ? -4.154  -9.203  14.627  1.00 29.43 ? 33  ALA A CA  1 
ATOM   72   C C   . ALA A 1 45  ? -3.573  -7.788  14.334  1.00 31.53 ? 33  ALA A C   1 
ATOM   73   O O   . ALA A 1 45  ? -2.376  -7.574  14.530  1.00 31.24 ? 33  ALA A O   1 
ATOM   74   C CB  . ALA A 1 45  ? -4.413  -9.988  13.355  1.00 30.10 ? 33  ALA A CB  1 
ATOM   75   N N   . GLU A 1 46  ? -4.407  -6.846  13.889  1.00 33.11 ? 34  GLU A N   1 
ATOM   76   C CA  . GLU A 1 46  ? -3.955  -5.464  13.555  1.00 36.12 ? 34  GLU A CA  1 
ATOM   77   C C   . GLU A 1 46  ? -3.414  -4.807  14.840  1.00 38.39 ? 34  GLU A C   1 
ATOM   78   O O   . GLU A 1 46  ? -2.283  -4.268  14.821  1.00 31.95 ? 34  GLU A O   1 
ATOM   79   C CB  . GLU A 1 46  ? -5.083  -4.651  12.907  1.00 39.24 ? 34  GLU A CB  1 
ATOM   80   C CG  . GLU A 1 46  ? -4.625  -3.239  12.509  1.00 42.57 ? 34  GLU A CG  1 
ATOM   81   C CD  . GLU A 1 46  ? -5.260  -2.623  11.274  1.00 44.36 ? 34  GLU A CD  1 
ATOM   82   O OE1 . GLU A 1 46  ? -6.423  -2.948  10.992  1.00 40.37 ? 34  GLU A OE1 1 
ATOM   83   O OE2 . GLU A 1 46  ? -4.581  -1.817  10.588  1.00 41.58 ? 34  GLU A OE2 1 
ATOM   84   N N   . ASN A 1 47  ? -4.141  -4.955  15.949  1.00 36.82 ? 35  ASN A N   1 
ATOM   85   C CA  . ASN A 1 47  ? -3.701  -4.451  17.276  1.00 42.24 ? 35  ASN A CA  1 
ATOM   86   C C   . ASN A 1 47  ? -2.350  -5.043  17.662  1.00 39.31 ? 35  ASN A C   1 
ATOM   87   O O   . ASN A 1 47  ? -1.449  -4.268  17.985  1.00 42.57 ? 35  ASN A O   1 
ATOM   88   C CB  . ASN A 1 47  ? -4.759  -4.667  18.345  1.00 46.81 ? 35  ASN A CB  1 
ATOM   89   C CG  . ASN A 1 47  ? -5.679  -3.481  18.385  1.00 53.37 ? 35  ASN A CG  1 
ATOM   90   O OD1 . ASN A 1 47  ? -6.657  -3.435  17.646  1.00 62.95 ? 35  ASN A OD1 1 
ATOM   91   N ND2 . ASN A 1 47  ? -5.309  -2.484  19.176  1.00 62.73 ? 35  ASN A ND2 1 
ATOM   92   N N   . LEU A 1 48  ? -2.187  -6.357  17.611  1.00 40.76 ? 36  LEU A N   1 
ATOM   93   C CA  . LEU A 1 48  ? -0.950  -7.002  18.113  1.00 43.29 ? 36  LEU A CA  1 
ATOM   94   C C   . LEU A 1 48  ? 0.220   -6.638  17.188  1.00 44.19 ? 36  LEU A C   1 
ATOM   95   O O   . LEU A 1 48  ? 1.359   -6.560  17.674  1.00 41.62 ? 36  LEU A O   1 
ATOM   96   C CB  . LEU A 1 48  ? -1.159  -8.518  18.194  1.00 46.38 ? 36  LEU A CB  1 
ATOM   97   C CG  . LEU A 1 48  ? -2.089  -9.002  19.312  1.00 50.64 ? 36  LEU A CG  1 
ATOM   98   C CD1 . LEU A 1 48  ? -2.195  -10.521 19.284  1.00 51.62 ? 36  LEU A CD1 1 
ATOM   99   C CD2 . LEU A 1 48  ? -1.614  -8.519  20.677  1.00 49.33 ? 36  LEU A CD2 1 
ATOM   100  N N   . LEU A 1 49  ? -0.042  -6.423  15.898  1.00 38.74 ? 37  LEU A N   1 
ATOM   101  C CA  . LEU A 1 49  ? 1.043   -6.116  14.930  1.00 35.57 ? 37  LEU A CA  1 
ATOM   102  C C   . LEU A 1 49  ? 1.616   -4.720  15.222  1.00 36.15 ? 37  LEU A C   1 
ATOM   103  O O   . LEU A 1 49  ? 2.738   -4.470  14.793  1.00 35.11 ? 37  LEU A O   1 
ATOM   104  C CB  . LEU A 1 49  ? 0.513   -6.220  13.506  1.00 34.50 ? 37  LEU A CB  1 
ATOM   105  C CG  . LEU A 1 49  ? 0.373   -7.661  13.007  1.00 36.25 ? 37  LEU A CG  1 
ATOM   106  C CD1 . LEU A 1 49  ? -0.482  -7.702  11.769  1.00 33.41 ? 37  LEU A CD1 1 
ATOM   107  C CD2 . LEU A 1 49  ? 1.734   -8.289  12.744  1.00 37.86 ? 37  LEU A CD2 1 
ATOM   108  N N   . GLU A 1 50  ? 0.885   -3.866  15.928  1.00 39.12 ? 38  GLU A N   1 
ATOM   109  C CA  . GLU A 1 50  ? 1.404   -2.566  16.422  1.00 46.27 ? 38  GLU A CA  1 
ATOM   110  C C   . GLU A 1 50  ? 2.497   -2.823  17.468  1.00 48.56 ? 38  GLU A C   1 
ATOM   111  O O   . GLU A 1 50  ? 3.457   -2.083  17.431  1.00 50.88 ? 38  GLU A O   1 
ATOM   112  C CB  . GLU A 1 50  ? 0.238   -1.672  16.852  1.00 50.54 ? 38  GLU A CB  1 
ATOM   113  C CG  . GLU A 1 50  ? -0.407  -0.966  15.658  1.00 61.72 ? 38  GLU A CG  1 
ATOM   114  C CD  . GLU A 1 50  ? -1.925  -0.993  15.582  1.00 68.27 ? 38  GLU A CD  1 
ATOM   115  O OE1 . GLU A 1 50  ? -2.583  -0.757  16.618  1.00 74.18 ? 38  GLU A OE1 1 
ATOM   116  O OE2 . GLU A 1 50  ? -2.448  -1.274  14.483  1.00 65.74 ? 38  GLU A OE2 1 
ATOM   117  N N   . ASP A 1 51  ? 2.431   -3.896  18.270  1.00 54.12 ? 39  ASP A N   1 
ATOM   118  C CA  . ASP A 1 51  ? 3.431   -4.207  19.338  1.00 57.28 ? 39  ASP A CA  1 
ATOM   119  C C   . ASP A 1 51  ? 4.606   -5.050  18.855  1.00 52.61 ? 39  ASP A C   1 
ATOM   120  O O   . ASP A 1 51  ? 5.688   -4.868  19.384  1.00 53.99 ? 39  ASP A O   1 
ATOM   121  C CB  . ASP A 1 51  ? 2.825   -5.021  20.476  1.00 66.63 ? 39  ASP A CB  1 
ATOM   122  C CG  . ASP A 1 51  ? 1.845   -4.179  21.247  1.00 78.27 ? 39  ASP A CG  1 
ATOM   123  O OD1 . ASP A 1 51  ? 2.265   -3.099  21.720  1.00 77.36 ? 39  ASP A OD1 1 
ATOM   124  O OD2 . ASP A 1 51  ? 0.664   -4.570  21.289  1.00 98.16 ? 39  ASP A OD2 1 
ATOM   125  N N   . ARG A 1 52  ? 4.392   -6.044  18.008  1.00 49.35 ? 40  ARG A N   1 
ATOM   126  C CA  . ARG A 1 52  ? 5.476   -6.981  17.647  1.00 47.74 ? 40  ARG A CA  1 
ATOM   127  C C   . ARG A 1 52  ? 5.157   -7.603  16.302  1.00 46.25 ? 40  ARG A C   1 
ATOM   128  O O   . ARG A 1 52  ? 4.047   -7.474  15.787  1.00 43.73 ? 40  ARG A O   1 
ATOM   129  C CB  . ARG A 1 52  ? 5.633   -8.023  18.754  1.00 60.61 ? 40  ARG A CB  1 
ATOM   130  C CG  . ARG A 1 52  ? 4.348   -8.747  19.116  1.00 63.37 ? 40  ARG A CG  1 
ATOM   131  C CD  . ARG A 1 52  ? 4.578   -9.572  20.370  1.00 69.68 ? 40  ARG A CD  1 
ATOM   132  N NE  . ARG A 1 52  ? 3.420   -10.406 20.658  1.00 69.18 ? 40  ARG A NE  1 
ATOM   133  C CZ  . ARG A 1 52  ? 2.325   -9.991  21.283  1.00 61.56 ? 40  ARG A CZ  1 
ATOM   134  N NH1 . ARG A 1 52  ? 2.222   -8.741  21.703  1.00 62.10 ? 40  ARG A NH1 1 
ATOM   135  N NH2 . ARG A 1 52  ? 1.330   -10.832 21.470  1.00 58.27 ? 40  ARG A NH2 1 
ATOM   136  N N   . PRO A 1 53  ? 6.135   -8.261  15.662  1.00 44.71 ? 41  PRO A N   1 
ATOM   137  C CA  . PRO A 1 53  ? 5.893   -8.842  14.353  1.00 49.21 ? 41  PRO A CA  1 
ATOM   138  C C   . PRO A 1 53  ? 5.057   -10.125 14.439  1.00 49.55 ? 41  PRO A C   1 
ATOM   139  O O   . PRO A 1 53  ? 4.836   -10.631 15.535  1.00 49.39 ? 41  PRO A O   1 
ATOM   140  C CB  . PRO A 1 53  ? 7.303   -9.115  13.834  1.00 50.97 ? 41  PRO A CB  1 
ATOM   141  C CG  . PRO A 1 53  ? 8.108   -9.376  15.083  1.00 48.38 ? 41  PRO A CG  1 
ATOM   142  C CD  . PRO A 1 53  ? 7.500   -8.502  16.157  1.00 47.75 ? 41  PRO A CD  1 
ATOM   143  N N   . LEU A 1 54  ? 4.635   -10.601 13.272  1.00 47.30 ? 42  LEU A N   1 
ATOM   144  C CA  . LEU A 1 54  ? 3.759   -11.781 13.129  1.00 51.77 ? 42  LEU A CA  1 
ATOM   145  C C   . LEU A 1 54  ? 4.424   -13.006 13.774  1.00 55.90 ? 42  LEU A C   1 
ATOM   146  O O   . LEU A 1 54  ? 3.735   -13.703 14.526  1.00 57.81 ? 42  LEU A O   1 
ATOM   147  C CB  . LEU A 1 54  ? 3.482   -12.013 11.645  1.00 49.76 ? 42  LEU A CB  1 
ATOM   148  C CG  . LEU A 1 54  ? 2.321   -12.968 11.401  1.00 47.80 ? 42  LEU A CG  1 
ATOM   149  C CD1 . LEU A 1 54  ? 0.999   -12.376 11.897  1.00 46.25 ? 42  LEU A CD1 1 
ATOM   150  C CD2 . LEU A 1 54  ? 2.264   -13.361 9.940   1.00 49.95 ? 42  LEU A CD2 1 
ATOM   151  N N   . ALA A 1 55  ? 5.725   -13.211 13.532  1.00 56.11 ? 43  ALA A N   1 
ATOM   152  C CA  . ALA A 1 55  ? 6.576   -14.263 14.151  1.00 55.82 ? 43  ALA A CA  1 
ATOM   153  C C   . ALA A 1 55  ? 6.354   -14.365 15.667  1.00 55.11 ? 43  ALA A C   1 
ATOM   154  O O   . ALA A 1 55  ? 6.483   -15.465 16.198  1.00 63.49 ? 43  ALA A O   1 
ATOM   155  C CB  . ALA A 1 55  ? 8.029   -13.978 13.870  1.00 53.91 ? 43  ALA A CB  1 
ATOM   156  N N   . ASP A 1 56  ? 6.071   -13.260 16.345  1.00 50.48 ? 44  ASP A N   1 
ATOM   157  C CA  . ASP A 1 56  ? 5.958   -13.205 17.822  1.00 49.22 ? 44  ASP A CA  1 
ATOM   158  C C   . ASP A 1 56  ? 4.498   -13.096 18.244  1.00 48.88 ? 44  ASP A C   1 
ATOM   159  O O   . ASP A 1 56  ? 4.249   -12.735 19.406  1.00 50.07 ? 44  ASP A O   1 
ATOM   160  C CB  . ASP A 1 56  ? 6.739   -12.018 18.366  1.00 56.15 ? 44  ASP A CB  1 
ATOM   161  C CG  . ASP A 1 56  ? 8.238   -12.152 18.170  1.00 59.56 ? 44  ASP A CG  1 
ATOM   162  O OD1 . ASP A 1 56  ? 8.664   -12.936 17.285  1.00 63.30 ? 44  ASP A OD1 1 
ATOM   163  O OD2 . ASP A 1 56  ? 8.963   -11.470 18.908  1.00 62.71 ? 44  ASP A OD2 1 
ATOM   164  N N   . ILE A 1 57  ? 3.571   -13.366 17.324  1.00 49.00 ? 45  ILE A N   1 
ATOM   165  C CA  . ILE A 1 57  ? 2.118   -13.496 17.623  1.00 47.82 ? 45  ILE A CA  1 
ATOM   166  C C   . ILE A 1 57  ? 1.725   -14.950 17.354  1.00 46.41 ? 45  ILE A C   1 
ATOM   167  O O   . ILE A 1 57  ? 2.060   -15.477 16.258  1.00 53.05 ? 45  ILE A O   1 
ATOM   168  C CB  . ILE A 1 57  ? 1.283   -12.492 16.802  1.00 44.68 ? 45  ILE A CB  1 
ATOM   169  C CG1 . ILE A 1 57  ? 1.754   -11.049 17.013  1.00 43.69 ? 45  ILE A CG1 1 
ATOM   170  C CG2 . ILE A 1 57  ? -0.193  -12.627 17.131  1.00 42.99 ? 45  ILE A CG2 1 
ATOM   171  C CD1 . ILE A 1 57  ? 1.108   -10.064 16.068  1.00 44.37 ? 45  ILE A CD1 1 
ATOM   172  N N   . SER A 1 58  ? 1.089   -15.582 18.340  1.00 49.60 ? 46  SER A N   1 
ATOM   173  C CA  . SER A 1 58  ? 0.629   -16.994 18.290  1.00 50.89 ? 46  SER A CA  1 
ATOM   174  C C   . SER A 1 58  ? -0.841  -17.000 17.894  1.00 45.78 ? 46  SER A C   1 
ATOM   175  O O   . SER A 1 58  ? -1.569  -16.034 18.195  1.00 43.14 ? 46  SER A O   1 
ATOM   176  C CB  . SER A 1 58  ? 0.812   -17.690 19.612  1.00 47.53 ? 46  SER A CB  1 
ATOM   177  O OG  . SER A 1 58  ? -0.003  -17.060 20.594  1.00 51.56 ? 46  SER A OG  1 
ATOM   178  N N   . VAL A 1 59  ? -1.276  -18.092 17.293  1.00 50.82 ? 47  VAL A N   1 
ATOM   179  C CA  . VAL A 1 59  ? -2.724  -18.316 17.065  1.00 46.16 ? 47  VAL A CA  1 
ATOM   180  C C   . VAL A 1 59  ? -3.462  -18.133 18.397  1.00 42.24 ? 47  VAL A C   1 
ATOM   181  O O   . VAL A 1 59  ? -4.597  -17.596 18.392  1.00 43.02 ? 47  VAL A O   1 
ATOM   182  C CB  . VAL A 1 59  ? -2.919  -19.685 16.415  1.00 48.41 ? 47  VAL A CB  1 
ATOM   183  C CG1 . VAL A 1 59  ? -4.362  -20.121 16.471  1.00 52.04 ? 47  VAL A CG1 1 
ATOM   184  C CG2 . VAL A 1 59  ? -2.419  -19.651 14.985  1.00 51.66 ? 47  VAL A CG2 1 
ATOM   185  N N   . ASP A 1 60  ? -2.840  -18.498 19.521  1.00 49.06 ? 48  ASP A N   1 
ATOM   186  C CA  . ASP A 1 60  ? -3.510  -18.401 20.848  1.00 52.46 ? 48  ASP A CA  1 
ATOM   187  C C   . ASP A 1 60  ? -3.754  -16.932 21.204  1.00 50.08 ? 48  ASP A C   1 
ATOM   188  O O   . ASP A 1 60  ? -4.888  -16.613 21.696  1.00 43.78 ? 48  ASP A O   1 
ATOM   189  C CB  . ASP A 1 60  ? -2.774  -19.138 21.978  1.00 61.65 ? 48  ASP A CB  1 
ATOM   190  C CG  . ASP A 1 60  ? -3.707  -19.417 23.162  1.00 66.81 ? 48  ASP A CG  1 
ATOM   191  O OD1 . ASP A 1 60  ? -4.557  -20.326 23.039  1.00 72.36 ? 48  ASP A OD1 1 
ATOM   192  O OD2 . ASP A 1 60  ? -3.635  -18.684 24.176  1.00 75.80 ? 48  ASP A OD2 1 
ATOM   193  N N   . ASP A 1 61  ? -2.760  -16.060 20.959  1.00 52.55 ? 49  ASP A N   1 
ATOM   194  C CA  . ASP A 1 61  ? -2.930  -14.596 21.181  1.00 52.53 ? 49  ASP A CA  1 
ATOM   195  C C   . ASP A 1 61  ? -4.149  -14.126 20.363  1.00 42.05 ? 49  ASP A C   1 
ATOM   196  O O   . ASP A 1 61  ? -5.037  -13.416 20.917  1.00 46.11 ? 49  ASP A O   1 
ATOM   197  C CB  . ASP A 1 61  ? -1.663  -13.796 20.833  1.00 56.65 ? 49  ASP A CB  1 
ATOM   198  C CG  . ASP A 1 61  ? -0.332  -14.314 21.367  1.00 57.71 ? 49  ASP A CG  1 
ATOM   199  O OD1 . ASP A 1 61  ? -0.268  -14.672 22.546  1.00 52.82 ? 49  ASP A OD1 1 
ATOM   200  O OD2 . ASP A 1 61  ? 0.649   -14.328 20.584  1.00 54.09 ? 49  ASP A OD2 1 
ATOM   201  N N   . LEU A 1 62  ? -4.237  -14.525 19.088  1.00 40.98 ? 50  LEU A N   1 
ATOM   202  C CA  . LEU A 1 62  ? -5.329  -14.056 18.183  1.00 34.63 ? 50  LEU A CA  1 
ATOM   203  C C   . LEU A 1 62  ? -6.688  -14.544 18.682  1.00 35.16 ? 50  LEU A C   1 
ATOM   204  O O   . LEU A 1 62  ? -7.641  -13.734 18.785  1.00 36.22 ? 50  LEU A O   1 
ATOM   205  C CB  . LEU A 1 62  ? -5.035  -14.548 16.766  1.00 36.15 ? 50  LEU A CB  1 
ATOM   206  C CG  . LEU A 1 62  ? -3.780  -13.933 16.142  1.00 37.56 ? 50  LEU A CG  1 
ATOM   207  C CD1 . LEU A 1 62  ? -3.452  -14.593 14.814  1.00 39.23 ? 50  LEU A CD1 1 
ATOM   208  C CD2 . LEU A 1 62  ? -3.971  -12.423 15.997  1.00 39.09 ? 50  LEU A CD2 1 
ATOM   209  N N   . ALA A 1 63  ? -6.786  -15.840 18.983  1.00 42.04 ? 51  ALA A N   1 
ATOM   210  C CA  . ALA A 1 63  ? -8.011  -16.464 19.555  1.00 39.54 ? 51  ALA A CA  1 
ATOM   211  C C   . ALA A 1 63  ? -8.408  -15.727 20.844  1.00 33.19 ? 51  ALA A C   1 
ATOM   212  O O   . ALA A 1 63  ? -9.560  -15.290 20.990  1.00 38.05 ? 51  ALA A O   1 
ATOM   213  C CB  . ALA A 1 63  ? -7.734  -17.931 19.792  1.00 38.17 ? 51  ALA A CB  1 
ATOM   214  N N   . LYS A 1 64  ? -7.454  -15.557 21.740  1.00 40.87 ? 52  LYS A N   1 
ATOM   215  C CA  . LYS A 1 64  ? -7.691  -14.929 23.066  1.00 43.79 ? 52  LYS A CA  1 
ATOM   216  C C   . LYS A 1 64  ? -8.286  -13.542 22.836  1.00 46.12 ? 52  LYS A C   1 
ATOM   217  O O   . LYS A 1 64  ? -9.439  -13.326 23.237  1.00 42.49 ? 52  LYS A O   1 
ATOM   218  C CB  . LYS A 1 64  ? -6.356  -14.919 23.805  1.00 53.38 ? 52  LYS A CB  1 
ATOM   219  C CG  . LYS A 1 64  ? -6.381  -14.561 25.286  1.00 58.07 ? 52  LYS A CG  1 
ATOM   220  C CD  . LYS A 1 64  ? -5.042  -14.828 25.937  1.00 65.20 ? 52  LYS A CD  1 
ATOM   221  C CE  . LYS A 1 64  ? -4.506  -16.209 25.601  1.00 71.91 ? 52  LYS A CE  1 
ATOM   222  N NZ  . LYS A 1 64  ? -3.072  -16.350 25.924  1.00 75.63 ? 52  LYS A NZ  1 
ATOM   223  N N   . GLY A 1 65  ? -7.586  -12.683 22.071  1.00 47.35 ? 53  GLY A N   1 
ATOM   224  C CA  . GLY A 1 65  ? -8.064  -11.314 21.811  1.00 40.48 ? 53  GLY A CA  1 
ATOM   225  C C   . GLY A 1 65  ? -9.426  -11.326 21.176  1.00 40.87 ? 53  GLY A C   1 
ATOM   226  O O   . GLY A 1 65  ? -10.193 -10.362 21.387  1.00 43.38 ? 53  GLY A O   1 
ATOM   227  N N   . ALA A 1 66  ? -9.737  -12.355 20.385  1.00 42.41 ? 54  ALA A N   1 
ATOM   228  C CA  . ALA A 1 66  ? -10.997 -12.408 19.600  1.00 41.72 ? 54  ALA A CA  1 
ATOM   229  C C   . ALA A 1 66  ? -12.109 -13.069 20.422  1.00 37.37 ? 54  ALA A C   1 
ATOM   230  O O   . ALA A 1 66  ? -13.276 -13.069 19.968  1.00 40.93 ? 54  ALA A O   1 
ATOM   231  C CB  . ALA A 1 66  ? -10.753 -13.123 18.289  1.00 44.85 ? 54  ALA A CB  1 
ATOM   232  N N   . GLY A 1 67  ? -11.765 -13.597 21.597  1.00 41.50 ? 55  GLY A N   1 
ATOM   233  C CA  . GLY A 1 67  ? -12.751 -14.194 22.530  1.00 42.70 ? 55  GLY A CA  1 
ATOM   234  C C   . GLY A 1 67  ? -13.255 -15.536 22.006  1.00 40.21 ? 55  GLY A C   1 
ATOM   235  O O   . GLY A 1 67  ? -14.475 -15.825 22.087  1.00 39.54 ? 55  GLY A O   1 
ATOM   236  N N   . ILE A 1 68  ? -12.359 -16.321 21.413  1.00 40.83 ? 56  ILE A N   1 
ATOM   237  C CA  . ILE A 1 68  ? -12.737 -17.640 20.822  1.00 39.76 ? 56  ILE A CA  1 
ATOM   238  C C   . ILE A 1 68  ? -11.647 -18.600 21.232  1.00 37.32 ? 56  ILE A C   1 
ATOM   239  O O   . ILE A 1 68  ? -10.545 -18.121 21.586  1.00 37.48 ? 56  ILE A O   1 
ATOM   240  C CB  . ILE A 1 68  ? -12.907 -17.593 19.287  1.00 36.71 ? 56  ILE A CB  1 
ATOM   241  C CG1 . ILE A 1 68  ? -11.599 -17.209 18.590  1.00 38.63 ? 56  ILE A CG1 1 
ATOM   242  C CG2 . ILE A 1 68  ? -14.062 -16.698 18.888  1.00 40.07 ? 56  ILE A CG2 1 
ATOM   243  C CD1 . ILE A 1 68  ? -11.674 -17.227 17.069  1.00 40.41 ? 56  ILE A CD1 1 
ATOM   244  N N   . SER A 1 69  ? -11.909 -19.903 21.114  1.00 35.26 ? 57  SER A N   1 
ATOM   245  C CA  . SER A 1 69  ? -10.876 -20.941 21.334  1.00 30.37 ? 57  SER A CA  1 
ATOM   246  C C   . SER A 1 69  ? -9.975  -20.999 20.121  1.00 34.11 ? 57  SER A C   1 
ATOM   247  O O   . SER A 1 69  ? -10.362 -20.545 19.016  1.00 34.28 ? 57  SER A O   1 
ATOM   248  C CB  . SER A 1 69  ? -11.492 -22.300 21.609  1.00 32.44 ? 57  SER A CB  1 
ATOM   249  O OG  . SER A 1 69  ? -12.048 -22.835 20.405  1.00 27.77 ? 57  SER A OG  1 
ATOM   250  N N   . ARG A 1 70  ? -8.848  -21.644 20.322  1.00 32.13 ? 58  ARG A N   1 
ATOM   251  C CA  . ARG A 1 70  ? -7.887  -22.008 19.279  1.00 36.14 ? 58  ARG A CA  1 
ATOM   252  C C   . ARG A 1 70  ? -8.528  -22.810 18.149  1.00 40.31 ? 58  ARG A C   1 
ATOM   253  O O   . ARG A 1 70  ? -8.380  -22.433 16.972  1.00 33.66 ? 58  ARG A O   1 
ATOM   254  C CB  . ARG A 1 70  ? -6.729  -22.733 19.956  1.00 45.71 ? 58  ARG A CB  1 
ATOM   255  C CG  . ARG A 1 70  ? -5.381  -22.095 19.683  1.00 54.54 ? 58  ARG A CG  1 
ATOM   256  C CD  . ARG A 1 70  ? -4.210  -22.664 20.471  1.00 61.73 ? 58  ARG A CD  1 
ATOM   257  N NE  . ARG A 1 70  ? -3.071  -22.650 19.563  1.00 64.49 ? 58  ARG A NE  1 
ATOM   258  C CZ  . ARG A 1 70  ? -2.875  -23.523 18.577  1.00 66.76 ? 58  ARG A CZ  1 
ATOM   259  N NH1 . ARG A 1 70  ? -1.823  -23.391 17.783  1.00 66.03 ? 58  ARG A NH1 1 
ATOM   260  N NH2 . ARG A 1 70  ? -3.720  -24.529 18.397  1.00 67.26 ? 58  ARG A NH2 1 
ATOM   261  N N   . PRO A 1 71  ? -9.183  -23.985 18.381  1.00 32.70 ? 59  PRO A N   1 
ATOM   262  C CA  . PRO A 1 71  ? -9.754  -24.707 17.245  1.00 28.63 ? 59  PRO A CA  1 
ATOM   263  C C   . PRO A 1 71  ? -10.788 -23.857 16.494  1.00 23.51 ? 59  PRO A C   1 
ATOM   264  O O   . PRO A 1 71  ? -10.955 -24.022 15.302  1.00 26.24 ? 59  PRO A O   1 
ATOM   265  C CB  . PRO A 1 71  ? -10.359 -25.992 17.857  1.00 29.25 ? 59  PRO A CB  1 
ATOM   266  C CG  . PRO A 1 71  ? -10.388 -25.720 19.341  1.00 31.71 ? 59  PRO A CG  1 
ATOM   267  C CD  . PRO A 1 71  ? -9.240  -24.754 19.636  1.00 33.89 ? 59  PRO A CD  1 
ATOM   268  N N   . THR A 1 72  ? -11.466 -22.968 17.203  1.00 24.46 ? 60  THR A N   1 
ATOM   269  C CA  . THR A 1 72  ? -12.512 -22.106 16.598  1.00 26.12 ? 60  THR A CA  1 
ATOM   270  C C   . THR A 1 72  ? -11.794 -21.140 15.635  1.00 28.67 ? 60  THR A C   1 
ATOM   271  O O   . THR A 1 72  ? -12.308 -20.917 14.523  1.00 28.93 ? 60  THR A O   1 
ATOM   272  C CB  . THR A 1 72  ? -13.416 -21.455 17.644  1.00 26.64 ? 60  THR A CB  1 
ATOM   273  O OG1 . THR A 1 72  ? -14.264 -22.362 18.360  1.00 26.58 ? 60  THR A OG1 1 
ATOM   274  C CG2 . THR A 1 72  ? -14.362 -20.471 16.983  1.00 30.05 ? 60  THR A CG2 1 
ATOM   275  N N   . PHE A 1 73  ? -10.626 -20.639 16.020  1.00 27.13 ? 61  PHE A N   1 
ATOM   276  C CA  . PHE A 1 73  ? -9.765  -19.810 15.132  1.00 29.36 ? 61  PHE A CA  1 
ATOM   277  C C   . PHE A 1 73  ? -9.577  -20.513 13.776  1.00 36.17 ? 61  PHE A C   1 
ATOM   278  O O   . PHE A 1 73  ? -9.779  -19.885 12.724  1.00 32.56 ? 61  PHE A O   1 
ATOM   279  C CB  . PHE A 1 73  ? -8.379  -19.595 15.739  1.00 30.30 ? 61  PHE A CB  1 
ATOM   280  C CG  . PHE A 1 73  ? -7.414  -18.915 14.795  1.00 33.25 ? 61  PHE A CG  1 
ATOM   281  C CD1 . PHE A 1 73  ? -6.622  -19.654 13.917  1.00 37.99 ? 61  PHE A CD1 1 
ATOM   282  C CD2 . PHE A 1 73  ? -7.309  -17.530 14.770  1.00 34.98 ? 61  PHE A CD2 1 
ATOM   283  C CE1 . PHE A 1 73  ? -5.749  -19.023 13.033  1.00 40.35 ? 61  PHE A CE1 1 
ATOM   284  C CE2 . PHE A 1 73  ? -6.410  -16.904 13.915  1.00 35.42 ? 61  PHE A CE2 1 
ATOM   285  C CZ  . PHE A 1 73  ? -5.633  -17.647 13.047  1.00 36.85 ? 61  PHE A CZ  1 
ATOM   286  N N   . TYR A 1 74  ? -9.212  -21.799 13.813  1.00 35.26 ? 62  TYR A N   1 
ATOM   287  C CA  . TYR A 1 74  ? -8.848  -22.586 12.617  1.00 37.20 ? 62  TYR A CA  1 
ATOM   288  C C   . TYR A 1 74  ? -10.066 -22.783 11.755  1.00 34.47 ? 62  TYR A C   1 
ATOM   289  O O   . TYR A 1 74  ? -9.863  -23.086 10.599  1.00 35.97 ? 62  TYR A O   1 
ATOM   290  C CB  . TYR A 1 74  ? -8.179  -23.912 12.963  1.00 36.69 ? 62  TYR A CB  1 
ATOM   291  C CG  . TYR A 1 74  ? -6.766  -23.712 13.422  1.00 42.09 ? 62  TYR A CG  1 
ATOM   292  C CD1 . TYR A 1 74  ? -5.781  -23.288 12.535  1.00 37.22 ? 62  TYR A CD1 1 
ATOM   293  C CD2 . TYR A 1 74  ? -6.423  -23.905 14.749  1.00 45.08 ? 62  TYR A CD2 1 
ATOM   294  C CE1 . TYR A 1 74  ? -4.479  -23.094 12.967  1.00 41.21 ? 62  TYR A CE1 1 
ATOM   295  C CE2 . TYR A 1 74  ? -5.123  -23.716 15.189  1.00 50.39 ? 62  TYR A CE2 1 
ATOM   296  C CZ  . TYR A 1 74  ? -4.150  -23.297 14.297  1.00 46.21 ? 62  TYR A CZ  1 
ATOM   297  O OH  . TYR A 1 74  ? -2.881  -23.112 14.767  1.00 48.68 ? 62  TYR A OH  1 
ATOM   298  N N   . PHE A 1 75  ? -11.268 -22.562 12.283  1.00 36.79 ? 63  PHE A N   1 
ATOM   299  C CA  . PHE A 1 75  ? -12.492 -22.569 11.455  1.00 38.81 ? 63  PHE A CA  1 
ATOM   300  C C   . PHE A 1 75  ? -12.477 -21.377 10.480  1.00 46.40 ? 63  PHE A C   1 
ATOM   301  O O   . PHE A 1 75  ? -12.988 -21.521 9.352   1.00 40.53 ? 63  PHE A O   1 
ATOM   302  C CB  . PHE A 1 75  ? -13.760 -22.550 12.306  1.00 37.88 ? 63  PHE A CB  1 
ATOM   303  C CG  . PHE A 1 75  ? -14.999 -22.578 11.458  1.00 38.36 ? 63  PHE A CG  1 
ATOM   304  C CD1 . PHE A 1 75  ? -15.368 -23.747 10.806  1.00 43.87 ? 63  PHE A CD1 1 
ATOM   305  C CD2 . PHE A 1 75  ? -15.752 -21.433 11.258  1.00 46.50 ? 63  PHE A CD2 1 
ATOM   306  C CE1 . PHE A 1 75  ? -16.486 -23.784 9.993   1.00 41.08 ? 63  PHE A CE1 1 
ATOM   307  C CE2 . PHE A 1 75  ? -16.877 -21.464 10.441  1.00 48.07 ? 63  PHE A CE2 1 
ATOM   308  C CZ  . PHE A 1 75  ? -17.240 -22.639 9.813   1.00 46.23 ? 63  PHE A CZ  1 
ATOM   309  N N   . TYR A 1 76  ? -11.988 -20.210 10.918  1.00 40.03 ? 64  TYR A N   1 
ATOM   310  C CA  . TYR A 1 76  ? -11.988 -18.956 10.112  1.00 38.08 ? 64  TYR A CA  1 
ATOM   311  C C   . TYR A 1 76  ? -10.713 -18.846 9.262   1.00 36.45 ? 64  TYR A C   1 
ATOM   312  O O   . TYR A 1 76  ? -10.814 -18.332 8.179   1.00 39.87 ? 64  TYR A O   1 
ATOM   313  C CB  . TYR A 1 76  ? -12.179 -17.752 11.038  1.00 38.02 ? 64  TYR A CB  1 
ATOM   314  C CG  . TYR A 1 76  ? -13.529 -17.737 11.687  1.00 32.49 ? 64  TYR A CG  1 
ATOM   315  C CD1 . TYR A 1 76  ? -14.633 -17.303 10.989  1.00 38.37 ? 64  TYR A CD1 1 
ATOM   316  C CD2 . TYR A 1 76  ? -13.723 -18.289 12.935  1.00 34.84 ? 64  TYR A CD2 1 
ATOM   317  C CE1 . TYR A 1 76  ? -15.885 -17.284 11.568  1.00 41.05 ? 64  TYR A CE1 1 
ATOM   318  C CE2 . TYR A 1 76  ? -14.971 -18.317 13.520  1.00 37.03 ? 64  TYR A CE2 1 
ATOM   319  C CZ  . TYR A 1 76  ? -16.053 -17.820 12.827  1.00 40.50 ? 64  TYR A CZ  1 
ATOM   320  O OH  . TYR A 1 76  ? -17.276 -17.832 13.395  1.00 37.63 ? 64  TYR A OH  1 
ATOM   321  N N   . PHE A 1 77  ? -9.548  -19.280 9.739   1.00 35.80 ? 65  PHE A N   1 
ATOM   322  C CA  . PHE A 1 77  ? -8.257  -19.047 9.052   1.00 34.28 ? 65  PHE A CA  1 
ATOM   323  C C   . PHE A 1 77  ? -7.362  -20.253 9.284   1.00 38.81 ? 65  PHE A C   1 
ATOM   324  O O   . PHE A 1 77  ? -7.264  -20.733 10.411  1.00 38.83 ? 65  PHE A O   1 
ATOM   325  C CB  . PHE A 1 77  ? -7.533  -17.788 9.579   1.00 32.06 ? 65  PHE A CB  1 
ATOM   326  C CG  . PHE A 1 77  ? -8.257  -16.484 9.336   1.00 31.92 ? 65  PHE A CG  1 
ATOM   327  C CD1 . PHE A 1 77  ? -8.073  -15.775 8.154   1.00 32.69 ? 65  PHE A CD1 1 
ATOM   328  C CD2 . PHE A 1 77  ? -9.106  -15.951 10.299  1.00 33.91 ? 65  PHE A CD2 1 
ATOM   329  C CE1 . PHE A 1 77  ? -8.725  -14.569 7.936   1.00 33.20 ? 65  PHE A CE1 1 
ATOM   330  C CE2 . PHE A 1 77  ? -9.753  -14.742 10.089  1.00 36.44 ? 65  PHE A CE2 1 
ATOM   331  C CZ  . PHE A 1 77  ? -9.562  -14.054 8.901   1.00 38.42 ? 65  PHE A CZ  1 
ATOM   332  N N   . PRO A 1 78  ? -6.687  -20.757 8.226   1.00 42.96 ? 66  PRO A N   1 
ATOM   333  C CA  . PRO A 1 78  ? -5.724  -21.847 8.377   1.00 41.31 ? 66  PRO A CA  1 
ATOM   334  C C   . PRO A 1 78  ? -4.439  -21.512 9.129   1.00 46.02 ? 66  PRO A C   1 
ATOM   335  O O   . PRO A 1 78  ? -3.836  -22.450 9.584   1.00 45.21 ? 66  PRO A O   1 
ATOM   336  C CB  . PRO A 1 78  ? -5.389  -22.252 6.936   1.00 45.81 ? 66  PRO A CB  1 
ATOM   337  C CG  . PRO A 1 78  ? -5.754  -21.027 6.104   1.00 47.63 ? 66  PRO A CG  1 
ATOM   338  C CD  . PRO A 1 78  ? -6.931  -20.397 6.818   1.00 43.58 ? 66  PRO A CD  1 
ATOM   339  N N   . SER A 1 79  ? -4.076  -20.224 9.281   1.00 41.42 ? 67  SER A N   1 
ATOM   340  C CA  . SER A 1 79  ? -2.791  -19.777 9.895   1.00 45.32 ? 67  SER A CA  1 
ATOM   341  C C   . SER A 1 79  ? -2.820  -18.274 10.211  1.00 38.69 ? 67  SER A C   1 
ATOM   342  O O   . SER A 1 79  ? -3.660  -17.560 9.632   1.00 34.20 ? 67  SER A O   1 
ATOM   343  C CB  . SER A 1 79  ? -1.632  -20.043 8.980   1.00 47.98 ? 67  SER A CB  1 
ATOM   344  O OG  . SER A 1 79  ? -1.820  -19.332 7.768   1.00 50.69 ? 67  SER A OG  1 
ATOM   345  N N   . LYS A 1 80  ? -1.903  -17.825 11.057  1.00 40.05 ? 68  LYS A N   1 
ATOM   346  C CA  . LYS A 1 80  ? -1.730  -16.383 11.368  1.00 43.63 ? 68  LYS A CA  1 
ATOM   347  C C   . LYS A 1 80  ? -1.306  -15.666 10.075  1.00 43.96 ? 68  LYS A C   1 
ATOM   348  O O   . LYS A 1 80  ? -1.717  -14.502 9.889   1.00 39.99 ? 68  LYS A O   1 
ATOM   349  C CB  . LYS A 1 80  ? -0.764  -16.212 12.535  1.00 45.13 ? 68  LYS A CB  1 
ATOM   350  C CG  . LYS A 1 80  ? 0.603   -16.815 12.293  1.00 53.66 ? 68  LYS A CG  1 
ATOM   351  C CD  . LYS A 1 80  ? 1.534   -16.577 13.439  1.00 55.68 ? 68  LYS A CD  1 
ATOM   352  C CE  . LYS A 1 80  ? 2.965   -16.910 13.090  1.00 56.96 ? 68  LYS A CE  1 
ATOM   353  N NZ  . LYS A 1 80  ? 3.846   -16.701 14.257  1.00 59.45 ? 68  LYS A NZ  1 
ATOM   354  N N   . GLU A 1 81  ? -0.631  -16.380 9.165   1.00 41.80 ? 69  GLU A N   1 
ATOM   355  C CA  . GLU A 1 81  ? -0.180  -15.868 7.843   1.00 43.08 ? 69  GLU A CA  1 
ATOM   356  C C   . GLU A 1 81  ? -1.404  -15.528 7.004   1.00 41.13 ? 69  GLU A C   1 
ATOM   357  O O   . GLU A 1 81  ? -1.422  -14.479 6.367   1.00 38.11 ? 69  GLU A O   1 
ATOM   358  C CB  . GLU A 1 81  ? 0.727   -16.878 7.150   1.00 43.40 ? 69  GLU A CB  1 
ATOM   359  C CG  . GLU A 1 81  ? 2.052   -17.053 7.883   1.00 48.19 ? 69  GLU A CG  1 
ATOM   360  C CD  . GLU A 1 81  ? 2.073   -18.013 9.073   1.00 52.67 ? 69  GLU A CD  1 
ATOM   361  O OE1 . GLU A 1 81  ? 1.170   -18.863 9.180   1.00 50.88 ? 69  GLU A OE1 1 
ATOM   362  O OE2 . GLU A 1 81  ? 2.993   -17.901 9.902   1.00 54.74 ? 69  GLU A OE2 1 
ATOM   363  N N   . ALA A 1 82  ? -2.455  -16.341 7.069   1.00 36.67 ? 70  ALA A N   1 
ATOM   364  C CA  . ALA A 1 82  ? -3.685  -16.083 6.292   1.00 32.63 ? 70  ALA A CA  1 
ATOM   365  C C   . ALA A 1 82  ? -4.367  -14.841 6.847   1.00 29.99 ? 70  ALA A C   1 
ATOM   366  O O   . ALA A 1 82  ? -5.065  -14.161 6.096   1.00 31.98 ? 70  ALA A O   1 
ATOM   367  C CB  . ALA A 1 82  ? -4.612  -17.269 6.347   1.00 36.31 ? 70  ALA A CB  1 
ATOM   368  N N   . VAL A 1 83  ? -4.273  -14.627 8.159   1.00 30.10 ? 71  VAL A N   1 
ATOM   369  C CA  . VAL A 1 83  ? -4.900  -13.437 8.796   1.00 30.28 ? 71  VAL A CA  1 
ATOM   370  C C   . VAL A 1 83  ? -4.243  -12.191 8.180   1.00 28.46 ? 71  VAL A C   1 
ATOM   371  O O   . VAL A 1 83  ? -4.974  -11.241 7.839   1.00 29.76 ? 71  VAL A O   1 
ATOM   372  C CB  . VAL A 1 83  ? -4.798  -13.482 10.336  1.00 29.02 ? 71  VAL A CB  1 
ATOM   373  C CG1 . VAL A 1 83  ? -5.442  -12.265 10.976  1.00 31.34 ? 71  VAL A CG1 1 
ATOM   374  C CG2 . VAL A 1 83  ? -5.490  -14.737 10.871  1.00 30.42 ? 71  VAL A CG2 1 
ATOM   375  N N   . LEU A 1 84  ? -2.923  -12.178 8.124   1.00 29.60 ? 72  LEU A N   1 
ATOM   376  C CA  . LEU A 1 84  ? -2.156  -11.016 7.569   1.00 31.92 ? 72  LEU A CA  1 
ATOM   377  C C   . LEU A 1 84  ? -2.511  -10.814 6.100   1.00 32.05 ? 72  LEU A C   1 
ATOM   378  O O   . LEU A 1 84  ? -2.706  -9.663  5.675   1.00 31.22 ? 72  LEU A O   1 
ATOM   379  C CB  . LEU A 1 84  ? -0.665  -11.273 7.727   1.00 32.71 ? 72  LEU A CB  1 
ATOM   380  C CG  . LEU A 1 84  ? 0.255   -10.222 7.090   1.00 36.17 ? 72  LEU A CG  1 
ATOM   381  C CD1 . LEU A 1 84  ? -0.055  -8.832  7.619   1.00 36.57 ? 72  LEU A CD1 1 
ATOM   382  C CD2 . LEU A 1 84  ? 1.712   -10.559 7.332   1.00 37.09 ? 72  LEU A CD2 1 
ATOM   383  N N   . LEU A 1 85  ? -2.622  -11.905 5.344   1.00 31.69 ? 73  LEU A N   1 
ATOM   384  C CA  . LEU A 1 85  ? -2.952  -11.828 3.915   1.00 32.34 ? 73  LEU A CA  1 
ATOM   385  C C   . LEU A 1 85  ? -4.295  -11.149 3.800   1.00 32.46 ? 73  LEU A C   1 
ATOM   386  O O   . LEU A 1 85  ? -4.432  -10.254 2.925   1.00 29.24 ? 73  LEU A O   1 
ATOM   387  C CB  . LEU A 1 85  ? -2.944  -13.208 3.243   1.00 32.32 ? 73  LEU A CB  1 
ATOM   388  C CG  . LEU A 1 85  ? -3.561  -13.242 1.844   1.00 35.97 ? 73  LEU A CG  1 
ATOM   389  C CD1 . LEU A 1 85  ? -2.714  -12.426 0.863   1.00 34.00 ? 73  LEU A CD1 1 
ATOM   390  C CD2 . LEU A 1 85  ? -3.707  -14.684 1.334   1.00 36.36 ? 73  LEU A CD2 1 
ATOM   391  N N   . THR A 1 86  ? -5.257  -11.521 4.653   1.00 29.93 ? 74  THR A N   1 
ATOM   392  C CA  . THR A 1 86  ? -6.584  -10.892 4.586   1.00 26.39 ? 74  THR A CA  1 
ATOM   393  C C   . THR A 1 86  ? -6.498  -9.420  4.969   1.00 25.66 ? 74  THR A C   1 
ATOM   394  O O   . THR A 1 86  ? -7.172  -8.609  4.341   1.00 26.98 ? 74  THR A O   1 
ATOM   395  C CB  . THR A 1 86  ? -7.598  -11.581 5.502   1.00 29.46 ? 74  THR A CB  1 
ATOM   396  O OG1 . THR A 1 86  ? -7.695  -12.939 5.101   1.00 32.11 ? 74  THR A OG1 1 
ATOM   397  C CG2 . THR A 1 86  ? -8.948  -10.939 5.393   1.00 27.20 ? 74  THR A CG2 1 
ATOM   398  N N   . LEU A 1 87  ? -5.787  -9.104  6.041   1.00 25.99 ? 75  LEU A N   1 
ATOM   399  C CA  . LEU A 1 87  ? -5.635  -7.684  6.456   1.00 30.35 ? 75  LEU A CA  1 
ATOM   400  C C   . LEU A 1 87  ? -5.001  -6.877  5.307   1.00 26.48 ? 75  LEU A C   1 
ATOM   401  O O   . LEU A 1 87  ? -5.514  -5.798  4.988   1.00 27.70 ? 75  LEU A O   1 
ATOM   402  C CB  . LEU A 1 87  ? -4.755  -7.639  7.693   1.00 28.48 ? 75  LEU A CB  1 
ATOM   403  C CG  . LEU A 1 87  ? -5.473  -7.952  9.002   1.00 27.35 ? 75  LEU A CG  1 
ATOM   404  C CD1 . LEU A 1 87  ? -4.446  -8.132  10.079  1.00 32.72 ? 75  LEU A CD1 1 
ATOM   405  C CD2 . LEU A 1 87  ? -6.490  -6.881  9.369   1.00 30.11 ? 75  LEU A CD2 1 
ATOM   406  N N   . LEU A 1 88  ? -3.975  -7.415  4.665   1.00 25.99 ? 76  LEU A N   1 
ATOM   407  C CA  . LEU A 1 88  ? -3.310  -6.649  3.569   1.00 24.94 ? 76  LEU A CA  1 
ATOM   408  C C   . LEU A 1 88  ? -4.263  -6.450  2.395   1.00 26.47 ? 76  LEU A C   1 
ATOM   409  O O   . LEU A 1 88  ? -4.343  -5.359  1.847   1.00 25.54 ? 76  LEU A O   1 
ATOM   410  C CB  . LEU A 1 88  ? -2.048  -7.373  3.147   1.00 26.28 ? 76  LEU A CB  1 
ATOM   411  C CG  . LEU A 1 88  ? -1.218  -6.640  2.081   1.00 25.89 ? 76  LEU A CG  1 
ATOM   412  C CD1 . LEU A 1 88  ? -0.783  -5.292  2.635   1.00 26.03 ? 76  LEU A CD1 1 
ATOM   413  C CD2 . LEU A 1 88  ? -0.002  -7.483  1.683   1.00 28.57 ? 76  LEU A CD2 1 
ATOM   414  N N   . ASP A 1 89  ? -5.033  -7.472  2.063   1.00 28.87 ? 77  ASP A N   1 
ATOM   415  C CA  . ASP A 1 89  ? -5.996  -7.460  0.943   1.00 26.57 ? 77  ASP A CA  1 
ATOM   416  C C   . ASP A 1 89  ? -7.007  -6.349  1.206   1.00 28.23 ? 77  ASP A C   1 
ATOM   417  O O   . ASP A 1 89  ? -7.384  -5.615  0.267   1.00 26.13 ? 77  ASP A O   1 
ATOM   418  C CB  . ASP A 1 89  ? -6.626  -8.853  0.799   1.00 32.52 ? 77  ASP A CB  1 
ATOM   419  C CG  . ASP A 1 89  ? -7.605  -8.917  -0.356  1.00 35.77 ? 77  ASP A CG  1 
ATOM   420  O OD1 . ASP A 1 89  ? -8.692  -8.410  -0.206  1.00 47.11 ? 77  ASP A OD1 1 
ATOM   421  O OD2 . ASP A 1 89  ? -7.233  -9.381  -1.402  1.00 45.48 ? 77  ASP A OD2 1 
ATOM   422  N N   . ARG A 1 90  ? -7.461  -6.202  2.445   1.00 26.97 ? 78  ARG A N   1 
ATOM   423  C CA  . ARG A 1 90  ? -8.462  -5.148  2.737   1.00 28.54 ? 78  ARG A CA  1 
ATOM   424  C C   . ARG A 1 90  ? -7.811  -3.771  2.537   1.00 25.01 ? 78  ARG A C   1 
ATOM   425  O O   . ARG A 1 90  ? -8.455  -2.876  2.017   1.00 24.04 ? 78  ARG A O   1 
ATOM   426  C CB  . ARG A 1 90  ? -8.961  -5.345  4.167   1.00 34.47 ? 78  ARG A CB  1 
ATOM   427  C CG  . ARG A 1 90  ? -9.764  -6.632  4.332   1.00 44.19 ? 78  ARG A CG  1 
ATOM   428  C CD  . ARG A 1 90  ? -9.806  -7.090  5.786   1.00 54.51 ? 78  ARG A CD  1 
ATOM   429  N NE  . ARG A 1 90  ? -10.444 -6.097  6.653   1.00 57.55 ? 78  ARG A NE  1 
ATOM   430  C CZ  . ARG A 1 90  ? -11.761 -5.916  6.760   1.00 62.48 ? 78  ARG A CZ  1 
ATOM   431  N NH1 . ARG A 1 90  ? -12.233 -4.979  7.563   1.00 64.71 ? 78  ARG A NH1 1 
ATOM   432  N NH2 . ARG A 1 90  ? -12.601 -6.674  6.076   1.00 61.16 ? 78  ARG A NH2 1 
ATOM   433  N N   . VAL A 1 91  ? -6.606  -3.597  3.057   1.00 24.13 ? 79  VAL A N   1 
ATOM   434  C CA  . VAL A 1 91  ? -5.862  -2.290  2.969   1.00 25.74 ? 79  VAL A CA  1 
ATOM   435  C C   . VAL A 1 91  ? -5.596  -1.955  1.481   1.00 23.19 ? 79  VAL A C   1 
ATOM   436  O O   . VAL A 1 91  ? -5.931  -0.837  1.045   1.00 24.93 ? 79  VAL A O   1 
ATOM   437  C CB  . VAL A 1 91  ? -4.583  -2.315  3.825   1.00 26.30 ? 79  VAL A CB  1 
ATOM   438  C CG1 . VAL A 1 91  ? -3.722  -1.063  3.641   1.00 30.93 ? 79  VAL A CG1 1 
ATOM   439  C CG2 . VAL A 1 91  ? -4.890  -2.469  5.298   1.00 29.63 ? 79  VAL A CG2 1 
ATOM   440  N N   . VAL A 1 92  ? -5.119  -2.883  0.664   1.00 23.16 ? 80  VAL A N   1 
ATOM   441  C CA  . VAL A 1 92  ? -4.798  -2.539  -0.757  1.00 24.60 ? 80  VAL A CA  1 
ATOM   442  C C   . VAL A 1 92  ? -6.101  -2.252  -1.502  1.00 25.57 ? 80  VAL A C   1 
ATOM   443  O O   . VAL A 1 92  ? -6.159  -1.298  -2.296  1.00 22.13 ? 80  VAL A O   1 
ATOM   444  C CB  . VAL A 1 92  ? -3.867  -3.542  -1.460  1.00 27.15 ? 80  VAL A CB  1 
ATOM   445  C CG1 . VAL A 1 92  ? -2.608  -3.806  -0.635  1.00 28.55 ? 80  VAL A CG1 1 
ATOM   446  C CG2 . VAL A 1 92  ? -4.525  -4.839  -1.869  1.00 30.30 ? 80  VAL A CG2 1 
ATOM   447  N N   . ASN A 1 93  ? -7.154  -3.016  -1.225  1.00 26.89 ? 81  ASN A N   1 
ATOM   448  C CA  . ASN A 1 93  ? -8.485  -2.748  -1.818  1.00 25.47 ? 81  ASN A CA  1 
ATOM   449  C C   . ASN A 1 93  ? -8.997  -1.380  -1.372  1.00 25.23 ? 81  ASN A C   1 
ATOM   450  O O   . ASN A 1 93  ? -9.628  -0.699  -2.194  1.00 25.72 ? 81  ASN A O   1 
ATOM   451  C CB  . ASN A 1 93  ? -9.447  -3.909  -1.513  1.00 26.71 ? 81  ASN A CB  1 
ATOM   452  C CG  . ASN A 1 93  ? -9.252  -5.009  -2.532  1.00 29.44 ? 81  ASN A CG  1 
ATOM   453  O OD1 . ASN A 1 93  ? -9.595  -4.820  -3.692  1.00 30.18 ? 81  ASN A OD1 1 
ATOM   454  N ND2 . ASN A 1 93  ? -8.588  -6.088  -2.152  1.00 30.19 ? 81  ASN A ND2 1 
ATOM   455  N N   . GLN A 1 94  ? -8.811  -0.990  -0.113  1.00 24.90 ? 82  GLN A N   1 
ATOM   456  C CA  . GLN A 1 94  ? -9.261  0.355   0.331   1.00 26.61 ? 82  GLN A CA  1 
ATOM   457  C C   . GLN A 1 94  ? -8.515  1.428   -0.469  1.00 24.36 ? 82  GLN A C   1 
ATOM   458  O O   . GLN A 1 94  ? -9.130  2.383   -0.905  1.00 23.41 ? 82  GLN A O   1 
ATOM   459  C CB  . GLN A 1 94  ? -8.988  0.529   1.827   1.00 29.04 ? 82  GLN A CB  1 
ATOM   460  C CG  . GLN A 1 94  ? -9.473  1.846   2.387   1.00 34.89 ? 82  GLN A CG  1 
ATOM   461  C CD  . GLN A 1 94  ? -9.122  1.977   3.854   1.00 43.72 ? 82  GLN A CD  1 
ATOM   462  O OE1 . GLN A 1 94  ? -8.971  0.990   4.582   1.00 51.16 ? 82  GLN A OE1 1 
ATOM   463  N NE2 . GLN A 1 94  ? -8.962  3.210   4.290   1.00 42.32 ? 82  GLN A NE2 1 
ATOM   464  N N   . ALA A 1 95  ? -7.199  1.301   -0.654  1.00 23.09 ? 83  ALA A N   1 
ATOM   465  C CA  . ALA A 1 95  ? -6.427  2.282   -1.457  1.00 21.82 ? 83  ALA A CA  1 
ATOM   466  C C   . ALA A 1 95  ? -6.973  2.269   -2.882  1.00 20.02 ? 83  ALA A C   1 
ATOM   467  O O   . ALA A 1 95  ? -7.170  3.340   -3.473  1.00 22.53 ? 83  ALA A O   1 
ATOM   468  C CB  . ALA A 1 95  ? -4.932  1.920   -1.430  1.00 22.93 ? 83  ALA A CB  1 
ATOM   469  N N   . ASP A 1 96  ? -7.154  1.069   -3.434  1.00 23.66 ? 84  ASP A N   1 
ATOM   470  C CA  . ASP A 1 96  ? -7.537  0.928   -4.850  1.00 22.07 ? 84  ASP A CA  1 
ATOM   471  C C   . ASP A 1 96  ? -8.930  1.555   -5.064  1.00 24.35 ? 84  ASP A C   1 
ATOM   472  O O   . ASP A 1 96  ? -9.064  2.362   -6.018  1.00 24.32 ? 84  ASP A O   1 
ATOM   473  C CB  . ASP A 1 96  ? -7.450  -0.523  -5.283  1.00 25.51 ? 84  ASP A CB  1 
ATOM   474  C CG  . ASP A 1 96  ? -7.636  -0.628  -6.779  1.00 31.47 ? 84  ASP A CG  1 
ATOM   475  O OD1 . ASP A 1 96  ? -6.848  -0.003  -7.521  1.00 25.99 ? 84  ASP A OD1 1 
ATOM   476  O OD2 . ASP A 1 96  ? -8.637  -1.239  -7.179  1.00 28.48 ? 84  ASP A OD2 1 
ATOM   477  N N   . MET A 1 97  ? -9.893  1.299   -4.165  1.00 24.24 ? 85  MET A N   1 
ATOM   478  C CA  . MET A 1 97  ? -11.267 1.890   -4.246  1.00 31.28 ? 85  MET A CA  1 
ATOM   479  C C   . MET A 1 97  ? -11.177 3.409   -4.088  1.00 28.22 ? 85  MET A C   1 
ATOM   480  O O   . MET A 1 97  ? -11.850 4.128   -4.829  1.00 28.62 ? 85  MET A O   1 
ATOM   481  C CB  . MET A 1 97  ? -12.210 1.284   -3.192  1.00 34.89 ? 85  MET A CB  1 
ATOM   482  C CG  . MET A 1 97  ? -12.472 -0.200  -3.431  1.00 43.78 ? 85  MET A CG  1 
ATOM   483  S SD  . MET A 1 97  ? -13.637 -1.024  -2.269  1.00 61.68 ? 85  MET A SD  1 
ATOM   484  C CE  . MET A 1 97  ? -12.696 -1.156  -0.739  1.00 56.26 ? 85  MET A CE  1 
ATOM   485  N N   . ALA A 1 98  ? -10.333 3.918   -3.189  1.00 27.21 ? 86  ALA A N   1 
ATOM   486  C CA  . ALA A 1 98  ? -10.159 5.379   -3.042  1.00 25.00 ? 86  ALA A CA  1 
ATOM   487  C C   . ALA A 1 98  ? -9.583  5.968   -4.327  1.00 26.27 ? 86  ALA A C   1 
ATOM   488  O O   . ALA A 1 98  ? -10.075 7.017   -4.771  1.00 27.62 ? 86  ALA A O   1 
ATOM   489  C CB  . ALA A 1 98  ? -9.313  5.714   -1.847  1.00 26.16 ? 86  ALA A CB  1 
ATOM   490  N N   . LEU A 1 99  ? -8.620  5.321   -4.967  1.00 24.66 ? 87  LEU A N   1 
ATOM   491  C CA  . LEU A 1 99  ? -8.084  5.878   -6.245  1.00 26.29 ? 87  LEU A CA  1 
ATOM   492  C C   . LEU A 1 99  ? -9.185  5.845   -7.337  1.00 30.13 ? 87  LEU A C   1 
ATOM   493  O O   . LEU A 1 99  ? -9.346  6.859   -8.049  1.00 31.42 ? 87  LEU A O   1 
ATOM   494  C CB  . LEU A 1 99  ? -6.829  5.097   -6.645  1.00 25.01 ? 87  LEU A CB  1 
ATOM   495  C CG  . LEU A 1 99  ? -6.205  5.498   -7.990  1.00 26.68 ? 87  LEU A CG  1 
ATOM   496  C CD1 . LEU A 1 99  ? -5.610  6.895   -7.912  1.00 28.21 ? 87  LEU A CD1 1 
ATOM   497  C CD2 . LEU A 1 99  ? -5.161  4.467   -8.394  1.00 29.36 ? 87  LEU A CD2 1 
ATOM   498  N N   . GLN A 1 100 ? -9.960  4.764   -7.431  1.00 29.18 ? 88  GLN A N   1 
ATOM   499  C CA  . GLN A 1 100 ? -11.088 4.664   -8.412  1.00 35.67 ? 88  GLN A CA  1 
ATOM   500  C C   . GLN A 1 100 ? -12.043 5.847   -8.198  1.00 35.45 ? 88  GLN A C   1 
ATOM   501  O O   . GLN A 1 100 ? -12.509 6.431   -9.214  1.00 38.49 ? 88  GLN A O   1 
ATOM   502  C CB  . GLN A 1 100 ? -11.806 3.323   -8.268  1.00 39.62 ? 88  GLN A CB  1 
ATOM   503  C CG  . GLN A 1 100 ? -11.064 2.165   -8.917  1.00 48.86 ? 88  GLN A CG  1 
ATOM   504  C CD  . GLN A 1 100 ? -11.875 0.911   -8.726  1.00 59.04 ? 88  GLN A CD  1 
ATOM   505  O OE1 . GLN A 1 100 ? -11.491 0.009   -7.979  1.00 58.23 ? 88  GLN A OE1 1 
ATOM   506  N NE2 . GLN A 1 100 ? -13.059 0.913   -9.319  1.00 50.65 ? 88  GLN A NE2 1 
ATOM   507  N N   . THR A 1 101 ? -12.278 6.234   -6.936  1.00 35.73 ? 89  THR A N   1 
ATOM   508  C CA  . THR A 1 101 ? -13.194 7.338   -6.562  1.00 38.24 ? 89  THR A CA  1 
ATOM   509  C C   . THR A 1 101 ? -12.680 8.647   -7.149  1.00 46.76 ? 89  THR A C   1 
ATOM   510  O O   . THR A 1 101 ? -13.439 9.313   -7.864  1.00 43.46 ? 89  THR A O   1 
ATOM   511  C CB  . THR A 1 101 ? -13.368 7.436   -5.046  1.00 42.62 ? 89  THR A CB  1 
ATOM   512  O OG1 . THR A 1 101 ? -14.091 6.251   -4.716  1.00 40.66 ? 89  THR A OG1 1 
ATOM   513  C CG2 . THR A 1 101 ? -14.126 8.671   -4.605  1.00 46.81 ? 89  THR A CG2 1 
ATOM   514  N N   . LEU A 1 102 ? -11.431 9.004   -6.865  1.00 42.66 ? 90  LEU A N   1 
ATOM   515  C CA  . LEU A 1 102 ? -10.755 10.147  -7.538  1.00 46.12 ? 90  LEU A CA  1 
ATOM   516  C C   . LEU A 1 102 ? -10.943 10.131  -9.052  1.00 44.66 ? 90  LEU A C   1 
ATOM   517  O O   . LEU A 1 102 ? -11.252 11.200  -9.625  1.00 51.93 ? 90  LEU A O   1 
ATOM   518  C CB  . LEU A 1 102 ? -9.259  10.066  -7.238  1.00 45.84 ? 90  LEU A CB  1 
ATOM   519  C CG  . LEU A 1 102 ? -8.863  10.643  -5.897  1.00 45.79 ? 90  LEU A CG  1 
ATOM   520  C CD1 . LEU A 1 102 ? -7.354  10.581  -5.747  1.00 43.97 ? 90  LEU A CD1 1 
ATOM   521  C CD2 . LEU A 1 102 ? -9.373  12.072  -5.781  1.00 48.23 ? 90  LEU A CD2 1 
ATOM   522  N N   . ALA A 1 103 ? -10.682 8.986   -9.681  1.00 51.25 ? 91  ALA A N   1 
ATOM   523  C CA  . ALA A 1 103 ? -10.592 8.825   -11.152 1.00 57.60 ? 91  ALA A CA  1 
ATOM   524  C C   . ALA A 1 103 ? -11.943 9.122   -11.831 1.00 65.24 ? 91  ALA A C   1 
ATOM   525  O O   . ALA A 1 103 ? -11.938 9.230   -13.060 1.00 56.28 ? 91  ALA A O   1 
ATOM   526  C CB  . ALA A 1 103 ? -10.117 7.428   -11.493 1.00 53.25 ? 91  ALA A CB  1 
ATOM   527  N N   . GLU A 1 104 ? -13.054 9.209   -11.082 1.00 66.53 ? 92  GLU A N   1 
ATOM   528  C CA  . GLU A 1 104 ? -14.410 9.519   -11.612 1.00 70.23 ? 92  GLU A CA  1 
ATOM   529  C C   . GLU A 1 104 ? -14.674 11.016  -11.395 1.00 66.17 ? 92  GLU A C   1 
ATOM   530  O O   . GLU A 1 104 ? -15.382 11.375  -10.452 1.00 70.50 ? 92  GLU A O   1 
ATOM   531  C CB  . GLU A 1 104 ? -15.418 8.567   -10.968 1.00 71.51 ? 92  GLU A CB  1 
ATOM   532  C CG  . GLU A 1 104 ? -15.107 7.098   -11.253 1.00 71.39 ? 92  GLU A CG  1 
ATOM   533  C CD  . GLU A 1 104 ? -15.859 6.078   -10.409 1.00 72.00 ? 92  GLU A CD  1 
ATOM   534  O OE1 . GLU A 1 104 ? -16.831 6.466   -9.734  1.00 74.04 ? 92  GLU A OE1 1 
ATOM   535  O OE2 . GLU A 1 104 ? -15.479 4.892   -10.433 1.00 74.90 ? 92  GLU A OE2 1 
ATOM   536  N N   . ASN A 1 105 ? -14.074 11.848  -12.250 1.00 67.49 ? 93  ASN A N   1 
ATOM   537  C CA  . ASN A 1 105 ? -14.038 13.324  -12.125 1.00 64.09 ? 93  ASN A CA  1 
ATOM   538  C C   . ASN A 1 105 ? -12.947 13.868  -13.047 1.00 65.04 ? 93  ASN A C   1 
ATOM   539  O O   . ASN A 1 105 ? -12.620 15.062  -12.881 1.00 68.27 ? 93  ASN A O   1 
ATOM   540  C CB  . ASN A 1 105 ? -13.771 13.779  -10.690 1.00 70.19 ? 93  ASN A CB  1 
ATOM   541  C CG  . ASN A 1 105 ? -13.716 15.287  -10.615 1.00 76.04 ? 93  ASN A CG  1 
ATOM   542  O OD1 . ASN A 1 105 ? -14.494 15.952  -11.291 1.00 71.85 ? 93  ASN A OD1 1 
ATOM   543  N ND2 . ASN A 1 105 ? -12.782 15.835  -9.851  1.00 75.97 ? 93  ASN A ND2 1 
ATOM   544  N N   . ASP A 1 110 ? -5.217  21.872  -11.299 1.00 42.60 ? 98  ASP A N   1 
ATOM   545  C CA  . ASP A 1 110 ? -3.798  22.036  -11.683 1.00 38.27 ? 98  ASP A CA  1 
ATOM   546  C C   . ASP A 1 110 ? -3.136  20.664  -11.530 1.00 34.71 ? 98  ASP A C   1 
ATOM   547  O O   . ASP A 1 110 ? -3.596  19.858  -10.691 1.00 27.87 ? 98  ASP A O   1 
ATOM   548  C CB  . ASP A 1 110 ? -3.118  23.201  -10.959 1.00 42.98 ? 98  ASP A CB  1 
ATOM   549  C CG  . ASP A 1 110 ? -2.507  22.973  -9.584  1.00 45.06 ? 98  ASP A CG  1 
ATOM   550  O OD1 . ASP A 1 110 ? -2.025  21.902  -9.306  1.00 46.28 ? 98  ASP A OD1 1 
ATOM   551  O OD2 . ASP A 1 110 ? -2.467  23.928  -8.825  1.00 63.29 ? 98  ASP A OD2 1 
ATOM   552  N N   . ARG A 1 111 ? -2.166  20.410  -12.388 1.00 30.92 ? 99  ARG A N   1 
ATOM   553  C CA  . ARG A 1 111 ? -1.483  19.094  -12.517 1.00 34.12 ? 99  ARG A CA  1 
ATOM   554  C C   . ARG A 1 111 ? -0.797  18.726  -11.188 1.00 29.35 ? 99  ARG A C   1 
ATOM   555  O O   . ARG A 1 111 ? -0.874  17.552  -10.800 1.00 28.65 ? 99  ARG A O   1 
ATOM   556  C CB  . ARG A 1 111 ? -0.524  19.161  -13.704 1.00 34.95 ? 99  ARG A CB  1 
ATOM   557  C CG  . ARG A 1 111 ? 0.600   20.163  -13.503 1.00 38.97 ? 99  ARG A CG  1 
ATOM   558  C CD  . ARG A 1 111 ? 1.195   20.670  -14.803 1.00 39.80 ? 99  ARG A CD  1 
ATOM   559  N NE  . ARG A 1 111 ? 2.497   21.216  -14.460 1.00 44.04 ? 99  ARG A NE  1 
ATOM   560  C CZ  . ARG A 1 111 ? 3.385   21.660  -15.343 1.00 45.36 ? 99  ARG A CZ  1 
ATOM   561  N NH1 . ARG A 1 111 ? 3.101   21.636  -16.634 1.00 40.53 ? 99  ARG A NH1 1 
ATOM   562  N NH2 . ARG A 1 111 ? 4.551   22.127  -14.924 1.00 46.71 ? 99  ARG A NH2 1 
ATOM   563  N N   . GLU A 1 112 ? -0.202  19.684  -10.487 1.00 26.52 ? 100 GLU A N   1 
ATOM   564  C CA  . GLU A 1 112 ? 0.500   19.367  -9.230  1.00 29.21 ? 100 GLU A CA  1 
ATOM   565  C C   . GLU A 1 112 ? -0.508  18.829  -8.208  1.00 29.72 ? 100 GLU A C   1 
ATOM   566  O O   . GLU A 1 112 ? -0.271  17.792  -7.573  1.00 26.36 ? 100 GLU A O   1 
ATOM   567  C CB  . GLU A 1 112 ? 1.229   20.585  -8.702  1.00 31.05 ? 100 GLU A CB  1 
ATOM   568  C CG  . GLU A 1 112 ? 2.128   20.165  -7.585  1.00 38.50 ? 100 GLU A CG  1 
ATOM   569  C CD  . GLU A 1 112 ? 2.545   21.243  -6.629  1.00 51.84 ? 100 GLU A CD  1 
ATOM   570  O OE1 . GLU A 1 112 ? 3.208   22.175  -7.087  1.00 58.31 ? 100 GLU A OE1 1 
ATOM   571  O OE2 . GLU A 1 112 ? 2.217   21.106  -5.420  1.00 60.73 ? 100 GLU A OE2 1 
ATOM   572  N N   . ASN A 1 113 ? -1.640  19.499  -8.067  1.00 28.92 ? 101 ASN A N   1 
ATOM   573  C CA  . ASN A 1 113 ? -2.685  19.108  -7.088  1.00 30.13 ? 101 ASN A CA  1 
ATOM   574  C C   . ASN A 1 113 ? -3.333  17.759  -7.457  1.00 25.09 ? 101 ASN A C   1 
ATOM   575  O O   . ASN A 1 113 ? -3.721  16.954  -6.537  1.00 27.41 ? 101 ASN A O   1 
ATOM   576  C CB  . ASN A 1 113 ? -3.709  20.239  -6.960  1.00 33.18 ? 101 ASN A CB  1 
ATOM   577  C CG  . ASN A 1 113 ? -4.425  20.105  -5.645  1.00 38.04 ? 101 ASN A CG  1 
ATOM   578  O OD1 . ASN A 1 113 ? -3.796  20.199  -4.586  1.00 37.44 ? 101 ASN A OD1 1 
ATOM   579  N ND2 . ASN A 1 113 ? -5.706  19.802  -5.723  1.00 37.78 ? 101 ASN A ND2 1 
ATOM   580  N N   . MET A 1 114 ? -3.479  17.459  -8.748  1.00 25.44 ? 102 MET A N   1 
ATOM   581  C CA  . MET A 1 114 ? -4.010  16.145  -9.183  1.00 24.54 ? 102 MET A CA  1 
ATOM   582  C C   . MET A 1 114 ? -3.059  15.045  -8.672  1.00 22.50 ? 102 MET A C   1 
ATOM   583  O O   . MET A 1 114 ? -3.520  14.098  -8.025  1.00 20.64 ? 102 MET A O   1 
ATOM   584  C CB  . MET A 1 114 ? -4.110  16.081  -10.721 1.00 28.78 ? 102 MET A CB  1 
ATOM   585  C CG  . MET A 1 114 ? -4.594  14.728  -11.252 1.00 31.91 ? 102 MET A CG  1 
ATOM   586  S SD  . MET A 1 114 ? -4.634  14.578  -13.085 1.00 39.14 ? 102 MET A SD  1 
ATOM   587  C CE  . MET A 1 114 ? -2.925  14.812  -13.577 1.00 35.99 ? 102 MET A CE  1 
ATOM   588  N N   . TRP A 1 115 ? -1.766  15.131  -8.987  1.00 21.77 ? 103 TRP A N   1 
ATOM   589  C CA  . TRP A 1 115 ? -0.817  14.062  -8.579  1.00 21.00 ? 103 TRP A CA  1 
ATOM   590  C C   . TRP A 1 115 ? -0.715  14.027  -7.058  1.00 20.66 ? 103 TRP A C   1 
ATOM   591  O O   . TRP A 1 115 ? -0.641  12.941  -6.489  1.00 20.20 ? 103 TRP A O   1 
ATOM   592  C CB  . TRP A 1 115 ? 0.544   14.231  -9.256  1.00 20.81 ? 103 TRP A CB  1 
ATOM   593  C CG  . TRP A 1 115 ? 0.476   13.980  -10.733 1.00 21.15 ? 103 TRP A CG  1 
ATOM   594  C CD1 . TRP A 1 115 ? 0.685   14.896  -11.714 1.00 21.98 ? 103 TRP A CD1 1 
ATOM   595  C CD2 . TRP A 1 115 ? 0.205   12.732  -11.400 1.00 20.92 ? 103 TRP A CD2 1 
ATOM   596  N NE1 . TRP A 1 115 ? 0.531   14.311  -12.941 1.00 21.08 ? 103 TRP A NE1 1 
ATOM   597  C CE2 . TRP A 1 115 ? 0.227   12.993  -12.788 1.00 23.19 ? 103 TRP A CE2 1 
ATOM   598  C CE3 . TRP A 1 115 ? -0.069  11.433  -10.972 1.00 21.35 ? 103 TRP A CE3 1 
ATOM   599  C CZ2 . TRP A 1 115 ? 0.056   11.996  -13.753 1.00 24.22 ? 103 TRP A CZ2 1 
ATOM   600  C CZ3 . TRP A 1 115 ? -0.309  10.455  -11.920 1.00 22.42 ? 103 TRP A CZ3 1 
ATOM   601  C CH2 . TRP A 1 115 ? -0.239  10.729  -13.291 1.00 23.02 ? 103 TRP A CH2 1 
ATOM   602  N N   . ARG A 1 116 ? -0.752  15.183  -6.404  1.00 20.58 ? 104 ARG A N   1 
ATOM   603  C CA  . ARG A 1 116 ? -0.674  15.212  -4.937  1.00 18.79 ? 104 ARG A CA  1 
ATOM   604  C C   . ARG A 1 116 ? -1.870  14.457  -4.358  1.00 20.69 ? 104 ARG A C   1 
ATOM   605  O O   . ARG A 1 116 ? -1.680  13.678  -3.416  1.00 19.84 ? 104 ARG A O   1 
ATOM   606  C CB  . ARG A 1 116 ? -0.590  16.652  -4.427  1.00 21.95 ? 104 ARG A CB  1 
ATOM   607  C CG  . ARG A 1 116 ? -0.573  16.772  -2.906  1.00 24.09 ? 104 ARG A CG  1 
ATOM   608  C CD  . ARG A 1 116 ? -0.524  18.220  -2.402  1.00 26.31 ? 104 ARG A CD  1 
ATOM   609  N NE  . ARG A 1 116 ? 0.663   18.855  -2.947  1.00 32.81 ? 104 ARG A NE  1 
ATOM   610  C CZ  . ARG A 1 116 ? 1.894   18.773  -2.397  1.00 37.75 ? 104 ARG A CZ  1 
ATOM   611  N NH1 . ARG A 1 116 ? 2.098   18.157  -1.241  1.00 37.21 ? 104 ARG A NH1 1 
ATOM   612  N NH2 . ARG A 1 116 ? 2.927   19.345  -2.992  1.00 30.06 ? 104 ARG A NH2 1 
ATOM   613  N N   . THR A 1 117 ? -3.082  14.709  -4.863  1.00 21.38 ? 105 THR A N   1 
ATOM   614  C CA  . THR A 1 117 ? -4.311  14.050  -4.367  1.00 21.37 ? 105 THR A CA  1 
ATOM   615  C C   . THR A 1 117 ? -4.192  12.536  -4.555  1.00 20.29 ? 105 THR A C   1 
ATOM   616  O O   . THR A 1 117 ? -4.612  11.756  -3.653  1.00 20.07 ? 105 THR A O   1 
ATOM   617  C CB  . THR A 1 117 ? -5.552  14.687  -5.020  1.00 26.07 ? 105 THR A CB  1 
ATOM   618  O OG1 . THR A 1 117 ? -5.572  16.067  -4.657  1.00 24.52 ? 105 THR A OG1 1 
ATOM   619  C CG2 . THR A 1 117 ? -6.841  14.072  -4.514  1.00 32.83 ? 105 THR A CG2 1 
ATOM   620  N N   . GLY A 1 118 ? -3.702  12.101  -5.713  1.00 19.58 ? 106 GLY A N   1 
ATOM   621  C CA  . GLY A 1 118 ? -3.534  10.677  -6.018  1.00 20.65 ? 106 GLY A CA  1 
ATOM   622  C C   . GLY A 1 118 ? -2.486  10.028  -5.126  1.00 19.38 ? 106 GLY A C   1 
ATOM   623  O O   . GLY A 1 118 ? -2.766  8.987   -4.463  1.00 19.64 ? 106 GLY A O   1 
ATOM   624  N N   . ILE A 1 119 ? -1.310  10.627  -5.008  1.00 18.24 ? 107 ILE A N   1 
ATOM   625  C CA  . ILE A 1 119 ? -0.281  10.053  -4.090  1.00 19.38 ? 107 ILE A CA  1 
ATOM   626  C C   . ILE A 1 119 ? -0.836  10.007  -2.661  1.00 18.36 ? 107 ILE A C   1 
ATOM   627  O O   . ILE A 1 119 ? -0.581  9.069   -1.930  1.00 19.13 ? 107 ILE A O   1 
ATOM   628  C CB  . ILE A 1 119 ? 1.023   10.842  -4.216  1.00 18.01 ? 107 ILE A CB  1 
ATOM   629  C CG1 . ILE A 1 119 ? 1.563   10.739  -5.644  1.00 17.88 ? 107 ILE A CG1 1 
ATOM   630  C CG2 . ILE A 1 119 ? 2.001   10.345  -3.177  1.00 18.04 ? 107 ILE A CG2 1 
ATOM   631  C CD1 . ILE A 1 119 ? 2.764   11.619  -5.894  1.00 22.43 ? 107 ILE A CD1 1 
ATOM   632  N N   . ASN A 1 120 ? -1.617  11.009  -2.275  1.00 20.13 ? 108 ASN A N   1 
ATOM   633  C CA  . ASN A 1 120 ? -2.135  11.131  -0.891  1.00 19.52 ? 108 ASN A CA  1 
ATOM   634  C C   . ASN A 1 120 ? -3.077  9.972   -0.569  1.00 19.12 ? 108 ASN A C   1 
ATOM   635  O O   . ASN A 1 120 ? -3.219  9.645   0.617   1.00 19.20 ? 108 ASN A O   1 
ATOM   636  C CB  . ASN A 1 120 ? -2.843  12.470  -0.710  1.00 20.27 ? 108 ASN A CB  1 
ATOM   637  C CG  . ASN A 1 120 ? -3.233  12.699  0.728   1.00 21.98 ? 108 ASN A CG  1 
ATOM   638  O OD1 . ASN A 1 120 ? -2.358  12.767  1.603   1.00 19.48 ? 108 ASN A OD1 1 
ATOM   639  N ND2 . ASN A 1 120 ? -4.532  12.841  0.971   1.00 20.74 ? 108 ASN A ND2 1 
ATOM   640  N N   . VAL A 1 121 ? -3.759  9.385   -1.561  1.00 18.83 ? 109 VAL A N   1 
ATOM   641  C CA  . VAL A 1 121 ? -4.591  8.175   -1.271  1.00 21.17 ? 109 VAL A CA  1 
ATOM   642  C C   . VAL A 1 121 ? -3.695  7.130   -0.612  1.00 18.41 ? 109 VAL A C   1 
ATOM   643  O O   . VAL A 1 121 ? -4.085  6.464   0.385   1.00 17.06 ? 109 VAL A O   1 
ATOM   644  C CB  . VAL A 1 121 ? -5.208  7.647   -2.575  1.00 25.95 ? 109 VAL A CB  1 
ATOM   645  C CG1 . VAL A 1 121 ? -5.740  6.241   -2.427  1.00 28.78 ? 109 VAL A CG1 1 
ATOM   646  C CG2 . VAL A 1 121 ? -6.269  8.624   -3.058  1.00 28.02 ? 109 VAL A CG2 1 
ATOM   647  N N   . PHE A 1 122 ? -2.470  6.962   -1.119  1.00 17.75 ? 110 PHE A N   1 
ATOM   648  C CA  . PHE A 1 122 ? -1.591  5.863   -0.636  1.00 16.28 ? 110 PHE A CA  1 
ATOM   649  C C   . PHE A 1 122 ? -0.925  6.266   0.680   1.00 18.13 ? 110 PHE A C   1 
ATOM   650  O O   . PHE A 1 122 ? -0.783  5.446   1.625   1.00 20.51 ? 110 PHE A O   1 
ATOM   651  C CB  . PHE A 1 122 ? -0.608  5.521   -1.754  1.00 17.65 ? 110 PHE A CB  1 
ATOM   652  C CG  . PHE A 1 122 ? -1.325  4.902   -2.924  1.00 18.09 ? 110 PHE A CG  1 
ATOM   653  C CD1 . PHE A 1 122 ? -1.583  3.541   -2.936  1.00 20.75 ? 110 PHE A CD1 1 
ATOM   654  C CD2 . PHE A 1 122 ? -1.897  5.690   -3.909  1.00 17.73 ? 110 PHE A CD2 1 
ATOM   655  C CE1 . PHE A 1 122 ? -2.333  2.963   -3.958  1.00 19.05 ? 110 PHE A CE1 1 
ATOM   656  C CE2 . PHE A 1 122 ? -2.645  5.115   -4.942  1.00 18.78 ? 110 PHE A CE2 1 
ATOM   657  C CZ  . PHE A 1 122 ? -2.866  3.754   -4.966  1.00 18.86 ? 110 PHE A CZ  1 
ATOM   658  N N   . PHE A 1 123 ? -0.476  7.516   0.727   1.00 20.12 ? 111 PHE A N   1 
ATOM   659  C CA  . PHE A 1 123 ? 0.094   8.093   1.973   1.00 20.34 ? 111 PHE A CA  1 
ATOM   660  C C   . PHE A 1 123 ? -0.899  7.905   3.131   1.00 20.08 ? 111 PHE A C   1 
ATOM   661  O O   . PHE A 1 123 ? -0.492  7.433   4.194   1.00 20.28 ? 111 PHE A O   1 
ATOM   662  C CB  . PHE A 1 123 ? 0.426   9.560   1.737   1.00 20.89 ? 111 PHE A CB  1 
ATOM   663  C CG  . PHE A 1 123 ? 0.969   10.284  2.941   1.00 21.25 ? 111 PHE A CG  1 
ATOM   664  C CD1 . PHE A 1 123 ? 2.231   10.005  3.426   1.00 20.26 ? 111 PHE A CD1 1 
ATOM   665  C CD2 . PHE A 1 123 ? 0.220   11.252  3.587   1.00 23.04 ? 111 PHE A CD2 1 
ATOM   666  C CE1 . PHE A 1 123 ? 2.742   10.713  4.515   1.00 22.28 ? 111 PHE A CE1 1 
ATOM   667  C CE2 . PHE A 1 123 ? 0.719   11.931  4.695   1.00 22.34 ? 111 PHE A CE2 1 
ATOM   668  C CZ  . PHE A 1 123 ? 1.974   11.640  5.166   1.00 21.66 ? 111 PHE A CZ  1 
ATOM   669  N N   . GLU A 1 124 ? -2.152  8.346   2.972   1.00 20.11 ? 112 GLU A N   1 
ATOM   670  C CA  . GLU A 1 124 ? -3.168  8.280   4.059   1.00 22.43 ? 112 GLU A CA  1 
ATOM   671  C C   . GLU A 1 124 ? -3.586  6.841   4.314   1.00 22.33 ? 112 GLU A C   1 
ATOM   672  O O   . GLU A 1 124 ? -3.752  6.456   5.498   1.00 24.72 ? 112 GLU A O   1 
ATOM   673  C CB  . GLU A 1 124 ? -4.421  9.087   3.677   1.00 25.95 ? 112 GLU A CB  1 
ATOM   674  C CG  . GLU A 1 124 ? -4.196  10.567  3.868   1.00 30.54 ? 112 GLU A CG  1 
ATOM   675  C CD  . GLU A 1 124 ? -3.964  10.909  5.334   1.00 37.21 ? 112 GLU A CD  1 
ATOM   676  O OE1 . GLU A 1 124 ? -4.623  10.254  6.173   1.00 36.59 ? 112 GLU A OE1 1 
ATOM   677  O OE2 . GLU A 1 124 ? -3.095  11.774  5.634   1.00 35.31 ? 112 GLU A OE2 1 
ATOM   678  N N   . THR A 1 125 ? -3.817  6.064   3.258   1.00 20.43 ? 113 THR A N   1 
ATOM   679  C CA  . THR A 1 125 ? -4.398  4.727   3.428   1.00 20.27 ? 113 THR A CA  1 
ATOM   680  C C   . THR A 1 125 ? -3.347  3.868   4.100   1.00 21.52 ? 113 THR A C   1 
ATOM   681  O O   . THR A 1 125 ? -3.682  3.178   5.119   1.00 24.06 ? 113 THR A O   1 
ATOM   682  C CB  . THR A 1 125 ? -4.889  4.076   2.123   1.00 23.22 ? 113 THR A CB  1 
ATOM   683  O OG1 . THR A 1 125 ? -5.818  4.937   1.454   1.00 22.19 ? 113 THR A OG1 1 
ATOM   684  C CG2 . THR A 1 125 ? -5.494  2.713   2.381   1.00 25.90 ? 113 THR A CG2 1 
ATOM   685  N N   . PHE A 1 126 ? -2.126  3.840   3.579   1.00 21.11 ? 114 PHE A N   1 
ATOM   686  C CA  . PHE A 1 126 ? -1.090  2.944   4.162   1.00 21.77 ? 114 PHE A CA  1 
ATOM   687  C C   . PHE A 1 126 ? -0.636  3.532   5.503   1.00 20.65 ? 114 PHE A C   1 
ATOM   688  O O   . PHE A 1 126 ? -0.281  2.776   6.481   1.00 20.57 ? 114 PHE A O   1 
ATOM   689  C CB  . PHE A 1 126 ? 0.043   2.723   3.168   1.00 25.26 ? 114 PHE A CB  1 
ATOM   690  C CG  . PHE A 1 126 ? -0.387  2.042   1.892   1.00 25.77 ? 114 PHE A CG  1 
ATOM   691  C CD1 . PHE A 1 126 ? -1.378  1.094   1.888   1.00 32.22 ? 114 PHE A CD1 1 
ATOM   692  C CD2 . PHE A 1 126 ? 0.249   2.319   0.702   1.00 30.83 ? 114 PHE A CD2 1 
ATOM   693  C CE1 . PHE A 1 126 ? -1.752  0.454   0.711   1.00 35.26 ? 114 PHE A CE1 1 
ATOM   694  C CE2 . PHE A 1 126 ? -0.096  1.648   -0.460  1.00 36.49 ? 114 PHE A CE2 1 
ATOM   695  C CZ  . PHE A 1 126 ? -1.126  0.739   -0.459  1.00 31.74 ? 114 PHE A CZ  1 
ATOM   696  N N   . GLY A 1 127 ? -0.639  4.858   5.559   1.00 21.32 ? 115 GLY A N   1 
ATOM   697  C CA  . GLY A 1 127 ? -0.205  5.627   6.742   1.00 23.18 ? 115 GLY A CA  1 
ATOM   698  C C   . GLY A 1 127 ? -1.171  5.399   7.921   1.00 24.21 ? 115 GLY A C   1 
ATOM   699  O O   . GLY A 1 127 ? -0.766  5.551   9.080   1.00 26.98 ? 115 GLY A O   1 
ATOM   700  N N   . SER A 1 128 ? -2.409  5.052   7.627   1.00 26.22 ? 116 SER A N   1 
ATOM   701  C CA  . SER A 1 128 ? -3.467  4.709   8.605   1.00 27.69 ? 116 SER A CA  1 
ATOM   702  C C   . SER A 1 128 ? -3.369  3.252   9.019   1.00 28.96 ? 116 SER A C   1 
ATOM   703  O O   . SER A 1 128 ? -4.085  2.877   9.967   1.00 28.61 ? 116 SER A O   1 
ATOM   704  C CB  . SER A 1 128 ? -4.812  5.037   8.035   1.00 29.77 ? 116 SER A CB  1 
ATOM   705  O OG  . SER A 1 128 ? -4.886  6.438   8.000   1.00 28.52 ? 116 SER A OG  1 
ATOM   706  N N   . HIS A 1 129 ? -2.549  2.446   8.347   1.00 26.56 ? 117 HIS A N   1 
ATOM   707  C CA  . HIS A 1 129 ? -2.433  0.994   8.618   1.00 26.82 ? 117 HIS A CA  1 
ATOM   708  C C   . HIS A 1 129 ? -0.953  0.603   8.585   1.00 27.49 ? 117 HIS A C   1 
ATOM   709  O O   . HIS A 1 129 ? -0.580  -0.334  7.877   1.00 25.52 ? 117 HIS A O   1 
ATOM   710  C CB  . HIS A 1 129 ? -3.344  0.185   7.674   1.00 29.18 ? 117 HIS A CB  1 
ATOM   711  C CG  . HIS A 1 129 ? -4.789  0.559   7.716   1.00 29.08 ? 117 HIS A CG  1 
ATOM   712  N ND1 . HIS A 1 129 ? -5.666  0.027   8.664   1.00 34.14 ? 117 HIS A ND1 1 
ATOM   713  C CD2 . HIS A 1 129 ? -5.539  1.422   6.985   1.00 33.50 ? 117 HIS A CD2 1 
ATOM   714  C CE1 . HIS A 1 129 ? -6.873  0.568   8.506   1.00 30.78 ? 117 HIS A CE1 1 
ATOM   715  N NE2 . HIS A 1 129 ? -6.833  1.409   7.490   1.00 31.24 ? 117 HIS A NE2 1 
ATOM   716  N N   . LYS A 1 130 ? -0.130  1.255   9.406   1.00 30.77 ? 118 LYS A N   1 
ATOM   717  C CA  . LYS A 1 130 ? 1.343   1.127   9.297   1.00 29.75 ? 118 LYS A CA  1 
ATOM   718  C C   . LYS A 1 130 ? 1.791   -0.278  9.690   1.00 28.34 ? 118 LYS A C   1 
ATOM   719  O O   . LYS A 1 130 ? 2.721   -0.793  9.076   1.00 24.34 ? 118 LYS A O   1 
ATOM   720  C CB  . LYS A 1 130 ? 2.054   2.120   10.215  1.00 30.50 ? 118 LYS A CB  1 
ATOM   721  C CG  . LYS A 1 130 ? 2.126   3.531   9.680   1.00 32.03 ? 118 LYS A CG  1 
ATOM   722  C CD  . LYS A 1 130 ? 2.726   4.459   10.671  1.00 31.07 ? 118 LYS A CD  1 
ATOM   723  C CE  . LYS A 1 130 ? 3.039   5.789   10.060  1.00 36.25 ? 118 LYS A CE  1 
ATOM   724  N NZ  . LYS A 1 130 ? 2.020   6.793   10.368  1.00 41.58 ? 118 LYS A NZ  1 
ATOM   725  N N   . ALA A 1 131 ? 1.199   -0.848  10.744  1.00 27.75 ? 119 ALA A N   1 
ATOM   726  C CA  . ALA A 1 131 ? 1.629   -2.173  11.240  1.00 28.50 ? 119 ALA A CA  1 
ATOM   727  C C   . ALA A 1 131 ? 1.301   -3.224  10.167  1.00 24.83 ? 119 ALA A C   1 
ATOM   728  O O   . ALA A 1 131 ? 2.161   -4.032  9.873   1.00 30.60 ? 119 ALA A O   1 
ATOM   729  C CB  . ALA A 1 131 ? 0.976   -2.457  12.571  1.00 31.44 ? 119 ALA A CB  1 
ATOM   730  N N   . VAL A 1 132 ? 0.115   -3.162  9.566   1.00 25.91 ? 120 VAL A N   1 
ATOM   731  C CA  . VAL A 1 132 ? -0.307  -4.120  8.506   1.00 26.39 ? 120 VAL A CA  1 
ATOM   732  C C   . VAL A 1 132 ? 0.588   -3.945  7.284   1.00 27.56 ? 120 VAL A C   1 
ATOM   733  O O   . VAL A 1 132 ? 1.033   -4.962  6.737   1.00 30.10 ? 120 VAL A O   1 
ATOM   734  C CB  . VAL A 1 132 ? -1.795  -3.992  8.157   1.00 25.77 ? 120 VAL A CB  1 
ATOM   735  C CG1 . VAL A 1 132 ? -2.134  -4.656  6.831   1.00 28.30 ? 120 VAL A CG1 1 
ATOM   736  C CG2 . VAL A 1 132 ? -2.658  -4.570  9.292   1.00 31.40 ? 120 VAL A CG2 1 
ATOM   737  N N   . THR A 1 133 ? 0.785   -2.701  6.845   1.00 31.53 ? 121 THR A N   1 
ATOM   738  C CA  . THR A 1 133 ? 1.713   -2.302  5.740   1.00 30.85 ? 121 THR A CA  1 
ATOM   739  C C   . THR A 1 133 ? 3.096   -2.907  5.987   1.00 28.45 ? 121 THR A C   1 
ATOM   740  O O   . THR A 1 133 ? 3.637   -3.599  5.108   1.00 27.79 ? 121 THR A O   1 
ATOM   741  C CB  . THR A 1 133 ? 1.861   -0.771  5.714   1.00 29.58 ? 121 THR A CB  1 
ATOM   742  O OG1 . THR A 1 133 ? 0.613   -0.190  5.411   1.00 32.27 ? 121 THR A OG1 1 
ATOM   743  C CG2 . THR A 1 133 ? 2.857   -0.309  4.687   1.00 41.50 ? 121 THR A CG2 1 
ATOM   744  N N   . ARG A 1 134 ? 3.666   -2.659  7.159   1.00 30.17 ? 122 ARG A N   1 
ATOM   745  C CA  . ARG A 1 134 ? 5.035   -3.129  7.481   1.00 29.56 ? 122 ARG A CA  1 
ATOM   746  C C   . ARG A 1 134 ? 5.078   -4.674  7.441   1.00 32.32 ? 122 ARG A C   1 
ATOM   747  O O   . ARG A 1 134 ? 5.955   -5.258  6.780   1.00 27.62 ? 122 ARG A O   1 
ATOM   748  C CB  . ARG A 1 134 ? 5.400   -2.579  8.852   1.00 36.46 ? 122 ARG A CB  1 
ATOM   749  C CG  . ARG A 1 134 ? 6.708   -3.134  9.386   1.00 44.03 ? 122 ARG A CG  1 
ATOM   750  C CD  . ARG A 1 134 ? 6.878   -2.747  10.836  1.00 56.08 ? 122 ARG A CD  1 
ATOM   751  N NE  . ARG A 1 134 ? 8.311   -2.555  11.053  1.00 70.59 ? 122 ARG A NE  1 
ATOM   752  C CZ  . ARG A 1 134 ? 8.919   -1.414  11.390  1.00 66.22 ? 122 ARG A CZ  1 
ATOM   753  N NH1 . ARG A 1 134 ? 8.227   -0.306  11.601  1.00 62.55 ? 122 ARG A NH1 1 
ATOM   754  N NH2 . ARG A 1 134 ? 10.234  -1.395  11.544  1.00 67.69 ? 122 ARG A NH2 1 
ATOM   755  N N   . ALA A 1 135 ? 4.167   -5.352  8.136   1.00 31.72 ? 123 ALA A N   1 
ATOM   756  C CA  . ALA A 1 135 ? 4.164   -6.830  8.229   1.00 28.58 ? 123 ALA A CA  1 
ATOM   757  C C   . ALA A 1 135 ? 3.883   -7.414  6.840   1.00 27.30 ? 123 ALA A C   1 
ATOM   758  O O   . ALA A 1 135 ? 4.528   -8.406  6.414   1.00 30.31 ? 123 ALA A O   1 
ATOM   759  C CB  . ALA A 1 135 ? 3.146   -7.220  9.273   1.00 31.59 ? 123 ALA A CB  1 
ATOM   760  N N   . GLY A 1 136 ? 2.995   -6.788  6.084   1.00 25.97 ? 124 GLY A N   1 
ATOM   761  C CA  . GLY A 1 136 ? 2.650   -7.245  4.724   1.00 29.75 ? 124 GLY A CA  1 
ATOM   762  C C   . GLY A 1 136 ? 3.817   -7.127  3.774   1.00 30.10 ? 124 GLY A C   1 
ATOM   763  O O   . GLY A 1 136 ? 4.061   -8.054  2.946   1.00 32.25 ? 124 GLY A O   1 
ATOM   764  N N   . GLN A 1 137 ? 4.541   -6.013  3.849   1.00 30.50 ? 125 GLN A N   1 
ATOM   765  C CA  . GLN A 1 137 ? 5.747   -5.842  2.996   1.00 30.56 ? 125 GLN A CA  1 
ATOM   766  C C   . GLN A 1 137 ? 6.775   -6.915  3.378   1.00 29.76 ? 125 GLN A C   1 
ATOM   767  O O   . GLN A 1 137 ? 7.385   -7.489  2.473   1.00 28.45 ? 125 GLN A O   1 
ATOM   768  C CB  . GLN A 1 137 ? 6.322   -4.418  3.085   1.00 33.34 ? 125 GLN A CB  1 
ATOM   769  C CG  . GLN A 1 137 ? 5.408   -3.362  2.476   1.00 33.13 ? 125 GLN A CG  1 
ATOM   770  C CD  . GLN A 1 137 ? 5.120   -3.633  1.015   1.00 34.72 ? 125 GLN A CD  1 
ATOM   771  O OE1 . GLN A 1 137 ? 6.039   -3.811  0.242   1.00 32.79 ? 125 GLN A OE1 1 
ATOM   772  N NE2 . GLN A 1 137 ? 3.841   -3.670  0.637   1.00 34.80 ? 125 GLN A NE2 1 
ATOM   773  N N   . ALA A 1 138 ? 6.955   -7.207  4.656   1.00 28.76 ? 126 ALA A N   1 
ATOM   774  C CA  . ALA A 1 138 ? 7.952   -8.222  5.086   1.00 29.98 ? 126 ALA A CA  1 
ATOM   775  C C   . ALA A 1 138 ? 7.516   -9.598  4.578   1.00 32.64 ? 126 ALA A C   1 
ATOM   776  O O   . ALA A 1 138 ? 8.366   -10.392 4.143   1.00 33.64 ? 126 ALA A O   1 
ATOM   777  C CB  . ALA A 1 138 ? 8.081   -8.200  6.584   1.00 30.89 ? 126 ALA A CB  1 
ATOM   778  N N   . ALA A 1 139 ? 6.211   -9.891  4.648   1.00 36.19 ? 127 ALA A N   1 
ATOM   779  C CA  . ALA A 1 139 ? 5.651   -11.204 4.249   1.00 32.83 ? 127 ALA A CA  1 
ATOM   780  C C   . ALA A 1 139 ? 5.821   -11.447 2.740   1.00 34.56 ? 127 ALA A C   1 
ATOM   781  O O   . ALA A 1 139 ? 5.733   -12.628 2.326   1.00 32.74 ? 127 ALA A O   1 
ATOM   782  C CB  . ALA A 1 139 ? 4.210   -11.292 4.671   1.00 34.32 ? 127 ALA A CB  1 
ATOM   783  N N   . ARG A 1 140 ? 6.073   -10.415 1.917   1.00 31.62 ? 128 ARG A N   1 
ATOM   784  C CA  . ARG A 1 140 ? 6.309   -10.616 0.457   1.00 31.27 ? 128 ARG A CA  1 
ATOM   785  C C   . ARG A 1 140 ? 7.436   -11.621 0.238   1.00 33.08 ? 128 ARG A C   1 
ATOM   786  O O   . ARG A 1 140 ? 7.382   -12.367 -0.789  1.00 33.71 ? 128 ARG A O   1 
ATOM   787  C CB  . ARG A 1 140 ? 6.655   -9.317  -0.275  1.00 31.36 ? 128 ARG A CB  1 
ATOM   788  C CG  . ARG A 1 140 ? 5.442   -8.414  -0.440  1.00 34.00 ? 128 ARG A CG  1 
ATOM   789  C CD  . ARG A 1 140 ? 5.831   -7.027  -0.885  1.00 33.99 ? 128 ARG A CD  1 
ATOM   790  N NE  . ARG A 1 140 ? 6.426   -7.094  -2.204  1.00 31.50 ? 128 ARG A NE  1 
ATOM   791  C CZ  . ARG A 1 140 ? 7.019   -6.068  -2.810  1.00 35.13 ? 128 ARG A CZ  1 
ATOM   792  N NH1 . ARG A 1 140 ? 7.101   -4.888  -2.203  1.00 31.98 ? 128 ARG A NH1 1 
ATOM   793  N NH2 . ARG A 1 140 ? 7.513   -6.243  -4.026  1.00 32.53 ? 128 ARG A NH2 1 
ATOM   794  N N   . ALA A 1 141 ? 8.403   -11.659 1.144   1.00 34.54 ? 129 ALA A N   1 
ATOM   795  C CA  . ALA A 1 141 ? 9.586   -12.546 1.035   1.00 38.58 ? 129 ALA A CA  1 
ATOM   796  C C   . ALA A 1 141 ? 9.203   -14.010 1.345   1.00 41.67 ? 129 ALA A C   1 
ATOM   797  O O   . ALA A 1 141 ? 9.795   -14.904 0.740   1.00 42.29 ? 129 ALA A O   1 
ATOM   798  C CB  . ALA A 1 141 ? 10.707  -12.025 1.892   1.00 34.78 ? 129 ALA A CB  1 
ATOM   799  N N   . THR A 1 142 ? 8.200   -14.281 2.181   1.00 42.93 ? 130 THR A N   1 
ATOM   800  C CA  . THR A 1 142 ? 7.962   -15.650 2.701   1.00 41.23 ? 130 THR A CA  1 
ATOM   801  C C   . THR A 1 142 ? 6.603   -16.201 2.270   1.00 45.92 ? 130 THR A C   1 
ATOM   802  O O   . THR A 1 142 ? 6.398   -17.398 2.466   1.00 45.60 ? 130 THR A O   1 
ATOM   803  C CB  . THR A 1 142 ? 8.154   -15.661 4.216   1.00 41.24 ? 130 THR A CB  1 
ATOM   804  O OG1 . THR A 1 142 ? 7.247   -14.697 4.735   1.00 37.69 ? 130 THR A OG1 1 
ATOM   805  C CG2 . THR A 1 142 ? 9.571   -15.318 4.614   1.00 40.15 ? 130 THR A CG2 1 
ATOM   806  N N   . SER A 1 143 ? 5.718   -15.395 1.691   1.00 38.36 ? 131 SER A N   1 
ATOM   807  C CA  . SER A 1 143 ? 4.377   -15.835 1.260   1.00 40.18 ? 131 SER A CA  1 
ATOM   808  C C   . SER A 1 143 ? 4.176   -15.486 -0.210  1.00 40.34 ? 131 SER A C   1 
ATOM   809  O O   . SER A 1 143 ? 4.200   -14.285 -0.557  1.00 34.45 ? 131 SER A O   1 
ATOM   810  C CB  . SER A 1 143 ? 3.308   -15.241 2.103   1.00 37.06 ? 131 SER A CB  1 
ATOM   811  O OG  . SER A 1 143 ? 2.107   -15.284 1.361   1.00 38.16 ? 131 SER A OG  1 
ATOM   812  N N   . VAL A 1 144 ? 3.979   -16.502 -1.053  1.00 38.81 ? 132 VAL A N   1 
ATOM   813  C CA  . VAL A 1 144 ? 3.755   -16.315 -2.508  1.00 39.71 ? 132 VAL A CA  1 
ATOM   814  C C   . VAL A 1 144 ? 2.427   -15.583 -2.685  1.00 35.37 ? 132 VAL A C   1 
ATOM   815  O O   . VAL A 1 144 ? 2.294   -14.796 -3.644  1.00 37.17 ? 132 VAL A O   1 
ATOM   816  C CB  . VAL A 1 144 ? 3.777   -17.656 -3.270  1.00 41.56 ? 132 VAL A CB  1 
ATOM   817  C CG1 . VAL A 1 144 ? 3.536   -17.463 -4.759  1.00 45.89 ? 132 VAL A CG1 1 
ATOM   818  C CG2 . VAL A 1 144 ? 5.089   -18.362 -3.060  1.00 44.90 ? 132 VAL A CG2 1 
ATOM   819  N N   . GLU A 1 145 ? 1.435   -15.869 -1.846  1.00 34.41 ? 133 GLU A N   1 
ATOM   820  C CA  . GLU A 1 145 ? 0.112   -15.192 -1.950  1.00 34.17 ? 133 GLU A CA  1 
ATOM   821  C C   . GLU A 1 145 ? 0.308   -13.699 -1.623  1.00 30.57 ? 133 GLU A C   1 
ATOM   822  O O   . GLU A 1 145 ? -0.365  -12.855 -2.269  1.00 27.01 ? 133 GLU A O   1 
ATOM   823  C CB  . GLU A 1 145 ? -0.948  -15.760 -0.999  1.00 41.92 ? 133 GLU A CB  1 
ATOM   824  C CG  . GLU A 1 145 ? -1.300  -17.218 -1.244  1.00 49.32 ? 133 GLU A CG  1 
ATOM   825  C CD  . GLU A 1 145 ? -0.450  -18.227 -0.483  1.00 56.44 ? 133 GLU A CD  1 
ATOM   826  O OE1 . GLU A 1 145 ? 0.693   -17.895 -0.040  1.00 57.09 ? 133 GLU A OE1 1 
ATOM   827  O OE2 . GLU A 1 145 ? -0.921  -19.363 -0.336  1.00 65.92 ? 133 GLU A OE2 1 
ATOM   828  N N   . VAL A 1 146 ? 1.161   -13.371 -0.649  1.00 29.56 ? 134 VAL A N   1 
ATOM   829  C CA  . VAL A 1 146 ? 1.352   -11.929 -0.291  1.00 29.81 ? 134 VAL A CA  1 
ATOM   830  C C   . VAL A 1 146 ? 2.122   -11.252 -1.439  1.00 27.02 ? 134 VAL A C   1 
ATOM   831  O O   . VAL A 1 146 ? 1.662   -10.180 -1.877  1.00 27.45 ? 134 VAL A O   1 
ATOM   832  C CB  . VAL A 1 146 ? 2.037   -11.755 1.075   1.00 29.42 ? 134 VAL A CB  1 
ATOM   833  C CG1 . VAL A 1 146 ? 2.538   -10.326 1.250   1.00 28.10 ? 134 VAL A CG1 1 
ATOM   834  C CG2 . VAL A 1 146 ? 1.128   -12.184 2.228   1.00 27.33 ? 134 VAL A CG2 1 
ATOM   835  N N   . ALA A 1 147 ? 3.186   -11.887 -1.955  1.00 26.78 ? 135 ALA A N   1 
ATOM   836  C CA  . ALA A 1 147 ? 3.973   -11.417 -3.122  1.00 28.74 ? 135 ALA A CA  1 
ATOM   837  C C   . ALA A 1 147 ? 3.029   -11.193 -4.295  1.00 32.75 ? 135 ALA A C   1 
ATOM   838  O O   . ALA A 1 147 ? 3.113   -10.139 -4.939  1.00 29.05 ? 135 ALA A O   1 
ATOM   839  C CB  . ALA A 1 147 ? 5.087   -12.392 -3.473  1.00 31.51 ? 135 ALA A CB  1 
ATOM   840  N N   . GLU A 1 148 ? 2.110   -12.121 -4.566  1.00 29.32 ? 136 GLU A N   1 
ATOM   841  C CA  . GLU A 1 148 ? 1.251   -12.023 -5.764  1.00 30.29 ? 136 GLU A CA  1 
ATOM   842  C C   . GLU A 1 148 ? 0.185   -10.937 -5.570  1.00 27.22 ? 136 GLU A C   1 
ATOM   843  O O   . GLU A 1 148 ? -0.141  -10.265 -6.543  1.00 24.67 ? 136 GLU A O   1 
ATOM   844  C CB  . GLU A 1 148 ? 0.662   -13.390 -6.125  1.00 37.03 ? 136 GLU A CB  1 
ATOM   845  C CG  . GLU A 1 148 ? 1.749   -14.318 -6.664  1.00 40.05 ? 136 GLU A CG  1 
ATOM   846  C CD  . GLU A 1 148 ? 1.262   -15.709 -7.026  1.00 47.90 ? 136 GLU A CD  1 
ATOM   847  O OE1 . GLU A 1 148 ? 0.064   -15.997 -6.786  1.00 48.00 ? 136 GLU A OE1 1 
ATOM   848  O OE2 . GLU A 1 148 ? 2.085   -16.501 -7.522  1.00 53.68 ? 136 GLU A OE2 1 
ATOM   849  N N   . LEU A 1 149 ? -0.348  -10.750 -4.368  1.00 25.88 ? 137 LEU A N   1 
ATOM   850  C CA  . LEU A 1 149 ? -1.353  -9.674  -4.154  1.00 25.04 ? 137 LEU A CA  1 
ATOM   851  C C   . LEU A 1 149 ? -0.674  -8.316  -4.434  1.00 20.76 ? 137 LEU A C   1 
ATOM   852  O O   . LEU A 1 149 ? -1.243  -7.461  -5.154  1.00 22.92 ? 137 LEU A O   1 
ATOM   853  C CB  . LEU A 1 149 ? -1.811  -9.777  -2.694  1.00 27.17 ? 137 LEU A CB  1 
ATOM   854  C CG  . LEU A 1 149 ? -2.752  -8.691  -2.214  1.00 27.15 ? 137 LEU A CG  1 
ATOM   855  C CD1 . LEU A 1 149 ? -4.044  -8.714  -2.996  1.00 30.62 ? 137 LEU A CD1 1 
ATOM   856  C CD2 . LEU A 1 149 ? -3.018  -8.833  -0.731  1.00 33.54 ? 137 LEU A CD2 1 
ATOM   857  N N   . TRP A 1 150 ? 0.442   -8.094  -3.783  1.00 20.93 ? 138 TRP A N   1 
ATOM   858  C CA  . TRP A 1 150 ? 1.200   -6.820  -3.891  1.00 23.12 ? 138 TRP A CA  1 
ATOM   859  C C   . TRP A 1 150 ? 1.552   -6.590  -5.364  1.00 20.31 ? 138 TRP A C   1 
ATOM   860  O O   . TRP A 1 150 ? 1.241   -5.525  -5.929  1.00 20.32 ? 138 TRP A O   1 
ATOM   861  C CB  . TRP A 1 150 ? 2.442   -6.790  -2.981  1.00 23.20 ? 138 TRP A CB  1 
ATOM   862  C CG  . TRP A 1 150 ? 2.984   -5.400  -3.025  1.00 25.13 ? 138 TRP A CG  1 
ATOM   863  C CD1 . TRP A 1 150 ? 4.032   -4.917  -3.768  1.00 25.90 ? 138 TRP A CD1 1 
ATOM   864  C CD2 . TRP A 1 150 ? 2.364   -4.256  -2.420  1.00 24.70 ? 138 TRP A CD2 1 
ATOM   865  N NE1 . TRP A 1 150 ? 4.158   -3.570  -3.575  1.00 23.74 ? 138 TRP A NE1 1 
ATOM   866  C CE2 . TRP A 1 150 ? 3.132   -3.131  -2.783  1.00 24.91 ? 138 TRP A CE2 1 
ATOM   867  C CE3 . TRP A 1 150 ? 1.255   -4.086  -1.591  1.00 25.49 ? 138 TRP A CE3 1 
ATOM   868  C CZ2 . TRP A 1 150 ? 2.808   -1.852  -2.337  1.00 26.66 ? 138 TRP A CZ2 1 
ATOM   869  C CZ3 . TRP A 1 150 ? 0.945   -2.824  -1.129  1.00 26.40 ? 138 TRP A CZ3 1 
ATOM   870  C CH2 . TRP A 1 150 ? 1.714   -1.721  -1.507  1.00 24.39 ? 138 TRP A CH2 1 
ATOM   871  N N   . SER A 1 151 ? 2.076   -7.600  -6.049  1.00 21.91 ? 139 SER A N   1 
ATOM   872  C CA  . SER A 1 151 ? 2.422   -7.495  -7.490  1.00 22.34 ? 139 SER A CA  1 
ATOM   873  C C   . SER A 1 151 ? 1.183   -7.184  -8.352  1.00 24.10 ? 139 SER A C   1 
ATOM   874  O O   . SER A 1 151 ? 1.259   -6.336  -9.272  1.00 21.31 ? 139 SER A O   1 
ATOM   875  C CB  . SER A 1 151 ? 3.194   -8.745  -7.925  1.00 25.56 ? 139 SER A CB  1 
ATOM   876  O OG  . SER A 1 151 ? 3.083   -8.912  -9.309  1.00 29.13 ? 139 SER A OG  1 
ATOM   877  N N   . THR A 1 152 ? 0.020   -7.793  -8.101  1.00 23.88 ? 140 THR A N   1 
ATOM   878  C CA  . THR A 1 152 ? -1.214  -7.536  -8.887  1.00 22.02 ? 140 THR A CA  1 
ATOM   879  C C   . THR A 1 152 ? -1.621  -6.075  -8.776  1.00 18.87 ? 140 THR A C   1 
ATOM   880  O O   . THR A 1 152 ? -1.934  -5.454  -9.794  1.00 20.05 ? 140 THR A O   1 
ATOM   881  C CB  . THR A 1 152 ? -2.409  -8.358  -8.353  1.00 27.83 ? 140 THR A CB  1 
ATOM   882  O OG1 . THR A 1 152 ? -2.001  -9.701  -8.516  1.00 30.12 ? 140 THR A OG1 1 
ATOM   883  C CG2 . THR A 1 152 ? -3.712  -8.145  -9.076  1.00 29.95 ? 140 THR A CG2 1 
ATOM   884  N N   . PHE A 1 153 ? -1.656  -5.545  -7.561  1.00 19.33 ? 141 PHE A N   1 
ATOM   885  C CA  . PHE A 1 153 ? -2.102  -4.149  -7.357  1.00 21.27 ? 141 PHE A CA  1 
ATOM   886  C C   . PHE A 1 153 ? -1.035  -3.187  -7.899  1.00 21.11 ? 141 PHE A C   1 
ATOM   887  O O   . PHE A 1 153 ? -1.401  -2.170  -8.458  1.00 19.22 ? 141 PHE A O   1 
ATOM   888  C CB  . PHE A 1 153 ? -2.466  -3.923  -5.884  1.00 21.91 ? 141 PHE A CB  1 
ATOM   889  C CG  . PHE A 1 153 ? -3.891  -4.381  -5.639  1.00 23.29 ? 141 PHE A CG  1 
ATOM   890  C CD1 . PHE A 1 153 ? -4.963  -3.552  -5.932  1.00 23.83 ? 141 PHE A CD1 1 
ATOM   891  C CD2 . PHE A 1 153 ? -4.144  -5.689  -5.260  1.00 25.70 ? 141 PHE A CD2 1 
ATOM   892  C CE1 . PHE A 1 153 ? -6.269  -3.994  -5.757  1.00 27.03 ? 141 PHE A CE1 1 
ATOM   893  C CE2 . PHE A 1 153 ? -5.455  -6.143  -5.122  1.00 28.01 ? 141 PHE A CE2 1 
ATOM   894  C CZ  . PHE A 1 153 ? -6.506  -5.286  -5.362  1.00 25.76 ? 141 PHE A CZ  1 
ATOM   895  N N   . MET A 1 154 ? 0.244   -3.486  -7.731  1.00 20.81 ? 142 MET A N   1 
ATOM   896  C CA  . MET A 1 154 ? 1.299   -2.577  -8.293  1.00 19.72 ? 142 MET A CA  1 
ATOM   897  C C   . MET A 1 154 ? 1.144   -2.499  -9.832  1.00 21.09 ? 142 MET A C   1 
ATOM   898  O O   . MET A 1 154 ? 1.215   -1.381  -10.442 1.00 18.94 ? 142 MET A O   1 
ATOM   899  C CB  . MET A 1 154 ? 2.692   -3.052  -7.881  1.00 20.22 ? 142 MET A CB  1 
ATOM   900  C CG  . MET A 1 154 ? 3.058   -2.769  -6.428  1.00 21.06 ? 142 MET A CG  1 
ATOM   901  S SD  . MET A 1 154 ? 3.091   -0.984  -6.002  1.00 23.82 ? 142 MET A SD  1 
ATOM   902  C CE  . MET A 1 154 ? 4.560   -0.456  -6.913  1.00 22.51 ? 142 MET A CE  1 
ATOM   903  N N   . GLN A 1 155 ? 0.862   -3.624  -10.486 1.00 21.95 ? 143 GLN A N   1 
ATOM   904  C CA  . GLN A 1 155 ? 0.667   -3.589  -11.946 1.00 21.95 ? 143 GLN A CA  1 
ATOM   905  C C   . GLN A 1 155 ? -0.548  -2.727  -12.284 1.00 19.71 ? 143 GLN A C   1 
ATOM   906  O O   . GLN A 1 155 ? -0.484  -1.982  -13.235 1.00 18.01 ? 143 GLN A O   1 
ATOM   907  C CB  . GLN A 1 155 ? 0.523   -4.993  -12.506 1.00 24.12 ? 143 GLN A CB  1 
ATOM   908  C CG  . GLN A 1 155 ? 1.741   -5.852  -12.244 1.00 30.27 ? 143 GLN A CG  1 
ATOM   909  C CD  . GLN A 1 155 ? 1.529   -7.276  -12.726 1.00 40.02 ? 143 GLN A CD  1 
ATOM   910  O OE1 . GLN A 1 155 ? 1.033   -7.492  -13.820 1.00 40.38 ? 143 GLN A OE1 1 
ATOM   911  N NE2 . GLN A 1 155 ? 1.880   -8.262  -11.906 1.00 44.32 ? 143 GLN A NE2 1 
ATOM   912  N N   . LYS A 1 156 ? -1.633  -2.851  -11.542 1.00 20.56 ? 144 LYS A N   1 
ATOM   913  C CA  . LYS A 1 156 ? -2.858  -2.061  -11.770 1.00 23.00 ? 144 LYS A CA  1 
ATOM   914  C C   . LYS A 1 156 ? -2.572  -0.568  -11.594 1.00 18.84 ? 144 LYS A C   1 
ATOM   915  O O   . LYS A 1 156 ? -3.013  0.253   -12.398 1.00 19.40 ? 144 LYS A O   1 
ATOM   916  C CB  . LYS A 1 156 ? -3.916  -2.560  -10.791 1.00 26.55 ? 144 LYS A CB  1 
ATOM   917  C CG  . LYS A 1 156 ? -5.251  -1.864  -10.886 1.00 32.34 ? 144 LYS A CG  1 
ATOM   918  C CD  . LYS A 1 156 ? -6.401  -2.567  -10.088 1.00 35.89 ? 144 LYS A CD  1 
ATOM   919  C CE  . LYS A 1 156 ? -7.735  -1.924  -10.443 1.00 38.78 ? 144 LYS A CE  1 
ATOM   920  N NZ  . LYS A 1 156 ? -8.813  -2.270  -9.487  1.00 39.24 ? 144 LYS A NZ  1 
ATOM   921  N N   . TRP A 1 157 ? -1.863  -0.189  -10.529 1.00 20.09 ? 145 TRP A N   1 
ATOM   922  C CA  . TRP A 1 157 ? -1.608  1.253   -10.227 1.00 19.18 ? 145 TRP A CA  1 
ATOM   923  C C   . TRP A 1 157 ? -0.597  1.832   -11.226 1.00 19.74 ? 145 TRP A C   1 
ATOM   924  O O   . TRP A 1 157 ? -0.803  2.970   -11.707 1.00 17.95 ? 145 TRP A O   1 
ATOM   925  C CB  . TRP A 1 157 ? -1.120  1.377   -8.775  1.00 19.40 ? 145 TRP A CB  1 
ATOM   926  C CG  . TRP A 1 157 ? -2.148  0.896   -7.808  1.00 20.12 ? 145 TRP A CG  1 
ATOM   927  C CD1 . TRP A 1 157 ? -3.511  0.974   -7.970  1.00 20.19 ? 145 TRP A CD1 1 
ATOM   928  C CD2 . TRP A 1 157 ? -1.915  0.335   -6.506  1.00 18.65 ? 145 TRP A CD2 1 
ATOM   929  N NE1 . TRP A 1 157 ? -4.132  0.459   -6.872  1.00 20.26 ? 145 TRP A NE1 1 
ATOM   930  C CE2 . TRP A 1 157 ? -3.190  0.076   -5.953  1.00 20.56 ? 145 TRP A CE2 1 
ATOM   931  C CE3 . TRP A 1 157 ? -0.784  0.029   -5.747  1.00 19.73 ? 145 TRP A CE3 1 
ATOM   932  C CZ2 . TRP A 1 157 ? -3.346  -0.467  -4.684  1.00 21.22 ? 145 TRP A CZ2 1 
ATOM   933  C CZ3 . TRP A 1 157 ? -0.934  -0.516  -4.498  1.00 21.62 ? 145 TRP A CZ3 1 
ATOM   934  C CH2 . TRP A 1 157 ? -2.201  -0.791  -3.981  1.00 20.02 ? 145 TRP A CH2 1 
ATOM   935  N N   . ILE A 1 158 ? 0.372   1.020   -11.650 1.00 17.68 ? 146 ILE A N   1 
ATOM   936  C CA  . ILE A 1 158 ? 1.331   1.450   -12.710 1.00 17.21 ? 146 ILE A CA  1 
ATOM   937  C C   . ILE A 1 158 ? 0.556   1.680   -14.021 1.00 17.34 ? 146 ILE A C   1 
ATOM   938  O O   . ILE A 1 158 ? 0.767   2.706   -14.660 1.00 17.18 ? 146 ILE A O   1 
ATOM   939  C CB  . ILE A 1 158 ? 2.491   0.437   -12.817 1.00 18.04 ? 146 ILE A CB  1 
ATOM   940  C CG1 . ILE A 1 158 ? 3.397   0.579   -11.588 1.00 18.28 ? 146 ILE A CG1 1 
ATOM   941  C CG2 . ILE A 1 158 ? 3.273   0.636   -14.120 1.00 20.62 ? 146 ILE A CG2 1 
ATOM   942  C CD1 . ILE A 1 158 ? 4.372   -0.558  -11.404 1.00 19.41 ? 146 ILE A CD1 1 
ATOM   943  N N   . ALA A 1 159 ? -0.342  0.763   -14.384 1.00 20.02 ? 147 ALA A N   1 
ATOM   944  C CA  . ALA A 1 159 ? -1.110  0.886   -15.636 1.00 20.42 ? 147 ALA A CA  1 
ATOM   945  C C   . ALA A 1 159 ? -1.974  2.143   -15.517 1.00 20.89 ? 147 ALA A C   1 
ATOM   946  O O   . ALA A 1 159 ? -2.103  2.857   -16.538 1.00 19.46 ? 147 ALA A O   1 
ATOM   947  C CB  . ALA A 1 159 ? -1.914  -0.368  -15.921 1.00 22.12 ? 147 ALA A CB  1 
ATOM   948  N N   . TYR A 1 160 ? -2.559  2.435   -14.347 1.00 23.02 ? 148 TYR A N   1 
ATOM   949  C CA  . TYR A 1 160 ? -3.428  3.644   -14.207 1.00 25.11 ? 148 TYR A CA  1 
ATOM   950  C C   . TYR A 1 160 ? -2.567  4.911   -14.321 1.00 22.18 ? 148 TYR A C   1 
ATOM   951  O O   . TYR A 1 160 ? -2.886  5.808   -15.100 1.00 19.48 ? 148 TYR A O   1 
ATOM   952  C CB  . TYR A 1 160 ? -4.309  3.656   -12.949 1.00 31.23 ? 148 TYR A CB  1 
ATOM   953  C CG  . TYR A 1 160 ? -5.328  4.752   -13.071 1.00 37.31 ? 148 TYR A CG  1 
ATOM   954  C CD1 . TYR A 1 160 ? -6.280  4.709   -14.084 1.00 45.79 ? 148 TYR A CD1 1 
ATOM   955  C CD2 . TYR A 1 160 ? -5.271  5.896   -12.295 1.00 39.32 ? 148 TYR A CD2 1 
ATOM   956  C CE1 . TYR A 1 160 ? -7.207  5.723   -14.260 1.00 46.91 ? 148 TYR A CE1 1 
ATOM   957  C CE2 . TYR A 1 160 ? -6.186  6.924   -12.464 1.00 39.42 ? 148 TYR A CE2 1 
ATOM   958  C CZ  . TYR A 1 160 ? -7.154  6.838   -13.445 1.00 45.74 ? 148 TYR A CZ  1 
ATOM   959  O OH  . TYR A 1 160 ? -8.022  7.867   -13.634 1.00 51.94 ? 148 TYR A OH  1 
ATOM   960  N N   . THR A 1 161 ? -1.396  4.935   -13.684 1.00 19.39 ? 149 THR A N   1 
ATOM   961  C CA  . THR A 1 161 ? -0.447  6.054   -13.788 1.00 18.58 ? 149 THR A CA  1 
ATOM   962  C C   . THR A 1 161 ? -0.079  6.285   -15.252 1.00 18.14 ? 149 THR A C   1 
ATOM   963  O O   . THR A 1 161 ? -0.126  7.455   -15.710 1.00 18.79 ? 149 THR A O   1 
ATOM   964  C CB  . THR A 1 161 ? 0.826   5.804   -12.961 1.00 17.57 ? 149 THR A CB  1 
ATOM   965  O OG1 . THR A 1 161 ? 0.513   5.628   -11.581 1.00 18.41 ? 149 THR A OG1 1 
ATOM   966  C CG2 . THR A 1 161 ? 1.762   6.979   -13.091 1.00 18.36 ? 149 THR A CG2 1 
ATOM   967  N N   . ALA A 1 162 ? 0.299   5.228   -15.968 1.00 19.14 ? 150 ALA A N   1 
ATOM   968  C CA  . ALA A 1 162 ? 0.749   5.373   -17.375 1.00 19.21 ? 150 ALA A CA  1 
ATOM   969  C C   . ALA A 1 162 ? -0.425  5.932   -18.219 1.00 19.16 ? 150 ALA A C   1 
ATOM   970  O O   . ALA A 1 162 ? -0.153  6.721   -19.137 1.00 19.88 ? 150 ALA A O   1 
ATOM   971  C CB  . ALA A 1 162 ? 1.263   4.055   -17.887 1.00 18.84 ? 150 ALA A CB  1 
ATOM   972  N N   . ALA A 1 163 ? -1.661  5.488   -17.970 1.00 22.97 ? 151 ALA A N   1 
ATOM   973  C CA  . ALA A 1 163 ? -2.854  5.950   -18.742 1.00 24.51 ? 151 ALA A CA  1 
ATOM   974  C C   . ALA A 1 163 ? -3.036  7.435   -18.509 1.00 26.84 ? 151 ALA A C   1 
ATOM   975  O O   . ALA A 1 163 ? -3.372  8.162   -19.457 1.00 22.52 ? 151 ALA A O   1 
ATOM   976  C CB  . ALA A 1 163 ? -4.127  5.209   -18.407 1.00 25.99 ? 151 ALA A CB  1 
ATOM   977  N N   . VAL A 1 164 ? -2.828  7.899   -17.276 1.00 24.08 ? 152 VAL A N   1 
ATOM   978  C CA  . VAL A 1 164 ? -3.006  9.345   -17.010 1.00 23.25 ? 152 VAL A CA  1 
ATOM   979  C C   . VAL A 1 164 ? -1.870  10.103  -17.685 1.00 24.99 ? 152 VAL A C   1 
ATOM   980  O O   . VAL A 1 164 ? -2.127  11.132  -18.301 1.00 22.78 ? 152 VAL A O   1 
ATOM   981  C CB  . VAL A 1 164 ? -3.116  9.575   -15.494 1.00 26.60 ? 152 VAL A CB  1 
ATOM   982  C CG1 . VAL A 1 164 ? -3.130  11.065  -15.177 1.00 27.57 ? 152 VAL A CG1 1 
ATOM   983  C CG2 . VAL A 1 164 ? -4.367  8.870   -14.973 1.00 25.84 ? 152 VAL A CG2 1 
ATOM   984  N N   . ILE A 1 165 ? -0.627  9.621   -17.586 1.00 21.30 ? 153 ILE A N   1 
ATOM   985  C CA  . ILE A 1 165 ? 0.495   10.293  -18.266 1.00 21.73 ? 153 ILE A CA  1 
ATOM   986  C C   . ILE A 1 165 ? 0.176   10.369  -19.777 1.00 21.81 ? 153 ILE A C   1 
ATOM   987  O O   . ILE A 1 165 ? 0.425   11.381  -20.341 1.00 24.67 ? 153 ILE A O   1 
ATOM   988  C CB  . ILE A 1 165 ? 1.812   9.562   -17.973 1.00 20.20 ? 153 ILE A CB  1 
ATOM   989  C CG1 . ILE A 1 165 ? 2.270   9.735   -16.506 1.00 20.11 ? 153 ILE A CG1 1 
ATOM   990  C CG2 . ILE A 1 165 ? 2.865   10.021  -18.948 1.00 19.84 ? 153 ILE A CG2 1 
ATOM   991  C CD1 . ILE A 1 165 ? 3.436   8.843   -16.112 1.00 20.32 ? 153 ILE A CD1 1 
ATOM   992  N N   . ASP A 1 166 ? -0.238  9.271   -20.394 1.00 24.55 ? 154 ASP A N   1 
ATOM   993  C CA  . ASP A 1 166 ? -0.590  9.237   -21.847 1.00 26.32 ? 154 ASP A CA  1 
ATOM   994  C C   . ASP A 1 166 ? -1.696  10.266  -22.159 1.00 29.89 ? 154 ASP A C   1 
ATOM   995  O O   . ASP A 1 166 ? -1.560  10.979  -23.170 1.00 32.32 ? 154 ASP A O   1 
ATOM   996  C CB  . ASP A 1 166 ? -0.963  7.812   -22.226 1.00 28.52 ? 154 ASP A CB  1 
ATOM   997  C CG  . ASP A 1 166 ? 0.283   6.983   -22.515 1.00 30.23 ? 154 ASP A CG  1 
ATOM   998  O OD1 . ASP A 1 166 ? 1.334   7.579   -22.839 1.00 32.95 ? 154 ASP A OD1 1 
ATOM   999  O OD2 . ASP A 1 166 ? 0.201   5.771   -22.371 1.00 38.41 ? 154 ASP A OD2 1 
ATOM   1000 N N   . ALA A 1 167 ? -2.728  10.373  -21.332 1.00 29.08 ? 155 ALA A N   1 
ATOM   1001 C CA  . ALA A 1 167 ? -3.808  11.382  -21.544 1.00 31.74 ? 155 ALA A CA  1 
ATOM   1002 C C   . ALA A 1 167 ? -3.210  12.778  -21.434 1.00 31.68 ? 155 ALA A C   1 
ATOM   1003 O O   . ALA A 1 167 ? -3.557  13.630  -22.218 1.00 33.35 ? 155 ALA A O   1 
ATOM   1004 C CB  . ALA A 1 167 ? -4.910  11.188  -20.552 1.00 29.64 ? 155 ALA A CB  1 
ATOM   1005 N N   . GLU A 1 168 ? -2.294  13.003  -20.500 1.00 27.99 ? 156 GLU A N   1 
ATOM   1006 C CA  . GLU A 1 168 ? -1.648  14.314  -20.353 1.00 27.67 ? 156 GLU A CA  1 
ATOM   1007 C C   . GLU A 1 168 ? -0.862  14.606  -21.622 1.00 31.34 ? 156 GLU A C   1 
ATOM   1008 O O   . GLU A 1 168 ? -0.807  15.784  -22.031 1.00 35.57 ? 156 GLU A O   1 
ATOM   1009 C CB  . GLU A 1 168 ? -0.738  14.362  -19.128 1.00 29.73 ? 156 GLU A CB  1 
ATOM   1010 C CG  . GLU A 1 168 ? -1.512  14.355  -17.839 1.00 28.63 ? 156 GLU A CG  1 
ATOM   1011 C CD  . GLU A 1 168 ? -2.230  15.675  -17.580 1.00 33.74 ? 156 GLU A CD  1 
ATOM   1012 O OE1 . GLU A 1 168 ? -1.621  16.594  -17.010 1.00 27.14 ? 156 GLU A OE1 1 
ATOM   1013 O OE2 . GLU A 1 168 ? -3.347  15.811  -18.062 1.00 29.62 ? 156 GLU A OE2 1 
ATOM   1014 N N   . ARG A 1 169 ? -0.211  13.585  -22.179 1.00 26.87 ? 157 ARG A N   1 
ATOM   1015 C CA  . ARG A 1 169 ? 0.592   13.774  -23.409 1.00 27.30 ? 157 ARG A CA  1 
ATOM   1016 C C   . ARG A 1 169 ? -0.358  14.083  -24.596 1.00 28.98 ? 157 ARG A C   1 
ATOM   1017 O O   . ARG A 1 169 ? -0.037  14.960  -25.392 1.00 31.71 ? 157 ARG A O   1 
ATOM   1018 C CB  . ARG A 1 169 ? 1.457   12.538  -23.640 1.00 25.13 ? 157 ARG A CB  1 
ATOM   1019 C CG  . ARG A 1 169 ? 2.595   12.422  -22.624 1.00 22.73 ? 157 ARG A CG  1 
ATOM   1020 C CD  . ARG A 1 169 ? 3.340   11.098  -22.756 1.00 24.38 ? 157 ARG A CD  1 
ATOM   1021 N NE  . ARG A 1 169 ? 4.506   11.136  -21.892 1.00 22.82 ? 157 ARG A NE  1 
ATOM   1022 C CZ  . ARG A 1 169 ? 5.486   10.232  -21.897 1.00 24.62 ? 157 ARG A CZ  1 
ATOM   1023 N NH1 . ARG A 1 169 ? 6.511   10.359  -21.061 1.00 21.73 ? 157 ARG A NH1 1 
ATOM   1024 N NH2 . ARG A 1 169 ? 5.438   9.213   -22.742 1.00 23.40 ? 157 ARG A NH2 1 
ATOM   1025 N N   . ASP A 1 170 ? -1.467  13.375  -24.680 1.00 29.42 ? 158 ASP A N   1 
ATOM   1026 C CA  . ASP A 1 170 ? -2.452  13.492  -25.787 1.00 36.15 ? 158 ASP A CA  1 
ATOM   1027 C C   . ASP A 1 170 ? -3.049  14.896  -25.764 1.00 38.43 ? 158 ASP A C   1 
ATOM   1028 O O   . ASP A 1 170 ? -3.262  15.455  -26.830 1.00 43.08 ? 158 ASP A O   1 
ATOM   1029 C CB  . ASP A 1 170 ? -3.540  12.445  -25.639 1.00 34.08 ? 158 ASP A CB  1 
ATOM   1030 C CG  . ASP A 1 170 ? -3.060  11.067  -26.041 1.00 38.78 ? 158 ASP A CG  1 
ATOM   1031 O OD1 . ASP A 1 170 ? -1.939  10.958  -26.598 1.00 43.64 ? 158 ASP A OD1 1 
ATOM   1032 O OD2 . ASP A 1 170 ? -3.787  10.117  -25.765 1.00 44.06 ? 158 ASP A OD2 1 
ATOM   1033 N N   . ARG A 1 171 ? -3.259  15.461  -24.587 1.00 38.95 ? 159 ARG A N   1 
ATOM   1034 C CA  . ARG A 1 171 ? -3.909  16.787  -24.458 1.00 42.87 ? 159 ARG A CA  1 
ATOM   1035 C C   . ARG A 1 171 ? -2.849  17.880  -24.628 1.00 37.25 ? 159 ARG A C   1 
ATOM   1036 O O   . ARG A 1 171 ? -3.214  19.033  -24.609 1.00 41.42 ? 159 ARG A O   1 
ATOM   1037 C CB  . ARG A 1 171 ? -4.757  16.827  -23.178 1.00 42.20 ? 159 ARG A CB  1 
ATOM   1038 C CG  . ARG A 1 171 ? -4.015  17.043  -21.873 1.00 46.84 ? 159 ARG A CG  1 
ATOM   1039 C CD  . ARG A 1 171 ? -4.923  17.656  -20.819 1.00 52.79 ? 159 ARG A CD  1 
ATOM   1040 N NE  . ARG A 1 171 ? -4.375  17.623  -19.453 1.00 55.94 ? 159 ARG A NE  1 
ATOM   1041 C CZ  . ARG A 1 171 ? -3.952  18.666  -18.727 1.00 58.22 ? 159 ARG A CZ  1 
ATOM   1042 N NH1 . ARG A 1 171 ? -3.976  19.894  -19.214 1.00 62.50 ? 159 ARG A NH1 1 
ATOM   1043 N NH2 . ARG A 1 171 ? -3.494  18.482  -17.497 1.00 62.92 ? 159 ARG A NH2 1 
ATOM   1044 N N   . GLY A 1 172 ? -1.573  17.541  -24.785 1.00 35.91 ? 160 GLY A N   1 
ATOM   1045 C CA  . GLY A 1 172 ? -0.477  18.519  -24.920 1.00 32.72 ? 160 GLY A CA  1 
ATOM   1046 C C   . GLY A 1 172 ? 0.041   19.049  -23.587 1.00 35.33 ? 160 GLY A C   1 
ATOM   1047 O O   . GLY A 1 172 ? 0.899   19.920  -23.631 1.00 39.11 ? 160 GLY A O   1 
ATOM   1048 N N   . ALA A 1 173 ? -0.415  18.569  -22.422 1.00 33.61 ? 161 ALA A N   1 
ATOM   1049 C CA  . ALA A 1 173 ? 0.068   19.086  -21.118 1.00 29.92 ? 161 ALA A CA  1 
ATOM   1050 C C   . ALA A 1 173 ? 1.425   18.471  -20.756 1.00 32.53 ? 161 ALA A C   1 
ATOM   1051 O O   . ALA A 1 173 ? 2.181   19.119  -20.054 1.00 33.54 ? 161 ALA A O   1 
ATOM   1052 C CB  . ALA A 1 173 ? -0.946  18.844  -20.058 1.00 34.18 ? 161 ALA A CB  1 
ATOM   1053 N N   . ALA A 1 174 ? 1.787   17.304  -21.282 1.00 29.45 ? 162 ALA A N   1 
ATOM   1054 C CA  . ALA A 1 174 ? 3.076   16.661  -20.905 1.00 30.05 ? 162 ALA A CA  1 
ATOM   1055 C C   . ALA A 1 174 ? 3.861   16.292  -22.156 1.00 25.56 ? 162 ALA A C   1 
ATOM   1056 O O   . ALA A 1 174 ? 3.288   15.862  -23.147 1.00 27.13 ? 162 ALA A O   1 
ATOM   1057 C CB  . ALA A 1 174 ? 2.826   15.464  -20.049 1.00 27.65 ? 162 ALA A CB  1 
ATOM   1058 N N   . PRO A 1 175 ? 5.188   16.443  -22.139 1.00 28.92 ? 163 PRO A N   1 
ATOM   1059 C CA  . PRO A 1 175 ? 6.005   16.126  -23.303 1.00 29.51 ? 163 PRO A CA  1 
ATOM   1060 C C   . PRO A 1 175 ? 6.217   14.625  -23.471 1.00 31.76 ? 163 PRO A C   1 
ATOM   1061 O O   . PRO A 1 175 ? 6.166   13.869  -22.485 1.00 26.76 ? 163 PRO A O   1 
ATOM   1062 C CB  . PRO A 1 175 ? 7.304   16.880  -23.004 1.00 28.62 ? 163 PRO A CB  1 
ATOM   1063 C CG  . PRO A 1 175 ? 7.409   16.749  -21.499 1.00 31.08 ? 163 PRO A CG  1 
ATOM   1064 C CD  . PRO A 1 175 ? 5.986   16.988  -21.018 1.00 28.37 ? 163 PRO A CD  1 
ATOM   1065 N N   . ARG A 1 176 ? 6.433   14.211  -24.719 1.00 27.96 ? 164 ARG A N   1 
ATOM   1066 C CA  . ARG A 1 176 ? 6.660   12.772  -25.037 1.00 32.54 ? 164 ARG A CA  1 
ATOM   1067 C C   . ARG A 1 176 ? 8.134   12.448  -24.791 1.00 33.16 ? 164 ARG A C   1 
ATOM   1068 O O   . ARG A 1 176 ? 8.958   12.561  -25.729 1.00 29.75 ? 164 ARG A O   1 
ATOM   1069 C CB  . ARG A 1 176 ? 6.239   12.408  -26.472 1.00 32.88 ? 164 ARG A CB  1 
ATOM   1070 C CG  . ARG A 1 176 ? 4.755   12.623  -26.728 1.00 39.66 ? 164 ARG A CG  1 
ATOM   1071 C CD  . ARG A 1 176 ? 4.155   12.007  -27.990 1.00 43.95 ? 164 ARG A CD  1 
ATOM   1072 N NE  . ARG A 1 176 ? 2.712   12.294  -27.974 1.00 48.23 ? 164 ARG A NE  1 
ATOM   1073 C CZ  . ARG A 1 176 ? 1.761   11.565  -27.349 1.00 43.42 ? 164 ARG A CZ  1 
ATOM   1074 N NH1 . ARG A 1 176 ? 0.492   11.949  -27.382 1.00 43.23 ? 164 ARG A NH1 1 
ATOM   1075 N NH2 . ARG A 1 176 ? 2.059   10.455  -26.693 1.00 39.12 ? 164 ARG A NH2 1 
ATOM   1076 N N   . THR A 1 177 ? 8.474   12.027  -23.579 1.00 27.90 ? 165 THR A N   1 
ATOM   1077 C CA  . THR A 1 177 ? 9.876   11.801  -23.153 1.00 25.72 ? 165 THR A CA  1 
ATOM   1078 C C   . THR A 1 177 ? 10.071  10.289  -23.065 1.00 26.79 ? 165 THR A C   1 
ATOM   1079 O O   . THR A 1 177 ? 9.950   9.601   -24.072 1.00 26.41 ? 165 THR A O   1 
ATOM   1080 C CB  . THR A 1 177 ? 10.201  12.592  -21.870 1.00 25.63 ? 165 THR A CB  1 
ATOM   1081 O OG1 . THR A 1 177 ? 9.209   12.227  -20.892 1.00 21.44 ? 165 THR A OG1 1 
ATOM   1082 C CG2 . THR A 1 177 ? 10.206  14.088  -22.117 1.00 25.42 ? 165 THR A CG2 1 
ATOM   1083 N N   . LEU A 1 178 ? 10.212  9.761   -21.876 1.00 25.06 ? 166 LEU A N   1 
ATOM   1084 C CA  . LEU A 1 178 ? 10.344  8.306   -21.687 1.00 25.54 ? 166 LEU A CA  1 
ATOM   1085 C C   . LEU A 1 178 ? 9.032   7.636   -22.087 1.00 23.50 ? 166 LEU A C   1 
ATOM   1086 O O   . LEU A 1 178 ? 7.976   8.238   -21.969 1.00 24.69 ? 166 LEU A O   1 
ATOM   1087 C CB  . LEU A 1 178 ? 10.546  8.022   -20.204 1.00 25.96 ? 166 LEU A CB  1 
ATOM   1088 C CG  . LEU A 1 178 ? 11.829  8.499   -19.541 1.00 28.43 ? 166 LEU A CG  1 
ATOM   1089 C CD1 . LEU A 1 178 ? 11.816  8.022   -18.099 1.00 25.11 ? 166 LEU A CD1 1 
ATOM   1090 C CD2 . LEU A 1 178 ? 13.083  8.018   -20.267 1.00 26.22 ? 166 LEU A CD2 1 
ATOM   1091 N N   . PRO A 1 179 ? 9.056   6.333   -22.418 1.00 24.47 ? 167 PRO A N   1 
ATOM   1092 C CA  . PRO A 1 179 ? 7.856   5.477   -22.422 1.00 23.49 ? 167 PRO A CA  1 
ATOM   1093 C C   . PRO A 1 179 ? 7.062   5.576   -21.112 1.00 24.01 ? 167 PRO A C   1 
ATOM   1094 O O   . PRO A 1 179 ? 7.662   5.438   -20.038 1.00 20.28 ? 167 PRO A O   1 
ATOM   1095 C CB  . PRO A 1 179 ? 8.408   4.052   -22.554 1.00 22.85 ? 167 PRO A CB  1 
ATOM   1096 C CG  . PRO A 1 179 ? 9.731   4.244   -23.287 1.00 23.87 ? 167 PRO A CG  1 
ATOM   1097 C CD  . PRO A 1 179 ? 10.268  5.569   -22.767 1.00 23.03 ? 167 PRO A CD  1 
ATOM   1098 N N   . ALA A 1 180 ? 5.761   5.854   -21.230 1.00 20.72 ? 168 ALA A N   1 
ATOM   1099 C CA  . ALA A 1 180 ? 4.916   6.203   -20.080 1.00 22.84 ? 168 ALA A CA  1 
ATOM   1100 C C   . ALA A 1 180 ? 4.950   5.066   -19.067 1.00 22.25 ? 168 ALA A C   1 
ATOM   1101 O O   . ALA A 1 180 ? 4.984   5.358   -17.862 1.00 19.21 ? 168 ALA A O   1 
ATOM   1102 C CB  . ALA A 1 180 ? 3.517   6.515   -20.531 1.00 22.80 ? 168 ALA A CB  1 
ATOM   1103 N N   . HIS A 1 181 ? 4.935   3.819   -19.528 1.00 19.29 ? 169 HIS A N   1 
ATOM   1104 C CA  . HIS A 1 181 ? 4.780   2.657   -18.636 1.00 20.97 ? 169 HIS A CA  1 
ATOM   1105 C C   . HIS A 1 181 ? 6.075   2.448   -17.830 1.00 20.95 ? 169 HIS A C   1 
ATOM   1106 O O   . HIS A 1 181 ? 6.009   2.039   -16.660 1.00 18.76 ? 169 HIS A O   1 
ATOM   1107 C CB  . HIS A 1 181 ? 4.341   1.423   -19.435 1.00 22.87 ? 169 HIS A CB  1 
ATOM   1108 C CG  . HIS A 1 181 ? 3.875   0.310   -18.564 1.00 19.68 ? 169 HIS A CG  1 
ATOM   1109 N ND1 . HIS A 1 181 ? 4.756   -0.623  -18.038 1.00 21.43 ? 169 HIS A ND1 1 
ATOM   1110 C CD2 . HIS A 1 181 ? 2.657   0.052   -18.043 1.00 19.55 ? 169 HIS A CD2 1 
ATOM   1111 C CE1 . HIS A 1 181 ? 4.065   -1.471  -17.276 1.00 20.80 ? 169 HIS A CE1 1 
ATOM   1112 N NE2 . HIS A 1 181 ? 2.767   -1.078  -17.284 1.00 20.80 ? 169 HIS A NE2 1 
ATOM   1113 N N   . GLU A 1 182 ? 7.220   2.771   -18.428 1.00 18.78 ? 170 GLU A N   1 
ATOM   1114 C CA  . GLU A 1 182 ? 8.523   2.610   -17.750 1.00 19.93 ? 170 GLU A CA  1 
ATOM   1115 C C   . GLU A 1 182 ? 8.664   3.745   -16.719 1.00 18.99 ? 170 GLU A C   1 
ATOM   1116 O O   . GLU A 1 182 ? 9.056   3.451   -15.608 1.00 18.02 ? 170 GLU A O   1 
ATOM   1117 C CB  . GLU A 1 182 ? 9.645   2.580   -18.783 1.00 21.16 ? 170 GLU A CB  1 
ATOM   1118 C CG  . GLU A 1 182 ? 9.552   1.360   -19.719 1.00 21.47 ? 170 GLU A CG  1 
ATOM   1119 C CD  . GLU A 1 182 ? 10.506  1.377   -20.905 1.00 24.16 ? 170 GLU A CD  1 
ATOM   1120 O OE1 . GLU A 1 182 ? 11.303  2.354   -21.014 1.00 22.67 ? 170 GLU A OE1 1 
ATOM   1121 O OE2 . GLU A 1 182 ? 10.377  0.460   -21.773 1.00 25.63 ? 170 GLU A OE2 1 
ATOM   1122 N N   . LEU A 1 183 ? 8.290   4.973   -17.075 1.00 17.50 ? 171 LEU A N   1 
ATOM   1123 C CA  . LEU A 1 183 ? 8.310   6.124   -16.124 1.00 18.68 ? 171 LEU A CA  1 
ATOM   1124 C C   . LEU A 1 183 ? 7.384   5.818   -14.938 1.00 17.04 ? 171 LEU A C   1 
ATOM   1125 O O   . LEU A 1 183 ? 7.781   5.982   -13.773 1.00 16.75 ? 171 LEU A O   1 
ATOM   1126 C CB  . LEU A 1 183 ? 7.861   7.363   -16.892 1.00 17.82 ? 171 LEU A CB  1 
ATOM   1127 C CG  . LEU A 1 183 ? 7.697   8.660   -16.094 1.00 19.63 ? 171 LEU A CG  1 
ATOM   1128 C CD1 . LEU A 1 183 ? 8.940   8.988   -15.262 1.00 18.48 ? 171 LEU A CD1 1 
ATOM   1129 C CD2 . LEU A 1 183 ? 7.376   9.802   -17.044 1.00 21.57 ? 171 LEU A CD2 1 
ATOM   1130 N N   . ALA A 1 184 ? 6.155   5.406   -15.240 1.00 16.78 ? 172 ALA A N   1 
ATOM   1131 C CA  . ALA A 1 184 ? 5.154   4.995   -14.224 1.00 16.90 ? 172 ALA A CA  1 
ATOM   1132 C C   . ALA A 1 184 ? 5.719   3.912   -13.305 1.00 16.99 ? 172 ALA A C   1 
ATOM   1133 O O   . ALA A 1 184 ? 5.474   3.989   -12.094 1.00 17.69 ? 172 ALA A O   1 
ATOM   1134 C CB  . ALA A 1 184 ? 3.885   4.566   -14.880 1.00 17.11 ? 172 ALA A CB  1 
ATOM   1135 N N   . THR A 1 185 ? 6.428   2.918   -13.841 1.00 16.67 ? 173 THR A N   1 
ATOM   1136 C CA  . THR A 1 185 ? 6.963   1.825   -13.029 1.00 16.69 ? 173 THR A CA  1 
ATOM   1137 C C   . THR A 1 185 ? 7.948   2.435   -12.013 1.00 15.90 ? 173 THR A C   1 
ATOM   1138 O O   . THR A 1 185 ? 7.849   2.075   -10.832 1.00 16.25 ? 173 THR A O   1 
ATOM   1139 C CB  . THR A 1 185 ? 7.588   0.723   -13.898 1.00 19.64 ? 173 THR A CB  1 
ATOM   1140 O OG1 . THR A 1 185 ? 6.549   0.216   -14.742 1.00 17.99 ? 173 THR A OG1 1 
ATOM   1141 C CG2 . THR A 1 185 ? 8.174   -0.416  -13.100 1.00 18.17 ? 173 THR A CG2 1 
ATOM   1142 N N   . ALA A 1 186 ? 8.930   3.210   -12.459 1.00 15.04 ? 174 ALA A N   1 
ATOM   1143 C CA  . ALA A 1 186 ? 9.984   3.713   -11.554 1.00 16.78 ? 174 ALA A CA  1 
ATOM   1144 C C   . ALA A 1 186 ? 9.335   4.626   -10.514 1.00 15.95 ? 174 ALA A C   1 
ATOM   1145 O O   . ALA A 1 186 ? 9.772   4.606   -9.356  1.00 14.33 ? 174 ALA A O   1 
ATOM   1146 C CB  . ALA A 1 186 ? 11.062  4.448   -12.324 1.00 17.25 ? 174 ALA A CB  1 
ATOM   1147 N N   . LEU A 1 187 ? 8.385   5.484   -10.918 1.00 14.79 ? 175 LEU A N   1 
ATOM   1148 C CA  . LEU A 1 187 ? 7.790   6.450   -9.962  1.00 15.22 ? 175 LEU A CA  1 
ATOM   1149 C C   . LEU A 1 187 ? 6.980   5.705   -8.888  1.00 16.66 ? 175 LEU A C   1 
ATOM   1150 O O   . LEU A 1 187 ? 7.048   6.100   -7.718  1.00 16.58 ? 175 LEU A O   1 
ATOM   1151 C CB  . LEU A 1 187 ? 6.933   7.468   -10.731 1.00 14.78 ? 175 LEU A CB  1 
ATOM   1152 C CG  . LEU A 1 187 ? 7.691   8.490   -11.592 1.00 15.46 ? 175 LEU A CG  1 
ATOM   1153 C CD1 . LEU A 1 187 ? 6.642   9.333   -12.351 1.00 17.10 ? 175 LEU A CD1 1 
ATOM   1154 C CD2 . LEU A 1 187 ? 8.571   9.409   -10.734 1.00 15.51 ? 175 LEU A CD2 1 
ATOM   1155 N N   . ASN A 1 188 ? 6.264   4.652   -9.272  1.00 16.14 ? 176 ASN A N   1 
ATOM   1156 C CA  . ASN A 1 188 ? 5.471   3.798   -8.364  1.00 16.94 ? 176 ASN A CA  1 
ATOM   1157 C C   . ASN A 1 188 ? 6.411   3.007   -7.442  1.00 17.75 ? 176 ASN A C   1 
ATOM   1158 O O   . ASN A 1 188 ? 6.107   2.945   -6.250  1.00 15.36 ? 176 ASN A O   1 
ATOM   1159 C CB  . ASN A 1 188 ? 4.449   2.945   -9.143  1.00 17.66 ? 176 ASN A CB  1 
ATOM   1160 C CG  . ASN A 1 188 ? 3.185   3.755   -9.371  1.00 20.15 ? 176 ASN A CG  1 
ATOM   1161 O OD1 . ASN A 1 188 ? 2.601   4.246   -8.394  1.00 29.14 ? 176 ASN A OD1 1 
ATOM   1162 N ND2 . ASN A 1 188 ? 2.923   4.165   -10.593 1.00 18.23 ? 176 ASN A ND2 1 
ATOM   1163 N N   . LEU A 1 189 ? 7.548   2.513   -7.947  1.00 14.47 ? 177 LEU A N   1 
ATOM   1164 C CA  . LEU A 1 189 ? 8.519   1.791   -7.084  1.00 15.68 ? 177 LEU A CA  1 
ATOM   1165 C C   . LEU A 1 189 ? 9.159   2.781   -6.097  1.00 15.74 ? 177 LEU A C   1 
ATOM   1166 O O   . LEU A 1 189 ? 9.385   2.399   -4.937  1.00 15.84 ? 177 LEU A O   1 
ATOM   1167 C CB  . LEU A 1 189 ? 9.539   1.072   -7.955  1.00 15.36 ? 177 LEU A CB  1 
ATOM   1168 C CG  . LEU A 1 189 ? 8.984   -0.167  -8.678  1.00 16.61 ? 177 LEU A CG  1 
ATOM   1169 C CD1 . LEU A 1 189 ? 10.031  -0.766  -9.567  1.00 17.80 ? 177 LEU A CD1 1 
ATOM   1170 C CD2 . LEU A 1 189 ? 8.485   -1.196  -7.717  1.00 18.42 ? 177 LEU A CD2 1 
ATOM   1171 N N   . MET A 1 190 ? 9.483   3.988   -6.571  1.00 16.79 ? 178 MET A N   1 
ATOM   1172 C CA  . MET A 1 190 ? 9.976   5.039   -5.674  1.00 16.37 ? 178 MET A CA  1 
ATOM   1173 C C   . MET A 1 190 ? 8.956   5.208   -4.539  1.00 17.44 ? 178 MET A C   1 
ATOM   1174 O O   . MET A 1 190 ? 9.392   5.321   -3.382  1.00 15.88 ? 178 MET A O   1 
ATOM   1175 C CB  . MET A 1 190 ? 10.131  6.383   -6.361  1.00 17.41 ? 178 MET A CB  1 
ATOM   1176 C CG  . MET A 1 190 ? 10.495  7.519   -5.329  1.00 17.20 ? 178 MET A CG  1 
ATOM   1177 S SD  . MET A 1 190 ? 10.843  9.061   -6.178  1.00 17.65 ? 178 MET A SD  1 
ATOM   1178 C CE  . MET A 1 190 ? 9.235   9.474   -6.864  1.00 18.92 ? 178 MET A CE  1 
ATOM   1179 N N   . ASN A 1 191 ? 7.681   5.381   -4.882  1.00 16.43 ? 179 ASN A N   1 
ATOM   1180 C CA  . ASN A 1 191 ? 6.661   5.662   -3.851  1.00 18.89 ? 179 ASN A CA  1 
ATOM   1181 C C   . ASN A 1 191 ? 6.579   4.500   -2.864  1.00 18.25 ? 179 ASN A C   1 
ATOM   1182 O O   . ASN A 1 191 ? 6.473   4.776   -1.659  1.00 16.35 ? 179 ASN A O   1 
ATOM   1183 C CB  . ASN A 1 191 ? 5.281   5.954   -4.420  1.00 18.38 ? 179 ASN A CB  1 
ATOM   1184 C CG  . ASN A 1 191 ? 5.181   7.326   -5.022  1.00 19.82 ? 179 ASN A CG  1 
ATOM   1185 O OD1 . ASN A 1 191 ? 6.206   7.978   -5.254  1.00 17.80 ? 179 ASN A OD1 1 
ATOM   1186 N ND2 . ASN A 1 191 ? 3.951   7.721   -5.330  1.00 19.07 ? 179 ASN A ND2 1 
ATOM   1187 N N   . GLU A 1 192 ? 6.564   3.251   -3.354  1.00 17.24 ? 180 GLU A N   1 
ATOM   1188 C CA  . GLU A 1 192 ? 6.484   2.060   -2.492  1.00 16.73 ? 180 GLU A CA  1 
ATOM   1189 C C   . GLU A 1 192 ? 7.633   2.152   -1.471  1.00 16.99 ? 180 GLU A C   1 
ATOM   1190 O O   . GLU A 1 192 ? 7.385   2.112   -0.204  1.00 16.49 ? 180 GLU A O   1 
ATOM   1191 C CB  . GLU A 1 192 ? 6.562   0.796   -3.345  1.00 18.34 ? 180 GLU A CB  1 
ATOM   1192 C CG  . GLU A 1 192 ? 6.807   -0.427  -2.534  1.00 18.93 ? 180 GLU A CG  1 
ATOM   1193 C CD  . GLU A 1 192 ? 7.159   -1.677  -3.319  1.00 21.50 ? 180 GLU A CD  1 
ATOM   1194 O OE1 . GLU A 1 192 ? 6.475   -1.965  -4.304  1.00 21.46 ? 180 GLU A OE1 1 
ATOM   1195 O OE2 . GLU A 1 192 ? 8.142   -2.341  -2.951  1.00 24.40 ? 180 GLU A OE2 1 
ATOM   1196 N N   . ARG A 1 193 ? 8.851   2.283   -1.966  1.00 16.92 ? 181 ARG A N   1 
ATOM   1197 C CA  . ARG A 1 193 ? 10.057  2.184   -1.095  1.00 17.06 ? 181 ARG A CA  1 
ATOM   1198 C C   . ARG A 1 193 ? 10.093  3.385   -0.124  1.00 17.58 ? 181 ARG A C   1 
ATOM   1199 O O   . ARG A 1 193 ? 10.462  3.207   1.072   1.00 17.93 ? 181 ARG A O   1 
ATOM   1200 C CB  . ARG A 1 193 ? 11.316  2.195   -1.945  1.00 17.92 ? 181 ARG A CB  1 
ATOM   1201 C CG  . ARG A 1 193 ? 12.582  1.885   -1.175  1.00 22.12 ? 181 ARG A CG  1 
ATOM   1202 C CD  . ARG A 1 193 ? 12.472  0.494   -0.589  1.00 24.70 ? 181 ARG A CD  1 
ATOM   1203 N NE  . ARG A 1 193 ? 13.532  0.360   0.360   1.00 31.98 ? 181 ARG A NE  1 
ATOM   1204 C CZ  . ARG A 1 193 ? 13.382  0.465   1.685   1.00 32.98 ? 181 ARG A CZ  1 
ATOM   1205 N NH1 . ARG A 1 193 ? 14.438  0.306   2.444   1.00 38.94 ? 181 ARG A NH1 1 
ATOM   1206 N NH2 . ARG A 1 193 ? 12.203  0.667   2.234   1.00 36.09 ? 181 ARG A NH2 1 
ATOM   1207 N N   . THR A 1 194 ? 9.769   4.570   -0.628  1.00 16.65 ? 182 THR A N   1 
ATOM   1208 C CA  . THR A 1 194 ? 9.908   5.840   0.125   1.00 18.39 ? 182 THR A CA  1 
ATOM   1209 C C   . THR A 1 194 ? 8.804   5.897   1.201   1.00 20.14 ? 182 THR A C   1 
ATOM   1210 O O   . THR A 1 194 ? 9.171   6.145   2.340   1.00 17.35 ? 182 THR A O   1 
ATOM   1211 C CB  . THR A 1 194 ? 9.950   7.047   -0.814  1.00 20.07 ? 182 THR A CB  1 
ATOM   1212 O OG1 . THR A 1 194 ? 10.990  6.888   -1.784  1.00 20.07 ? 182 THR A OG1 1 
ATOM   1213 C CG2 . THR A 1 194 ? 10.224  8.318   -0.045  1.00 21.28 ? 182 THR A CG2 1 
ATOM   1214 N N   . LEU A 1 195 ? 7.531   5.634   0.842   1.00 17.47 ? 183 LEU A N   1 
ATOM   1215 C CA  . LEU A 1 195 ? 6.398   5.605   1.814   1.00 20.13 ? 183 LEU A CA  1 
ATOM   1216 C C   . LEU A 1 195 ? 6.747   4.642   2.938   1.00 19.78 ? 183 LEU A C   1 
ATOM   1217 O O   . LEU A 1 195 ? 6.678   5.066   4.133   1.00 20.74 ? 183 LEU A O   1 
ATOM   1218 C CB  . LEU A 1 195 ? 5.073   5.212   1.173   1.00 19.54 ? 183 LEU A CB  1 
ATOM   1219 C CG  . LEU A 1 195 ? 4.448   6.260   0.255   1.00 20.05 ? 183 LEU A CG  1 
ATOM   1220 C CD1 . LEU A 1 195 ? 3.274   5.680   -0.504  1.00 21.83 ? 183 LEU A CD1 1 
ATOM   1221 C CD2 . LEU A 1 195 ? 4.047   7.529   1.007   1.00 23.01 ? 183 LEU A CD2 1 
ATOM   1222 N N   . PHE A 1 196 ? 7.099   3.414   2.602   1.00 20.58 ? 184 PHE A N   1 
ATOM   1223 C CA  . PHE A 1 196 ? 7.289   2.322   3.592   1.00 21.91 ? 184 PHE A CA  1 
ATOM   1224 C C   . PHE A 1 196 ? 8.554   2.575   4.421   1.00 23.18 ? 184 PHE A C   1 
ATOM   1225 O O   . PHE A 1 196 ? 8.465   2.381   5.644   1.00 21.54 ? 184 PHE A O   1 
ATOM   1226 C CB  . PHE A 1 196 ? 7.219   0.943   2.917   1.00 24.62 ? 184 PHE A CB  1 
ATOM   1227 C CG  . PHE A 1 196 ? 5.890   0.659   2.278   1.00 26.38 ? 184 PHE A CG  1 
ATOM   1228 C CD1 . PHE A 1 196 ? 4.725   1.237   2.761   1.00 35.12 ? 184 PHE A CD1 1 
ATOM   1229 C CD2 . PHE A 1 196 ? 5.786   -0.162  1.170   1.00 31.09 ? 184 PHE A CD2 1 
ATOM   1230 C CE1 . PHE A 1 196 ? 3.513   1.035   2.113   1.00 37.63 ? 184 PHE A CE1 1 
ATOM   1231 C CE2 . PHE A 1 196 ? 4.562   -0.414  0.571   1.00 29.34 ? 184 PHE A CE2 1 
ATOM   1232 C CZ  . PHE A 1 196 ? 3.434   0.204   1.029   1.00 32.68 ? 184 PHE A CZ  1 
ATOM   1233 N N   . ALA A 1 197 ? 9.638   3.130   3.861   1.00 19.66 ? 185 ALA A N   1 
ATOM   1234 C CA  . ALA A 1 197 ? 10.795  3.516   4.698   1.00 20.28 ? 185 ALA A CA  1 
ATOM   1235 C C   . ALA A 1 197 ? 10.384  4.609   5.691   1.00 21.32 ? 185 ALA A C   1 
ATOM   1236 O O   . ALA A 1 197 ? 10.760  4.562   6.902   1.00 23.07 ? 185 ALA A O   1 
ATOM   1237 C CB  . ALA A 1 197 ? 11.957  3.942   3.825   1.00 20.97 ? 185 ALA A CB  1 
ATOM   1238 N N   . SER A 1 198 ? 9.603   5.573   5.250   1.00 18.92 ? 186 SER A N   1 
ATOM   1239 C CA  . SER A 1 198 ? 9.203   6.707   6.109   1.00 20.87 ? 186 SER A CA  1 
ATOM   1240 C C   . SER A 1 198 ? 8.319   6.162   7.233   1.00 22.69 ? 186 SER A C   1 
ATOM   1241 O O   . SER A 1 198 ? 8.567   6.511   8.402   1.00 21.58 ? 186 SER A O   1 
ATOM   1242 C CB  . SER A 1 198 ? 8.465   7.781   5.354   1.00 20.57 ? 186 SER A CB  1 
ATOM   1243 O OG  . SER A 1 198 ? 9.358   8.486   4.505   1.00 29.46 ? 186 SER A OG  1 
ATOM   1244 N N   . PHE A 1 199 ? 7.332   5.339   6.896   1.00 20.42 ? 187 PHE A N   1 
ATOM   1245 C CA  . PHE A 1 199 ? 6.374   4.812   7.897   1.00 22.94 ? 187 PHE A CA  1 
ATOM   1246 C C   . PHE A 1 199 ? 7.114   3.967   8.921   1.00 27.35 ? 187 PHE A C   1 
ATOM   1247 O O   . PHE A 1 199 ? 6.735   4.020   10.079  1.00 29.55 ? 187 PHE A O   1 
ATOM   1248 C CB  . PHE A 1 199 ? 5.292   3.942   7.264   1.00 22.21 ? 187 PHE A CB  1 
ATOM   1249 C CG  . PHE A 1 199 ? 4.361   4.736   6.402   1.00 24.03 ? 187 PHE A CG  1 
ATOM   1250 C CD1 . PHE A 1 199 ? 4.171   6.081   6.638   1.00 26.15 ? 187 PHE A CD1 1 
ATOM   1251 C CD2 . PHE A 1 199 ? 3.704   4.146   5.347   1.00 25.12 ? 187 PHE A CD2 1 
ATOM   1252 C CE1 . PHE A 1 199 ? 3.334   6.819   5.834   1.00 25.14 ? 187 PHE A CE1 1 
ATOM   1253 C CE2 . PHE A 1 199 ? 2.847   4.885   4.564   1.00 23.80 ? 187 PHE A CE2 1 
ATOM   1254 C CZ  . PHE A 1 199 ? 2.673   6.213   4.804   1.00 24.84 ? 187 PHE A CZ  1 
ATOM   1255 N N   . ALA A 1 200 ? 8.126   3.219   8.504   1.00 28.69 ? 188 ALA A N   1 
ATOM   1256 C CA  . ALA A 1 200 ? 8.909   2.364   9.422   1.00 29.77 ? 188 ALA A CA  1 
ATOM   1257 C C   . ALA A 1 200 ? 9.964   3.186   10.155  1.00 29.63 ? 188 ALA A C   1 
ATOM   1258 O O   . ALA A 1 200 ? 10.632  2.592   10.979  1.00 35.60 ? 188 ALA A O   1 
ATOM   1259 C CB  . ALA A 1 200 ? 9.500   1.194   8.676   1.00 31.45 ? 188 ALA A CB  1 
ATOM   1260 N N   . GLY A 1 201 ? 10.089  4.489   9.916   1.00 29.89 ? 189 GLY A N   1 
ATOM   1261 C CA  . GLY A 1 201 ? 11.219  5.291   10.432  1.00 31.66 ? 189 GLY A CA  1 
ATOM   1262 C C   . GLY A 1 201 ? 12.571  4.635   10.139  1.00 37.19 ? 189 GLY A C   1 
ATOM   1263 O O   . GLY A 1 201 ? 13.454  4.664   11.050  1.00 32.97 ? 189 GLY A O   1 
ATOM   1264 N N   . GLU A 1 202 ? 12.792  4.098   8.928   1.00 27.06 ? 190 GLU A N   1 
ATOM   1265 C CA  . GLU A 1 202 ? 14.102  3.480   8.591   1.00 27.44 ? 190 GLU A CA  1 
ATOM   1266 C C   . GLU A 1 202 ? 15.164  4.567   8.558   1.00 26.83 ? 190 GLU A C   1 
ATOM   1267 O O   . GLU A 1 202 ? 14.862  5.756   8.331   1.00 24.63 ? 190 GLU A O   1 
ATOM   1268 C CB  . GLU A 1 202 ? 14.132  2.738   7.250   1.00 27.83 ? 190 GLU A CB  1 
ATOM   1269 C CG  . GLU A 1 202 ? 13.345  1.457   7.257   1.00 31.10 ? 190 GLU A CG  1 
ATOM   1270 C CD  . GLU A 1 202 ? 13.281  0.796   5.890   1.00 34.71 ? 190 GLU A CD  1 
ATOM   1271 O OE1 . GLU A 1 202 ? 14.072  1.193   5.002   1.00 32.25 ? 190 GLU A OE1 1 
ATOM   1272 O OE2 . GLU A 1 202 ? 12.480  -0.116  5.733   1.00 40.48 ? 190 GLU A OE2 1 
ATOM   1273 N N   . GLN A 1 203 ? 16.416  4.148   8.691   1.00 28.77 ? 191 GLN A N   1 
ATOM   1274 C CA  . GLN A 1 203 ? 17.564  5.022   8.417   1.00 31.32 ? 191 GLN A CA  1 
ATOM   1275 C C   . GLN A 1 203 ? 18.218  4.405   7.192   1.00 30.36 ? 191 GLN A C   1 
ATOM   1276 O O   . GLN A 1 203 ? 18.714  3.268   7.260   1.00 29.22 ? 191 GLN A O   1 
ATOM   1277 C CB  . GLN A 1 203 ? 18.472  5.109   9.652   1.00 42.23 ? 191 GLN A CB  1 
ATOM   1278 C CG  . GLN A 1 203 ? 19.099  6.487   9.845   1.00 55.43 ? 191 GLN A CG  1 
ATOM   1279 C CD  . GLN A 1 203 ? 20.102  6.530   10.983  1.00 64.99 ? 191 GLN A CD  1 
ATOM   1280 O OE1 . GLN A 1 203 ? 20.081  5.704   11.893  1.00 71.75 ? 191 GLN A OE1 1 
ATOM   1281 N NE2 . GLN A 1 203 ? 21.012  7.491   10.941  1.00 57.63 ? 191 GLN A NE2 1 
ATOM   1282 N N   . PRO A 1 204 ? 18.210  5.084   6.023   1.00 28.57 ? 192 PRO A N   1 
ATOM   1283 C CA  . PRO A 1 204 ? 17.659  6.438   5.858   1.00 25.57 ? 192 PRO A CA  1 
ATOM   1284 C C   . PRO A 1 204 ? 16.173  6.472   5.448   1.00 23.45 ? 192 PRO A C   1 
ATOM   1285 O O   . PRO A 1 204 ? 15.640  5.509   4.850   1.00 23.22 ? 192 PRO A O   1 
ATOM   1286 C CB  . PRO A 1 204 ? 18.524  6.914   4.686   1.00 29.79 ? 192 PRO A CB  1 
ATOM   1287 C CG  . PRO A 1 204 ? 18.575  5.696   3.779   1.00 30.02 ? 192 PRO A CG  1 
ATOM   1288 C CD  . PRO A 1 204 ? 18.736  4.540   4.747   1.00 30.13 ? 192 PRO A CD  1 
ATOM   1289 N N   . SER A 1 205 ? 15.506  7.607   5.667   1.00 19.32 ? 193 SER A N   1 
ATOM   1290 C CA  . SER A 1 205 ? 14.119  7.798   5.188   1.00 18.93 ? 193 SER A CA  1 
ATOM   1291 C C   . SER A 1 205 ? 13.834  9.297   5.100   1.00 20.94 ? 193 SER A C   1 
ATOM   1292 O O   . SER A 1 205 ? 14.488  10.082  5.777   1.00 19.54 ? 193 SER A O   1 
ATOM   1293 C CB  . SER A 1 205 ? 13.099  7.026   6.050   1.00 19.76 ? 193 SER A CB  1 
ATOM   1294 O OG  . SER A 1 205 ? 13.166  7.504   7.393   1.00 21.71 ? 193 SER A OG  1 
ATOM   1295 N N   . VAL A 1 206 ? 12.900  9.687   4.257   1.00 19.95 ? 194 VAL A N   1 
ATOM   1296 C CA  . VAL A 1 206 ? 12.342  11.061  4.302   1.00 21.10 ? 194 VAL A CA  1 
ATOM   1297 C C   . VAL A 1 206 ? 11.466  11.111  5.542   1.00 20.71 ? 194 VAL A C   1 
ATOM   1298 O O   . VAL A 1 206 ? 10.690  10.186  5.782   1.00 20.69 ? 194 VAL A O   1 
ATOM   1299 C CB  . VAL A 1 206 ? 11.549  11.356  3.031   1.00 21.30 ? 194 VAL A CB  1 
ATOM   1300 C CG1 . VAL A 1 206 ? 10.908  12.710  3.015   1.00 20.82 ? 194 VAL A CG1 1 
ATOM   1301 C CG2 . VAL A 1 206 ? 12.422  11.144  1.796   1.00 24.77 ? 194 VAL A CG2 1 
ATOM   1302 N N   . PRO A 1 207 ? 11.519  12.185  6.353   1.00 19.88 ? 195 PRO A N   1 
ATOM   1303 C CA  . PRO A 1 207 ? 10.582  12.326  7.474   1.00 21.58 ? 195 PRO A CA  1 
ATOM   1304 C C   . PRO A 1 207 ? 9.154   12.265  6.924   1.00 19.84 ? 195 PRO A C   1 
ATOM   1305 O O   . PRO A 1 207 ? 8.846   12.795  5.810   1.00 19.28 ? 195 PRO A O   1 
ATOM   1306 C CB  . PRO A 1 207 ? 10.899  13.721  8.036   1.00 23.13 ? 195 PRO A CB  1 
ATOM   1307 C CG  . PRO A 1 207 ? 12.319  13.981  7.579   1.00 24.03 ? 195 PRO A CG  1 
ATOM   1308 C CD  . PRO A 1 207 ? 12.471  13.291  6.255   1.00 22.59 ? 195 PRO A CD  1 
ATOM   1309 N N   . GLU A 1 208 ? 8.257   11.621  7.681   1.00 18.37 ? 196 GLU A N   1 
ATOM   1310 C CA  . GLU A 1 208 ? 6.874   11.389  7.247   1.00 20.87 ? 196 GLU A CA  1 
ATOM   1311 C C   . GLU A 1 208 ? 6.193   12.714  6.906   1.00 21.43 ? 196 GLU A C   1 
ATOM   1312 O O   . GLU A 1 208 ? 5.388   12.756  5.960   1.00 16.96 ? 196 GLU A O   1 
ATOM   1313 C CB  . GLU A 1 208 ? 6.200   10.588  8.376   1.00 25.87 ? 196 GLU A CB  1 
ATOM   1314 C CG  . GLU A 1 208 ? 4.766   10.272  8.070   1.00 33.65 ? 196 GLU A CG  1 
ATOM   1315 C CD  . GLU A 1 208 ? 4.080   9.304   9.030   1.00 36.19 ? 196 GLU A CD  1 
ATOM   1316 O OE1 . GLU A 1 208 ? 4.775   8.594   9.803   1.00 42.36 ? 196 GLU A OE1 1 
ATOM   1317 O OE2 . GLU A 1 208 ? 2.875   9.181   8.894   1.00 43.50 ? 196 GLU A OE2 1 
ATOM   1318 N N   . ALA A 1 209 ? 6.480   13.784  7.652   1.00 18.74 ? 197 ALA A N   1 
ATOM   1319 C CA  . ALA A 1 209 ? 5.894   15.128  7.393   1.00 21.52 ? 197 ALA A CA  1 
ATOM   1320 C C   . ALA A 1 209 ? 6.458   15.761  6.103   1.00 20.14 ? 197 ALA A C   1 
ATOM   1321 O O   . ALA A 1 209 ? 5.922   16.774  5.696   1.00 23.06 ? 197 ALA A O   1 
ATOM   1322 C CB  . ALA A 1 209 ? 6.148   16.027  8.614   1.00 21.49 ? 197 ALA A CB  1 
ATOM   1323 N N   . ARG A 1 210 ? 7.464   15.191  5.443   1.00 16.78 ? 198 ARG A N   1 
ATOM   1324 C CA  . ARG A 1 210 ? 8.044   15.764  4.190   1.00 17.70 ? 198 ARG A CA  1 
ATOM   1325 C C   . ARG A 1 210 ? 7.813   14.827  2.987   1.00 17.70 ? 198 ARG A C   1 
ATOM   1326 O O   . ARG A 1 210 ? 8.137   15.209  1.869   1.00 17.71 ? 198 ARG A O   1 
ATOM   1327 C CB  . ARG A 1 210 ? 9.541   16.009  4.385   1.00 18.69 ? 198 ARG A CB  1 
ATOM   1328 C CG  . ARG A 1 210 ? 9.846   17.083  5.426   1.00 20.16 ? 198 ARG A CG  1 
ATOM   1329 C CD  . ARG A 1 210 ? 9.449   18.487  4.953   1.00 21.96 ? 198 ARG A CD  1 
ATOM   1330 N NE  . ARG A 1 210 ? 9.920   18.734  3.597   1.00 23.34 ? 198 ARG A NE  1 
ATOM   1331 C CZ  . ARG A 1 210 ? 9.235   19.389  2.671   1.00 25.72 ? 198 ARG A CZ  1 
ATOM   1332 N NH1 . ARG A 1 210 ? 8.128   20.003  3.019   1.00 26.85 ? 198 ARG A NH1 1 
ATOM   1333 N NH2 . ARG A 1 210 ? 9.648   19.475  1.410   1.00 26.71 ? 198 ARG A NH2 1 
ATOM   1334 N N   . VAL A 1 211 ? 7.336   13.625  3.217   1.00 18.22 ? 199 VAL A N   1 
ATOM   1335 C CA  . VAL A 1 211 ? 7.374   12.590  2.150   1.00 20.11 ? 199 VAL A CA  1 
ATOM   1336 C C   . VAL A 1 211 ? 6.395   12.956  1.020   1.00 17.79 ? 199 VAL A C   1 
ATOM   1337 O O   . VAL A 1 211 ? 6.754   12.844  -0.152  1.00 19.83 ? 199 VAL A O   1 
ATOM   1338 C CB  . VAL A 1 211 ? 7.245   11.180  2.748   1.00 25.02 ? 199 VAL A CB  1 
ATOM   1339 C CG1 . VAL A 1 211 ? 5.878   10.883  3.256   1.00 27.09 ? 199 VAL A CG1 1 
ATOM   1340 C CG2 . VAL A 1 211 ? 7.661   10.159  1.685   1.00 29.56 ? 199 VAL A CG2 1 
ATOM   1341 N N   . LEU A 1 212 ? 5.231   13.518  1.303   1.00 20.34 ? 200 LEU A N   1 
ATOM   1342 C CA  . LEU A 1 212 ? 4.255   13.849  0.233   1.00 20.30 ? 200 LEU A CA  1 
ATOM   1343 C C   . LEU A 1 212 ? 4.832   14.932  -0.666  1.00 22.27 ? 200 LEU A C   1 
ATOM   1344 O O   . LEU A 1 212 ? 4.894   14.698  -1.905  1.00 19.63 ? 200 LEU A O   1 
ATOM   1345 C CB  . LEU A 1 212 ? 2.915   14.197  0.890   1.00 23.80 ? 200 LEU A CB  1 
ATOM   1346 C CG  . LEU A 1 212 ? 1.724   14.306  -0.037  1.00 23.28 ? 200 LEU A CG  1 
ATOM   1347 C CD1 . LEU A 1 212 ? 1.528   13.037  -0.858  1.00 23.11 ? 200 LEU A CD1 1 
ATOM   1348 C CD2 . LEU A 1 212 ? 0.478   14.647  0.792   1.00 27.10 ? 200 LEU A CD2 1 
ATOM   1349 N N   . ASP A 1 213 ? 5.343   16.032  -0.101  1.00 20.09 ? 201 ASP A N   1 
ATOM   1350 C CA  . ASP A 1 213 ? 5.931   17.123  -0.903  1.00 19.77 ? 201 ASP A CA  1 
ATOM   1351 C C   . ASP A 1 213 ? 7.095   16.567  -1.741  1.00 18.89 ? 201 ASP A C   1 
ATOM   1352 O O   . ASP A 1 213 ? 7.313   17.021  -2.874  1.00 17.12 ? 201 ASP A O   1 
ATOM   1353 C CB  . ASP A 1 213 ? 6.434   18.272  -0.040  1.00 22.68 ? 201 ASP A CB  1 
ATOM   1354 C CG  . ASP A 1 213 ? 5.372   19.270  0.439   1.00 29.35 ? 201 ASP A CG  1 
ATOM   1355 O OD1 . ASP A 1 213 ? 4.216   19.177  -0.003  1.00 24.09 ? 201 ASP A OD1 1 
ATOM   1356 O OD2 . ASP A 1 213 ? 5.759   20.195  1.213   1.00 30.22 ? 201 ASP A OD2 1 
ATOM   1357 N N   . THR A 1 214 ? 7.894   15.675  -1.142  1.00 18.26 ? 202 THR A N   1 
ATOM   1358 C CA  . THR A 1 214 ? 9.071   15.142  -1.825  1.00 17.19 ? 202 THR A CA  1 
ATOM   1359 C C   . THR A 1 214 ? 8.623   14.373  -3.071  1.00 16.93 ? 202 THR A C   1 
ATOM   1360 O O   . THR A 1 214 ? 9.159   14.657  -4.192  1.00 16.74 ? 202 THR A O   1 
ATOM   1361 C CB  . THR A 1 214 ? 9.914   14.286  -0.872  1.00 18.30 ? 202 THR A CB  1 
ATOM   1362 O OG1 . THR A 1 214 ? 10.263  15.122  0.230   1.00 18.39 ? 202 THR A OG1 1 
ATOM   1363 C CG2 . THR A 1 214 ? 11.138  13.758  -1.588  1.00 19.74 ? 202 THR A CG2 1 
ATOM   1364 N N   . LEU A 1 215 ? 7.687   13.450  -2.894  1.00 16.23 ? 203 LEU A N   1 
ATOM   1365 C CA  . LEU A 1 215 ? 7.230   12.558  -4.001  1.00 16.94 ? 203 LEU A CA  1 
ATOM   1366 C C   . LEU A 1 215 ? 6.529   13.398  -5.048  1.00 16.35 ? 203 LEU A C   1 
ATOM   1367 O O   . LEU A 1 215 ? 6.812   13.208  -6.255  1.00 17.25 ? 203 LEU A O   1 
ATOM   1368 C CB  . LEU A 1 215 ? 6.343   11.413  -3.472  1.00 15.28 ? 203 LEU A CB  1 
ATOM   1369 C CG  . LEU A 1 215 ? 7.036   10.470  -2.484  1.00 15.93 ? 203 LEU A CG  1 
ATOM   1370 C CD1 . LEU A 1 215 ? 6.060   9.488   -1.889  1.00 18.21 ? 203 LEU A CD1 1 
ATOM   1371 C CD2 . LEU A 1 215 ? 8.171   9.746   -3.171  1.00 18.26 ? 203 LEU A CD2 1 
ATOM   1372 N N   . VAL A 1 216 ? 5.728   14.371  -4.639  1.00 17.35 ? 204 VAL A N   1 
ATOM   1373 C CA  . VAL A 1 216 ? 4.966   15.174  -5.617  1.00 15.79 ? 204 VAL A CA  1 
ATOM   1374 C C   . VAL A 1 216 ? 5.945   15.960  -6.510  1.00 16.10 ? 204 VAL A C   1 
ATOM   1375 O O   . VAL A 1 216 ? 5.743   16.006  -7.792  1.00 17.91 ? 204 VAL A O   1 
ATOM   1376 C CB  . VAL A 1 216 ? 3.928   16.074  -4.935  1.00 18.42 ? 204 VAL A CB  1 
ATOM   1377 C CG1 . VAL A 1 216 ? 3.402   17.094  -5.933  1.00 20.03 ? 204 VAL A CG1 1 
ATOM   1378 C CG2 . VAL A 1 216 ? 2.801   15.261  -4.289  1.00 19.07 ? 204 VAL A CG2 1 
ATOM   1379 N N   . HIS A 1 217 ? 6.991   16.518  -5.932  1.00 16.52 ? 205 HIS A N   1 
ATOM   1380 C CA  . HIS A 1 217 ? 7.986   17.281  -6.700  1.00 16.21 ? 205 HIS A CA  1 
ATOM   1381 C C   . HIS A 1 217 ? 8.575   16.375  -7.797  1.00 16.97 ? 205 HIS A C   1 
ATOM   1382 O O   . HIS A 1 217 ? 8.746   16.836  -8.959  1.00 17.61 ? 205 HIS A O   1 
ATOM   1383 C CB  . HIS A 1 217 ? 9.074   17.817  -5.809  1.00 20.19 ? 205 HIS A CB  1 
ATOM   1384 C CG  . HIS A 1 217 ? 10.259  18.325  -6.578  1.00 18.50 ? 205 HIS A CG  1 
ATOM   1385 N ND1 . HIS A 1 217 ? 10.290  19.613  -7.088  1.00 19.53 ? 205 HIS A ND1 1 
ATOM   1386 C CD2 . HIS A 1 217 ? 11.400  17.728  -6.977  1.00 18.65 ? 205 HIS A CD2 1 
ATOM   1387 C CE1 . HIS A 1 217 ? 11.440  19.832  -7.697  1.00 19.43 ? 205 HIS A CE1 1 
ATOM   1388 N NE2 . HIS A 1 217 ? 12.167  18.676  -7.638  1.00 17.09 ? 205 HIS A NE2 1 
ATOM   1389 N N   . ILE A 1 218 ? 8.970   15.169  -7.418  1.00 17.04 ? 206 ILE A N   1 
ATOM   1390 C CA  . ILE A 1 218 ? 9.671   14.238  -8.327  1.00 17.06 ? 206 ILE A CA  1 
ATOM   1391 C C   . ILE A 1 218 ? 8.684   13.766  -9.410  1.00 16.92 ? 206 ILE A C   1 
ATOM   1392 O O   . ILE A 1 218 ? 9.101   13.710  -10.586 1.00 17.26 ? 206 ILE A O   1 
ATOM   1393 C CB  . ILE A 1 218 ? 10.345  13.078  -7.560  1.00 16.77 ? 206 ILE A CB  1 
ATOM   1394 C CG1 . ILE A 1 218 ? 11.392  13.629  -6.588  1.00 17.19 ? 206 ILE A CG1 1 
ATOM   1395 C CG2 . ILE A 1 218 ? 10.952  12.094  -8.587  1.00 16.97 ? 206 ILE A CG2 1 
ATOM   1396 C CD1 . ILE A 1 218 ? 11.879  12.598  -5.575  1.00 17.96 ? 206 ILE A CD1 1 
ATOM   1397 N N   . TRP A 1 219 ? 7.427   13.486  -9.054  1.00 16.89 ? 207 TRP A N   1 
ATOM   1398 C CA  . TRP A 1 219 ? 6.376   13.088  -10.039 1.00 18.33 ? 207 TRP A CA  1 
ATOM   1399 C C   . TRP A 1 219 ? 6.151   14.224  -11.054 1.00 21.31 ? 207 TRP A C   1 
ATOM   1400 O O   . TRP A 1 219 ? 6.253   13.971  -12.282 1.00 19.23 ? 207 TRP A O   1 
ATOM   1401 C CB  . TRP A 1 219 ? 5.096   12.680  -9.332  1.00 18.20 ? 207 TRP A CB  1 
ATOM   1402 C CG  . TRP A 1 219 ? 5.116   11.268  -8.850  1.00 18.19 ? 207 TRP A CG  1 
ATOM   1403 C CD1 . TRP A 1 219 ? 5.991   10.715  -7.941  1.00 17.25 ? 207 TRP A CD1 1 
ATOM   1404 C CD2 . TRP A 1 219 ? 4.176   10.236  -9.184  1.00 17.29 ? 207 TRP A CD2 1 
ATOM   1405 N NE1 . TRP A 1 219 ? 5.667   9.408   -7.714  1.00 19.47 ? 207 TRP A NE1 1 
ATOM   1406 C CE2 . TRP A 1 219 ? 4.599   9.064   -8.507  1.00 18.35 ? 207 TRP A CE2 1 
ATOM   1407 C CE3 . TRP A 1 219 ? 3.121   10.134  -10.101 1.00 18.28 ? 207 TRP A CE3 1 
ATOM   1408 C CZ2 . TRP A 1 219 ? 3.935   7.835   -8.640  1.00 17.68 ? 207 TRP A CZ2 1 
ATOM   1409 C CZ3 . TRP A 1 219 ? 2.455   8.941   -10.224 1.00 17.03 ? 207 TRP A CZ3 1 
ATOM   1410 C CH2 . TRP A 1 219 ? 2.889   7.799   -9.531  1.00 18.44 ? 207 TRP A CH2 1 
ATOM   1411 N N   . VAL A 1 220 ? 5.962   15.459  -10.583 1.00 19.90 ? 208 VAL A N   1 
ATOM   1412 C CA  . VAL A 1 220 ? 5.586   16.604  -11.477 1.00 21.42 ? 208 VAL A CA  1 
ATOM   1413 C C   . VAL A 1 220 ? 6.749   16.987  -12.392 1.00 19.27 ? 208 VAL A C   1 
ATOM   1414 O O   . VAL A 1 220 ? 6.511   17.157  -13.611 1.00 19.23 ? 208 VAL A O   1 
ATOM   1415 C CB  . VAL A 1 220 ? 5.076   17.814  -10.663 1.00 22.70 ? 208 VAL A CB  1 
ATOM   1416 C CG1 . VAL A 1 220 ? 4.973   19.074  -11.501 1.00 27.22 ? 208 VAL A CG1 1 
ATOM   1417 C CG2 . VAL A 1 220 ? 3.752   17.440  -10.041 1.00 23.92 ? 208 VAL A CG2 1 
ATOM   1418 N N   . THR A 1 221 ? 7.961   17.067  -11.861 1.00 18.75 ? 209 THR A N   1 
ATOM   1419 C CA  . THR A 1 221 ? 9.130   17.465  -12.666 1.00 20.55 ? 209 THR A CA  1 
ATOM   1420 C C   . THR A 1 221 ? 9.417   16.346  -13.679 1.00 22.80 ? 209 THR A C   1 
ATOM   1421 O O   . THR A 1 221 ? 9.787   16.680  -14.798 1.00 20.78 ? 209 THR A O   1 
ATOM   1422 C CB  . THR A 1 221 ? 10.340  17.828  -11.809 1.00 23.37 ? 209 THR A CB  1 
ATOM   1423 O OG1 . THR A 1 221 ? 10.645  16.703  -10.978 1.00 19.85 ? 209 THR A OG1 1 
ATOM   1424 C CG2 . THR A 1 221 ? 10.141  19.122  -11.034 1.00 23.09 ? 209 THR A CG2 1 
ATOM   1425 N N   . SER A 1 222 ? 9.253   15.062  -13.321 1.00 17.78 ? 210 SER A N   1 
ATOM   1426 C CA  . SER A 1 222 ? 9.642   13.973  -14.253 1.00 18.69 ? 210 SER A CA  1 
ATOM   1427 C C   . SER A 1 222 ? 8.557   13.757  -15.315 1.00 19.62 ? 210 SER A C   1 
ATOM   1428 O O   . SER A 1 222 ? 8.888   13.348  -16.433 1.00 19.34 ? 210 SER A O   1 
ATOM   1429 C CB  . SER A 1 222 ? 10.032  12.716  -13.520 1.00 19.46 ? 210 SER A CB  1 
ATOM   1430 O OG  . SER A 1 222 ? 8.914   12.115  -12.922 1.00 18.92 ? 210 SER A OG  1 
ATOM   1431 N N   . ILE A 1 223 ? 7.295   14.017  -14.994 1.00 19.63 ? 211 ILE A N   1 
ATOM   1432 C CA  . ILE A 1 223 ? 6.168   13.825  -15.947 1.00 21.82 ? 211 ILE A CA  1 
ATOM   1433 C C   . ILE A 1 223 ? 6.087   15.028  -16.906 1.00 24.07 ? 211 ILE A C   1 
ATOM   1434 O O   . ILE A 1 223 ? 5.808   14.795  -18.087 1.00 23.08 ? 211 ILE A O   1 
ATOM   1435 C CB  . ILE A 1 223 ? 4.868   13.551  -15.186 1.00 20.71 ? 211 ILE A CB  1 
ATOM   1436 C CG1 . ILE A 1 223 ? 4.953   12.189  -14.481 1.00 20.20 ? 211 ILE A CG1 1 
ATOM   1437 C CG2 . ILE A 1 223 ? 3.685   13.633  -16.122 1.00 23.04 ? 211 ILE A CG2 1 
ATOM   1438 C CD1 . ILE A 1 223 ? 3.834   11.919  -13.467 1.00 20.29 ? 211 ILE A CD1 1 
ATOM   1439 N N   . TYR A 1 224 ? 6.326   16.252  -16.426 1.00 20.97 ? 212 TYR A N   1 
ATOM   1440 C CA  . TYR A 1 224 ? 6.072   17.482  -17.205 1.00 24.29 ? 212 TYR A CA  1 
ATOM   1441 C C   . TYR A 1 224 ? 7.380   18.032  -17.737 1.00 24.55 ? 212 TYR A C   1 
ATOM   1442 O O   . TYR A 1 224 ? 7.287   18.884  -18.616 1.00 25.53 ? 212 TYR A O   1 
ATOM   1443 C CB  . TYR A 1 224 ? 5.244   18.485  -16.388 1.00 23.00 ? 212 TYR A CB  1 
ATOM   1444 C CG  . TYR A 1 224 ? 3.885   17.917  -16.088 1.00 23.82 ? 212 TYR A CG  1 
ATOM   1445 C CD1 . TYR A 1 224 ? 2.878   17.906  -17.047 1.00 25.02 ? 212 TYR A CD1 1 
ATOM   1446 C CD2 . TYR A 1 224 ? 3.602   17.371  -14.857 1.00 23.85 ? 212 TYR A CD2 1 
ATOM   1447 C CE1 . TYR A 1 224 ? 1.667   17.291  -16.803 1.00 21.46 ? 212 TYR A CE1 1 
ATOM   1448 C CE2 . TYR A 1 224 ? 2.385   16.792  -14.589 1.00 23.41 ? 212 TYR A CE2 1 
ATOM   1449 C CZ  . TYR A 1 224 ? 1.386   16.799  -15.541 1.00 23.17 ? 212 TYR A CZ  1 
ATOM   1450 O OH  . TYR A 1 224 ? 0.203   16.168  -15.266 1.00 23.81 ? 212 TYR A OH  1 
ATOM   1451 N N   . GLY A 1 225 ? 8.528   17.592  -17.217 1.00 25.31 ? 213 GLY A N   1 
ATOM   1452 C CA  . GLY A 1 225 ? 9.821   18.218  -17.522 1.00 27.05 ? 213 GLY A CA  1 
ATOM   1453 C C   . GLY A 1 225 ? 10.420  17.712  -18.836 1.00 30.30 ? 213 GLY A C   1 
ATOM   1454 O O   . GLY A 1 225 ? 10.293  16.515  -19.101 1.00 27.85 ? 213 GLY A O   1 
ATOM   1455 N N   . GLU A 1 226 ? 11.027  18.641  -19.594 1.00 39.43 ? 214 GLU A N   1 
ATOM   1456 C CA  . GLU A 1 226 ? 11.735  18.555  -20.912 1.00 46.75 ? 214 GLU A CA  1 
ATOM   1457 C C   . GLU A 1 226 ? 10.780  18.190  -22.036 1.00 54.19 ? 214 GLU A C   1 
ATOM   1458 O O   . GLU A 1 226 ? 10.440  19.187  -22.678 1.00 64.90 ? 214 GLU A O   1 
ATOM   1459 C CB  . GLU A 1 226 ? 12.925  17.623  -20.855 1.00 48.54 ? 214 GLU A CB  1 
ATOM   1460 C CG  . GLU A 1 226 ? 13.998  18.189  -19.965 1.00 48.96 ? 214 GLU A CG  1 
ATOM   1461 C CD  . GLU A 1 226 ? 15.322  17.477  -20.122 1.00 55.53 ? 214 GLU A CD  1 
ATOM   1462 O OE1 . GLU A 1 226 ? 15.359  16.263  -19.901 1.00 60.97 ? 214 GLU A OE1 1 
ATOM   1463 O OE2 . GLU A 1 226 ? 16.303  18.132  -20.509 1.00 69.98 ? 214 GLU A OE2 1 
HETATM 1464 C C4  . GFK B 2 .   ? -6.242  12.716  -8.548  1.00 39.02 ? 301 GFK A C4  1 
HETATM 1465 C C14 . GFK B 2 .   ? 0.426   7.349   -6.852  1.00 21.79 ? 301 GFK A C14 1 
HETATM 1466 C C5  . GFK B 2 .   ? -5.760  11.773  -9.431  1.00 36.67 ? 301 GFK A C5  1 
HETATM 1467 C C6  . GFK B 2 .   ? -4.480  10.126  -10.270 1.00 34.94 ? 301 GFK A C6  1 
HETATM 1468 C C11 . GFK B 2 .   ? -0.965  7.069   -8.840  1.00 23.72 ? 301 GFK A C11 1 
HETATM 1469 C C7  . GFK B 2 .   ? -6.459  11.635  -10.627 1.00 37.55 ? 301 GFK A C7  1 
HETATM 1470 C C8  . GFK B 2 .   ? -7.580  12.396  -11.004 1.00 38.66 ? 301 GFK A C8  1 
HETATM 1471 C C9  . GFK B 2 .   ? -3.456  9.042   -10.405 1.00 33.24 ? 301 GFK A C9  1 
HETATM 1472 C C10 . GFK B 2 .   ? -1.890  7.677   -9.751  1.00 28.75 ? 301 GFK A C10 1 
HETATM 1473 C C12 . GFK B 2 .   ? -1.512  5.757   -8.385  1.00 23.09 ? 301 GFK A C12 1 
HETATM 1474 C C13 . GFK B 2 .   ? -0.333  5.024   -7.749  1.00 22.68 ? 301 GFK A C13 1 
HETATM 1475 N N1  . GFK B 2 .   ? -4.668  10.939  -9.219  1.00 24.94 ? 301 GFK A N1  1 
HETATM 1476 N N2  . GFK B 2 .   ? -3.072  8.257   -11.403 1.00 39.61 ? 301 GFK A N2  1 
HETATM 1477 C C3  . GFK B 2 .   ? -7.326  13.505  -8.874  1.00 39.58 ? 301 GFK A C3  1 
HETATM 1478 N N3  . GFK B 2 .   ? -2.701  8.666   -9.375  1.00 31.45 ? 301 GFK A N3  1 
HETATM 1479 C C1  . GFK B 2 .   ? -10.115 14.315  -9.366  1.00 58.04 ? 301 GFK A C1  1 
HETATM 1480 O O1  . GFK B 2 .   ? -9.035  14.164  -10.290 1.00 49.01 ? 301 GFK A O1  1 
HETATM 1481 C C2  . GFK B 2 .   ? -7.990  13.343  -10.071 1.00 39.15 ? 301 GFK A C2  1 
HETATM 1482 S S1  . GFK B 2 .   ? -5.656  10.404  -11.493 1.00 39.74 ? 301 GFK A S1  1 
HETATM 1483 O O2  . GFK B 2 .   ? -2.044  7.389   -10.939 1.00 33.92 ? 301 GFK A O2  1 
HETATM 1484 N N4  . GFK B 2 .   ? 0.346   5.920   -6.746  1.00 22.94 ? 301 GFK A N4  1 
HETATM 1485 C C15 . GFK B 2 .   ? -0.722  7.941   -7.649  1.00 21.39 ? 301 GFK A C15 1 
HETATM 1486 C C16 . GFK B 2 .   ? 1.085   5.365   -5.715  1.00 24.40 ? 301 GFK A C16 1 
HETATM 1487 O O3  . GFK B 2 .   ? 1.711   6.142   -5.005  1.00 27.67 ? 301 GFK A O3  1 
HETATM 1488 C C17 . GFK B 2 .   ? 1.209   3.925   -5.467  1.00 26.28 ? 301 GFK A C17 1 
HETATM 1489 C C18 . GFK B 2 .   ? 1.960   3.855   -4.043  1.00 30.33 ? 301 GFK A C18 1 
HETATM 1490 C C19 . GFK B 2 .   ? 2.292   2.424   -3.857  1.00 30.15 ? 301 GFK A C19 1 
HETATM 1491 F F1  . GFK B 2 .   ? 2.793   2.220   -5.048  1.00 34.66 ? 301 GFK A F1  1 
HETATM 1492 F F2  . GFK B 2 .   ? 1.206   1.654   -3.622  1.00 26.75 ? 301 GFK A F2  1 
HETATM 1493 F F3  . GFK B 2 .   ? 3.259   2.253   -2.989  1.00 28.08 ? 301 GFK A F3  1 
HETATM 1494 O O   . HOH C 3 .   ? 8.887   -1.197  -21.476 1.00 32.11 ? 401 HOH A O   1 
HETATM 1495 O O   . HOH C 3 .   ? -3.787  18.269  -3.103  1.00 40.78 ? 402 HOH A O   1 
HETATM 1496 O O   . HOH C 3 .   ? -2.299  -13.406 -3.709  1.00 38.02 ? 403 HOH A O   1 
HETATM 1497 O O   . HOH C 3 .   ? 8.247   -4.350  6.418   1.00 31.28 ? 404 HOH A O   1 
HETATM 1498 O O   . HOH C 3 .   ? -13.849 -24.386 21.215  1.00 24.84 ? 405 HOH A O   1 
HETATM 1499 O O   . HOH C 3 .   ? 2.346   15.742  -25.607 1.00 40.55 ? 406 HOH A O   1 
HETATM 1500 O O   . HOH C 3 .   ? 16.795  1.345   2.130   1.00 33.50 ? 407 HOH A O   1 
HETATM 1501 O O   . HOH C 3 .   ? -1.862  2.094   -19.011 1.00 23.87 ? 408 HOH A O   1 
HETATM 1502 O O   . HOH C 3 .   ? 1.359   3.503   -21.836 1.00 34.91 ? 409 HOH A O   1 
HETATM 1503 O O   . HOH C 3 .   ? 12.168  4.581   -19.955 1.00 22.68 ? 410 HOH A O   1 
HETATM 1504 O O   . HOH C 3 .   ? -3.056  -6.350  -11.984 1.00 33.77 ? 411 HOH A O   1 
HETATM 1505 O O   . HOH C 3 .   ? 4.980   -10.075 8.391   1.00 37.64 ? 412 HOH A O   1 
HETATM 1506 O O   . HOH C 3 .   ? 15.906  2.838   4.063   1.00 25.70 ? 413 HOH A O   1 
HETATM 1507 O O   . HOH C 3 .   ? 8.907   14.188  -19.150 1.00 22.82 ? 414 HOH A O   1 
HETATM 1508 O O   . HOH C 3 .   ? 5.957   19.185  -3.580  1.00 22.61 ? 415 HOH A O   1 
HETATM 1509 O O   . HOH C 3 .   ? 5.658   12.891  -19.954 1.00 20.80 ? 416 HOH A O   1 
HETATM 1510 O O   . HOH C 3 .   ? -1.924  -1.514  10.705  1.00 31.16 ? 417 HOH A O   1 
HETATM 1511 O O   . HOH C 3 .   ? 5.367   -8.724  -4.578  1.00 31.73 ? 418 HOH A O   1 
HETATM 1512 O O   . HOH C 3 .   ? -6.683  1.084   -10.005 1.00 36.49 ? 419 HOH A O   1 
HETATM 1513 O O   . HOH C 3 .   ? 8.098   21.237  -7.050  1.00 37.41 ? 420 HOH A O   1 
HETATM 1514 O O   . HOH C 3 .   ? 4.184   14.271  4.016   1.00 18.52 ? 421 HOH A O   1 
HETATM 1515 O O   . HOH C 3 .   ? 8.510   21.399  -0.198  1.00 29.49 ? 422 HOH A O   1 
HETATM 1516 O O   . HOH C 3 .   ? 6.649   0.497   6.513   1.00 30.13 ? 423 HOH A O   1 
HETATM 1517 O O   . HOH C 3 .   ? 9.776   -1.502  -0.891  1.00 29.95 ? 424 HOH A O   1 
HETATM 1518 O O   . HOH C 3 .   ? 5.969   -2.483  -14.799 1.00 27.78 ? 425 HOH A O   1 
HETATM 1519 O O   . HOH C 3 .   ? -14.587 -20.547 20.420  1.00 31.74 ? 426 HOH A O   1 
HETATM 1520 O O   . HOH C 3 .   ? 11.015  0.884   -24.439 1.00 31.75 ? 427 HOH A O   1 
HETATM 1521 O O   . HOH C 3 .   ? 11.652  7.569   2.948   1.00 22.72 ? 428 HOH A O   1 
HETATM 1522 O O   . HOH C 3 .   ? 7.364   -1.232  -18.815 1.00 32.08 ? 429 HOH A O   1 
HETATM 1523 O O   . HOH C 3 .   ? 1.250   -2.553  -15.369 1.00 24.22 ? 430 HOH A O   1 
HETATM 1524 O O   . HOH C 3 .   ? 16.849  1.436   9.326   1.00 40.42 ? 431 HOH A O   1 
HETATM 1525 O O   . HOH C 3 .   ? -6.237  12.617  -1.460  1.00 25.28 ? 432 HOH A O   1 
HETATM 1526 O O   . HOH C 3 .   ? -0.970  3.137   11.451  1.00 37.42 ? 433 HOH A O   1 
HETATM 1527 O O   . HOH C 3 .   ? 5.079   16.610  2.740   1.00 20.58 ? 434 HOH A O   1 
HETATM 1528 O O   . HOH C 3 .   ? 7.562   13.557  10.402  1.00 21.28 ? 435 HOH A O   1 
HETATM 1529 O O   . HOH C 3 .   ? 4.956   6.076   -24.111 1.00 30.78 ? 436 HOH A O   1 
HETATM 1530 O O   . HOH C 3 .   ? -0.954  0.654   12.556  1.00 37.05 ? 437 HOH A O   1 
HETATM 1531 O O   . HOH C 3 .   ? 7.359   19.258  7.518   1.00 37.46 ? 438 HOH A O   1 
HETATM 1532 O O   . HOH C 3 .   ? 6.000   19.883  -6.109  1.00 37.70 ? 439 HOH A O   1 
HETATM 1533 O O   . HOH C 3 .   ? -12.679 -24.853 23.558  1.00 30.31 ? 440 HOH A O   1 
HETATM 1534 O O   . HOH C 3 .   ? 3.539   -3.685  -14.474 1.00 28.48 ? 441 HOH A O   1 
HETATM 1535 O O   . HOH C 3 .   ? 1.889   15.224  4.874   1.00 30.79 ? 442 HOH A O   1 
# 
